data_5G5Z
#
_entry.id   5G5Z
#
_cell.length_a   70.610
_cell.length_b   127.820
_cell.length_c   120.550
_cell.angle_alpha   90.00
_cell.angle_beta   96.58
_cell.angle_gamma   90.00
#
_symmetry.space_group_name_H-M   'P 1 21 1'
#
loop_
_entity.id
_entity.type
_entity.pdbx_description
1 polymer 'ABC TRANSPORTER, SUBSTRATE-BINDING PROTEIN'
2 branched beta-D-fructofuranose-(2-1)-beta-D-fructofuranose-(2-1)-alpha-D-glucopyranose
3 non-polymer 'CALCIUM ION'
4 water water
#
_entity_poly.entity_id   1
_entity_poly.type   'polypeptide(L)'
_entity_poly.pdbx_seq_one_letter_code
;GPKTLKFMTASSPLSPKDPNEKLILQRLEKETGVHIDWTNYQSDFAEKRNLDISSGDLPDAIHNDGASDVDLMNWAKKGV
IIPVEDLIDKYMPNLKKILDEKPEYKALMTAPDGHIYSFPWIEELGDGKESIHSVNDMAWINKDWLKKLGLEMPKTTDDL
IKVLEAFKNGDPNGNGEADEIPFSFISGNGNEDFKFLFAAFGIGDNDDHLVVGNDGKVDFTADNDNYKEGVKFIRQLQEK
GLIDKEAFEHDWNSYIAKGHDQKFGVYFTWDKNNVTGSNESYDVLPVLAGPSGQKHVARTNGMGFARDKMVITSVNKNLE
LTAKWIDAQYAPLQSVQNNWGTYGDDKQQNIFELDQASNSLKHLPLNGTAPAELRQKTEVGGPLAILDSYYGKVTTMPDD
AKWRLDLIKEYYVPYMSNVNNYPRVFMTQEDLDKIAHIEADMNDYIYRKRAEWIVNGNIDTEWDDYKKELEKYGLSDYLA
IKQKYYDQYQANK
;
_entity_poly.pdbx_strand_id   A,B,C,D
#
# COMPACT_ATOMS: atom_id res chain seq x y z
N LYS A 3 41.07 -47.94 -27.86
CA LYS A 3 40.72 -46.91 -28.85
C LYS A 3 39.25 -46.95 -29.22
N THR A 4 38.56 -48.03 -28.89
CA THR A 4 37.13 -48.19 -29.13
C THR A 4 36.40 -48.28 -27.79
N LEU A 5 35.34 -47.49 -27.64
CA LEU A 5 34.47 -47.53 -26.47
C LEU A 5 33.03 -47.77 -26.92
N LYS A 6 32.24 -48.34 -26.00
CA LYS A 6 30.84 -48.67 -26.24
C LYS A 6 29.97 -47.77 -25.35
N PHE A 7 29.25 -46.81 -25.96
CA PHE A 7 28.38 -45.90 -25.21
C PHE A 7 26.92 -46.14 -25.59
N MET A 8 26.08 -46.26 -24.58
CA MET A 8 24.66 -46.06 -24.77
C MET A 8 24.36 -44.55 -24.79
N THR A 9 23.37 -44.16 -25.60
CA THR A 9 23.02 -42.74 -25.72
C THR A 9 21.55 -42.60 -26.07
N ALA A 10 21.04 -41.38 -25.88
CA ALA A 10 19.70 -40.97 -26.27
C ALA A 10 19.81 -39.84 -27.28
N SER A 11 18.95 -39.85 -28.30
CA SER A 11 19.02 -38.81 -29.30
C SER A 11 17.63 -38.58 -29.87
N SER A 12 17.48 -37.44 -30.57
CA SER A 12 16.21 -37.16 -31.22
C SER A 12 15.98 -38.12 -32.38
N PRO A 13 14.76 -38.61 -32.56
CA PRO A 13 14.49 -39.44 -33.75
C PRO A 13 14.57 -38.68 -35.06
N LEU A 14 14.76 -37.37 -35.04
CA LEU A 14 15.08 -36.65 -36.27
C LEU A 14 16.55 -36.75 -36.63
N SER A 15 17.40 -37.15 -35.69
CA SER A 15 18.84 -37.25 -35.92
C SER A 15 19.18 -38.61 -36.53
N PRO A 16 20.40 -38.79 -37.04
CA PRO A 16 20.73 -40.08 -37.68
C PRO A 16 20.72 -41.23 -36.68
N LYS A 17 20.30 -42.39 -37.19
CA LYS A 17 20.24 -43.61 -36.37
C LYS A 17 21.60 -43.96 -35.78
N ASP A 18 22.68 -43.73 -36.53
CA ASP A 18 24.04 -43.91 -36.04
C ASP A 18 24.60 -42.54 -35.69
N PRO A 19 24.84 -42.24 -34.40
CA PRO A 19 25.33 -40.89 -34.04
C PRO A 19 26.65 -40.53 -34.71
N ASN A 20 27.44 -41.53 -35.12
CA ASN A 20 28.69 -41.21 -35.80
C ASN A 20 28.46 -40.56 -37.16
N GLU A 21 27.23 -40.52 -37.65
CA GLU A 21 26.93 -39.76 -38.85
C GLU A 21 26.90 -38.26 -38.61
N LYS A 22 26.61 -37.81 -37.39
CA LYS A 22 26.61 -36.38 -37.08
C LYS A 22 27.98 -35.74 -37.32
N LEU A 23 27.98 -34.54 -37.89
CA LEU A 23 29.24 -33.87 -38.23
C LEU A 23 30.10 -33.60 -36.99
N ILE A 24 29.47 -33.33 -35.84
CA ILE A 24 30.26 -33.07 -34.63
C ILE A 24 31.05 -34.32 -34.23
N LEU A 25 30.39 -35.47 -34.25
CA LEU A 25 31.09 -36.68 -33.83
C LEU A 25 32.03 -37.20 -34.90
N GLN A 26 31.75 -36.96 -36.19
CA GLN A 26 32.75 -37.29 -37.23
C GLN A 26 34.04 -36.52 -36.98
N ARG A 27 33.93 -35.20 -36.78
CA ARG A 27 35.12 -34.39 -36.48
C ARG A 27 35.76 -34.84 -35.19
N LEU A 28 34.94 -35.09 -34.16
CA LEU A 28 35.48 -35.48 -32.86
C LEU A 28 36.28 -36.77 -32.97
N GLU A 29 35.78 -37.76 -33.72
CA GLU A 29 36.55 -39.00 -33.93
C GLU A 29 37.89 -38.69 -34.57
N LYS A 30 37.89 -37.91 -35.65
CA LYS A 30 39.14 -37.59 -36.36
C LYS A 30 40.12 -36.80 -35.50
N GLU A 31 39.68 -36.29 -34.37
CA GLU A 31 40.53 -35.50 -33.49
C GLU A 31 40.97 -36.28 -32.26
N THR A 32 40.06 -37.03 -31.66
CA THR A 32 40.40 -37.87 -30.52
C THR A 32 41.03 -39.18 -30.92
N GLY A 33 40.80 -39.62 -32.16
CA GLY A 33 41.19 -40.97 -32.55
C GLY A 33 40.49 -42.05 -31.76
N VAL A 34 39.35 -41.73 -31.15
CA VAL A 34 38.58 -42.67 -30.35
C VAL A 34 37.28 -42.94 -31.09
N HIS A 35 36.99 -44.21 -31.33
CA HIS A 35 35.74 -44.59 -31.98
C HIS A 35 34.73 -45.06 -30.93
N ILE A 36 33.52 -44.53 -30.98
CA ILE A 36 32.46 -44.95 -30.08
C ILE A 36 31.50 -45.86 -30.86
N ASP A 37 31.28 -47.07 -30.35
CA ASP A 37 30.12 -47.87 -30.77
C ASP A 37 28.92 -47.42 -29.95
N TRP A 38 27.93 -46.83 -30.61
CA TRP A 38 26.76 -46.29 -29.93
C TRP A 38 25.60 -47.29 -29.90
N THR A 39 24.95 -47.38 -28.75
CA THR A 39 23.59 -47.90 -28.66
C THR A 39 22.70 -46.67 -28.52
N ASN A 40 22.03 -46.32 -29.60
CA ASN A 40 21.34 -45.04 -29.75
C ASN A 40 19.86 -45.32 -29.67
N TYR A 41 19.25 -45.01 -28.53
CA TYR A 41 17.80 -45.11 -28.37
C TYR A 41 17.18 -43.77 -28.73
N GLN A 42 16.32 -43.77 -29.74
CA GLN A 42 15.68 -42.53 -30.15
C GLN A 42 14.26 -42.40 -29.61
N SER A 43 13.73 -43.44 -28.96
CA SER A 43 12.45 -43.36 -28.30
C SER A 43 12.48 -44.26 -27.08
N ASP A 44 11.78 -43.85 -26.02
CA ASP A 44 11.68 -44.63 -24.76
C ASP A 44 13.05 -45.03 -24.24
N PHE A 45 13.99 -44.07 -24.29
CA PHE A 45 15.36 -44.34 -23.87
C PHE A 45 15.41 -44.84 -22.43
N ALA A 46 14.70 -44.18 -21.52
CA ALA A 46 14.79 -44.54 -20.11
C ALA A 46 14.35 -45.98 -19.88
N GLU A 47 13.22 -46.37 -20.47
CA GLU A 47 12.76 -47.74 -20.36
C GLU A 47 13.78 -48.73 -20.95
N LYS A 48 14.35 -48.40 -22.11
CA LYS A 48 15.28 -49.33 -22.75
C LYS A 48 16.61 -49.38 -22.03
N ARG A 49 17.08 -48.22 -21.53
CA ARG A 49 18.24 -48.19 -20.66
C ARG A 49 18.05 -49.09 -19.45
N ASN A 50 16.90 -48.96 -18.78
CA ASN A 50 16.65 -49.76 -17.59
C ASN A 50 16.67 -51.25 -17.91
N LEU A 51 16.15 -51.64 -19.07
CA LEU A 51 16.21 -53.05 -19.46
C LEU A 51 17.64 -53.52 -19.61
N ASP A 52 18.51 -52.68 -20.19
CA ASP A 52 19.90 -53.11 -20.39
C ASP A 52 20.61 -53.27 -19.06
N ILE A 53 20.37 -52.35 -18.12
CA ILE A 53 20.94 -52.47 -16.78
C ILE A 53 20.41 -53.71 -16.10
N SER A 54 19.08 -53.93 -16.16
CA SER A 54 18.51 -55.03 -15.39
C SER A 54 18.95 -56.38 -15.94
N SER A 55 19.26 -56.45 -17.24
CA SER A 55 19.73 -57.68 -17.87
C SER A 55 21.24 -57.82 -17.86
N GLY A 56 21.96 -56.84 -17.31
CA GLY A 56 23.41 -56.89 -17.30
C GLY A 56 24.08 -56.60 -18.62
N ASP A 57 23.34 -56.11 -19.61
CA ASP A 57 23.91 -55.77 -20.91
C ASP A 57 24.45 -54.35 -20.84
N LEU A 58 25.64 -54.21 -20.14
CA LEU A 58 26.06 -52.84 -19.84
C LEU A 58 27.05 -52.33 -20.89
N PRO A 59 26.92 -51.08 -21.28
CA PRO A 59 27.97 -50.43 -22.06
C PRO A 59 29.11 -49.97 -21.15
N ASP A 60 30.15 -49.38 -21.76
CA ASP A 60 31.19 -48.71 -20.98
C ASP A 60 30.66 -47.48 -20.26
N ALA A 61 29.60 -46.88 -20.77
CA ALA A 61 29.11 -45.63 -20.22
C ALA A 61 27.76 -45.34 -20.84
N ILE A 62 26.92 -44.64 -20.09
CA ILE A 62 25.62 -44.17 -20.57
C ILE A 62 25.75 -42.67 -20.79
N HIS A 63 25.67 -42.26 -22.05
CA HIS A 63 25.88 -40.88 -22.52
C HIS A 63 24.52 -40.21 -22.70
N ASN A 64 24.43 -38.92 -22.35
CA ASN A 64 23.17 -38.16 -22.44
C ASN A 64 22.09 -38.80 -21.57
N ASP A 65 22.50 -39.31 -20.41
CA ASP A 65 21.68 -40.22 -19.62
C ASP A 65 20.41 -39.55 -19.08
N GLY A 66 20.57 -38.50 -18.28
CA GLY A 66 19.42 -37.84 -17.65
C GLY A 66 18.66 -38.63 -16.60
N ALA A 67 19.33 -39.47 -15.81
CA ALA A 67 18.63 -40.26 -14.80
C ALA A 67 18.22 -39.40 -13.60
N SER A 68 17.13 -39.83 -12.97
CA SER A 68 16.71 -39.26 -11.70
C SER A 68 17.74 -39.58 -10.64
N ASP A 69 17.68 -38.82 -9.53
CA ASP A 69 18.66 -39.00 -8.48
C ASP A 69 18.51 -40.36 -7.82
N VAL A 70 17.28 -40.85 -7.70
CA VAL A 70 17.06 -42.14 -7.06
C VAL A 70 17.67 -43.26 -7.89
N ASP A 71 17.54 -43.18 -9.21
CA ASP A 71 18.20 -44.15 -10.09
C ASP A 71 19.72 -44.06 -9.98
N LEU A 72 20.27 -42.85 -10.03
CA LEU A 72 21.69 -42.62 -9.82
C LEU A 72 22.20 -43.33 -8.57
N MET A 73 21.60 -43.02 -7.41
CA MET A 73 22.09 -43.57 -6.14
C MET A 73 21.87 -45.08 -6.07
N ASN A 74 20.77 -45.57 -6.63
CA ASN A 74 20.55 -47.02 -6.67
C ASN A 74 21.62 -47.70 -7.50
N TRP A 75 21.91 -47.18 -8.69
CA TRP A 75 23.00 -47.76 -9.48
C TRP A 75 24.32 -47.70 -8.73
N ALA A 76 24.53 -46.61 -7.98
CA ALA A 76 25.78 -46.43 -7.24
C ALA A 76 25.93 -47.52 -6.16
N LYS A 77 24.86 -47.75 -5.38
CA LYS A 77 24.98 -48.72 -4.30
C LYS A 77 25.08 -50.13 -4.84
N LYS A 78 24.34 -50.45 -5.90
CA LYS A 78 24.44 -51.81 -6.44
C LYS A 78 25.63 -51.99 -7.36
N GLY A 79 26.51 -50.98 -7.47
CA GLY A 79 27.72 -51.13 -8.25
C GLY A 79 27.53 -51.19 -9.74
N VAL A 80 26.46 -50.55 -10.26
CA VAL A 80 26.28 -50.47 -11.70
C VAL A 80 27.16 -49.39 -12.30
N ILE A 81 27.29 -48.27 -11.59
CA ILE A 81 28.19 -47.20 -11.98
C ILE A 81 29.20 -47.01 -10.84
N ILE A 82 30.24 -46.25 -11.14
CA ILE A 82 31.36 -46.05 -10.23
C ILE A 82 31.40 -44.58 -9.81
N PRO A 83 32.03 -44.27 -8.68
CA PRO A 83 32.36 -42.87 -8.38
C PRO A 83 33.43 -42.38 -9.34
N VAL A 84 33.38 -41.08 -9.67
CA VAL A 84 34.24 -40.55 -10.71
C VAL A 84 35.11 -39.39 -10.23
N GLU A 85 35.07 -39.00 -8.94
CA GLU A 85 35.80 -37.79 -8.52
C GLU A 85 37.30 -37.97 -8.67
N ASP A 86 37.81 -39.19 -8.53
CA ASP A 86 39.23 -39.43 -8.76
C ASP A 86 39.60 -39.24 -10.23
N LEU A 87 38.75 -39.72 -11.14
CA LEU A 87 39.03 -39.58 -12.55
C LEU A 87 39.05 -38.12 -12.97
N ILE A 88 38.13 -37.34 -12.40
CA ILE A 88 38.15 -35.89 -12.62
C ILE A 88 39.49 -35.33 -12.22
N ASP A 89 39.92 -35.59 -10.98
CA ASP A 89 41.20 -35.10 -10.50
C ASP A 89 42.33 -35.50 -11.44
N LYS A 90 42.35 -36.76 -11.85
CA LYS A 90 43.52 -37.29 -12.54
C LYS A 90 43.56 -36.92 -14.02
N TYR A 91 42.41 -36.92 -14.72
CA TYR A 91 42.48 -36.88 -16.17
C TYR A 91 41.61 -35.82 -16.85
N MET A 92 40.98 -34.91 -16.11
CA MET A 92 39.94 -34.07 -16.67
C MET A 92 40.23 -32.58 -16.46
N PRO A 93 41.24 -32.05 -17.15
CA PRO A 93 41.63 -30.64 -16.92
C PRO A 93 40.58 -29.61 -17.34
N ASN A 94 39.85 -29.83 -18.45
CA ASN A 94 38.83 -28.86 -18.82
C ASN A 94 37.76 -28.78 -17.75
N LEU A 95 37.33 -29.94 -17.24
CA LEU A 95 36.26 -29.95 -16.26
C LEU A 95 36.75 -29.46 -14.90
N LYS A 96 37.99 -29.78 -14.55
CA LYS A 96 38.55 -29.25 -13.30
C LYS A 96 38.58 -27.73 -13.29
N LYS A 97 38.91 -27.11 -14.43
CA LYS A 97 38.98 -25.66 -14.50
C LYS A 97 37.59 -25.04 -14.29
N ILE A 98 36.57 -25.66 -14.88
CA ILE A 98 35.19 -25.22 -14.67
C ILE A 98 34.83 -25.30 -13.19
N LEU A 99 35.22 -26.40 -12.54
CA LEU A 99 34.87 -26.57 -11.14
C LEU A 99 35.68 -25.66 -10.24
N ASP A 100 36.85 -25.19 -10.69
CA ASP A 100 37.65 -24.27 -9.90
C ASP A 100 37.10 -22.85 -9.94
N GLU A 101 36.67 -22.40 -11.12
CA GLU A 101 36.05 -21.08 -11.22
C GLU A 101 34.69 -21.05 -10.55
N LYS A 102 33.96 -22.17 -10.56
CA LYS A 102 32.58 -22.20 -10.12
C LYS A 102 32.35 -23.39 -9.19
N PRO A 103 32.76 -23.26 -7.93
CA PRO A 103 32.70 -24.40 -7.00
C PRO A 103 31.28 -24.82 -6.64
N GLU A 104 30.29 -23.97 -6.82
CA GLU A 104 28.91 -24.38 -6.59
C GLU A 104 28.58 -25.66 -7.37
N TYR A 105 29.05 -25.77 -8.61
CA TYR A 105 28.70 -26.95 -9.40
C TYR A 105 29.30 -28.21 -8.81
N LYS A 106 30.52 -28.11 -8.26
CA LYS A 106 31.11 -29.24 -7.57
C LYS A 106 30.19 -29.71 -6.44
N ALA A 107 29.72 -28.78 -5.61
CA ALA A 107 28.76 -29.13 -4.56
C ALA A 107 27.52 -29.80 -5.16
N LEU A 108 27.04 -29.28 -6.30
CA LEU A 108 25.84 -29.85 -6.92
C LEU A 108 26.10 -31.24 -7.47
N MET A 109 27.34 -31.52 -7.88
CA MET A 109 27.67 -32.84 -8.42
C MET A 109 27.87 -33.88 -7.33
N THR A 110 28.09 -33.45 -6.08
CA THR A 110 28.55 -34.34 -5.01
C THR A 110 27.37 -34.90 -4.22
N ALA A 111 27.39 -36.21 -4.05
CA ALA A 111 26.33 -36.93 -3.38
C ALA A 111 26.54 -36.88 -1.88
N PRO A 112 25.50 -37.14 -1.08
CA PRO A 112 25.66 -37.04 0.37
C PRO A 112 26.76 -37.94 0.92
N ASP A 113 27.13 -39.01 0.22
CA ASP A 113 28.18 -39.91 0.71
C ASP A 113 29.58 -39.46 0.33
N GLY A 114 29.73 -38.25 -0.21
CA GLY A 114 31.04 -37.72 -0.53
C GLY A 114 31.50 -37.99 -1.95
N HIS A 115 30.80 -38.83 -2.70
CA HIS A 115 31.19 -39.23 -4.03
C HIS A 115 30.46 -38.40 -5.09
N ILE A 116 31.08 -38.33 -6.27
CA ILE A 116 30.44 -37.83 -7.49
C ILE A 116 30.20 -39.03 -8.39
N TYR A 117 28.99 -39.15 -8.93
CA TYR A 117 28.62 -40.31 -9.72
C TYR A 117 28.29 -40.03 -11.17
N SER A 118 28.23 -38.77 -11.60
CA SER A 118 27.73 -38.44 -12.93
C SER A 118 28.36 -37.13 -13.38
N PHE A 119 28.32 -36.90 -14.68
CA PHE A 119 28.89 -35.68 -15.25
C PHE A 119 27.78 -34.77 -15.74
N PRO A 120 27.72 -33.52 -15.30
CA PRO A 120 26.53 -32.70 -15.53
C PRO A 120 26.53 -31.98 -16.87
N TRP A 121 25.33 -31.53 -17.24
CA TRP A 121 25.09 -30.43 -18.18
C TRP A 121 24.99 -29.12 -17.42
N ILE A 122 25.80 -28.13 -17.82
CA ILE A 122 25.74 -26.78 -17.27
C ILE A 122 25.48 -25.81 -18.42
N GLU A 123 24.48 -24.93 -18.24
CA GLU A 123 24.18 -23.89 -19.22
C GLU A 123 23.64 -22.66 -18.49
N GLU A 124 24.44 -21.59 -18.48
CA GLU A 124 24.09 -20.38 -17.74
C GLU A 124 23.36 -19.42 -18.68
N LEU A 125 22.05 -19.25 -18.46
CA LEU A 125 21.22 -18.30 -19.20
C LEU A 125 20.25 -17.68 -18.18
N GLY A 126 20.67 -16.56 -17.60
CA GLY A 126 19.92 -15.95 -16.51
C GLY A 126 20.16 -16.64 -15.18
N ASP A 127 19.67 -15.99 -14.13
CA ASP A 127 19.91 -16.44 -12.76
C ASP A 127 18.75 -16.01 -11.89
N GLY A 128 18.34 -16.90 -10.98
CA GLY A 128 17.27 -16.54 -10.07
C GLY A 128 15.95 -16.45 -10.81
N LYS A 129 15.20 -15.38 -10.53
CA LYS A 129 13.92 -15.20 -11.20
C LYS A 129 14.11 -15.03 -12.69
N GLU A 130 15.23 -14.47 -13.10
CA GLU A 130 15.52 -14.18 -14.48
C GLU A 130 16.02 -15.40 -15.24
N SER A 131 16.24 -16.52 -14.57
CA SER A 131 16.67 -17.75 -15.24
C SER A 131 15.74 -18.08 -16.38
N ILE A 132 16.32 -18.47 -17.53
CA ILE A 132 15.48 -18.85 -18.65
C ILE A 132 14.52 -20.00 -18.30
N HIS A 133 14.75 -20.71 -17.20
CA HIS A 133 13.91 -21.84 -16.80
C HIS A 133 12.81 -21.47 -15.83
N SER A 134 12.71 -20.19 -15.44
CA SER A 134 11.71 -19.77 -14.47
C SER A 134 10.30 -20.08 -14.95
N VAL A 135 10.05 -19.94 -16.25
CA VAL A 135 8.78 -20.31 -16.83
C VAL A 135 9.05 -21.24 -18.01
N ASN A 136 8.47 -22.44 -17.99
CA ASN A 136 8.65 -23.33 -19.13
C ASN A 136 7.46 -23.29 -20.11
N ASP A 137 6.22 -23.43 -19.63
CA ASP A 137 5.04 -23.50 -20.52
C ASP A 137 4.38 -22.12 -20.68
N MET A 138 5.03 -21.27 -21.46
CA MET A 138 4.53 -19.93 -21.73
C MET A 138 3.25 -19.95 -22.56
N ALA A 139 2.34 -19.01 -22.26
CA ALA A 139 1.10 -18.88 -23.02
C ALA A 139 1.30 -17.92 -24.19
N TRP A 140 0.79 -18.32 -25.37
CA TRP A 140 0.85 -17.50 -26.56
C TRP A 140 -0.55 -17.31 -27.13
N ILE A 141 -0.75 -16.18 -27.81
CA ILE A 141 -2.08 -15.80 -28.27
C ILE A 141 -1.97 -15.30 -29.71
N ASN A 142 -2.98 -15.61 -30.51
CA ASN A 142 -3.02 -15.15 -31.90
C ASN A 142 -3.41 -13.68 -31.90
N LYS A 143 -2.39 -12.80 -31.96
CA LYS A 143 -2.63 -11.36 -31.97
C LYS A 143 -3.35 -10.93 -33.24
N ASP A 144 -3.12 -11.64 -34.36
CA ASP A 144 -3.82 -11.31 -35.58
C ASP A 144 -5.32 -11.56 -35.47
N TRP A 145 -5.72 -12.61 -34.74
CA TRP A 145 -7.14 -12.85 -34.52
C TRP A 145 -7.75 -11.75 -33.66
N LEU A 146 -7.03 -11.27 -32.64
CA LEU A 146 -7.54 -10.18 -31.82
C LEU A 146 -7.85 -8.96 -32.68
N LYS A 147 -6.92 -8.58 -33.57
CA LYS A 147 -7.12 -7.41 -34.43
C LYS A 147 -8.27 -7.63 -35.39
N LYS A 148 -8.27 -8.77 -36.10
CA LYS A 148 -9.37 -9.03 -37.03
C LYS A 148 -10.71 -8.92 -36.34
N LEU A 149 -10.82 -9.43 -35.12
CA LEU A 149 -12.09 -9.39 -34.39
C LEU A 149 -12.27 -8.11 -33.58
N GLY A 150 -11.30 -7.20 -33.62
CA GLY A 150 -11.45 -5.95 -32.90
C GLY A 150 -11.46 -6.10 -31.38
N LEU A 151 -10.57 -6.91 -30.84
CA LEU A 151 -10.52 -7.21 -29.42
C LEU A 151 -9.23 -6.68 -28.81
N GLU A 152 -9.32 -6.19 -27.58
CA GLU A 152 -8.09 -5.83 -26.90
C GLU A 152 -7.45 -7.07 -26.29
N MET A 153 -6.14 -7.00 -26.09
CA MET A 153 -5.43 -8.08 -25.43
C MET A 153 -6.06 -8.33 -24.06
N PRO A 154 -6.42 -9.58 -23.73
CA PRO A 154 -7.14 -9.82 -22.47
C PRO A 154 -6.27 -9.50 -21.26
N LYS A 155 -6.91 -8.95 -20.23
CA LYS A 155 -6.22 -8.61 -19.00
C LYS A 155 -6.64 -9.46 -17.81
N THR A 156 -7.82 -10.06 -17.84
CA THR A 156 -8.34 -10.90 -16.76
C THR A 156 -8.67 -12.30 -17.29
N THR A 157 -8.80 -13.28 -16.37
CA THR A 157 -9.31 -14.57 -16.79
C THR A 157 -10.69 -14.45 -17.41
N ASP A 158 -11.50 -13.51 -16.92
CA ASP A 158 -12.83 -13.31 -17.50
C ASP A 158 -12.73 -12.79 -18.92
N ASP A 159 -11.81 -11.85 -19.17
CA ASP A 159 -11.54 -11.40 -20.53
C ASP A 159 -11.10 -12.56 -21.42
N LEU A 160 -10.30 -13.48 -20.87
CA LEU A 160 -9.79 -14.59 -21.67
C LEU A 160 -10.92 -15.45 -22.21
N ILE A 161 -11.90 -15.78 -21.35
CA ILE A 161 -13.05 -16.56 -21.80
C ILE A 161 -13.74 -15.88 -22.97
N LYS A 162 -14.05 -14.58 -22.83
CA LYS A 162 -14.75 -13.85 -23.89
C LYS A 162 -13.96 -13.88 -25.19
N VAL A 163 -12.65 -13.65 -25.11
CA VAL A 163 -11.82 -13.71 -26.30
C VAL A 163 -11.88 -15.10 -26.93
N LEU A 164 -11.78 -16.14 -26.10
CA LEU A 164 -11.83 -17.50 -26.62
C LEU A 164 -13.19 -17.81 -27.24
N GLU A 165 -14.26 -17.28 -26.65
CA GLU A 165 -15.56 -17.48 -27.26
C GLU A 165 -15.64 -16.78 -28.62
N ALA A 166 -14.94 -15.66 -28.77
CA ALA A 166 -14.93 -14.94 -30.03
C ALA A 166 -14.14 -15.69 -31.09
N PHE A 167 -13.03 -16.32 -30.68
CA PHE A 167 -12.25 -17.18 -31.57
C PHE A 167 -13.11 -18.32 -32.09
N LYS A 168 -13.85 -18.96 -31.19
CA LYS A 168 -14.64 -20.14 -31.53
C LYS A 168 -15.70 -19.80 -32.58
N ASN A 169 -16.44 -18.69 -32.38
CA ASN A 169 -17.63 -18.38 -33.18
C ASN A 169 -17.42 -17.29 -34.22
N GLY A 170 -16.31 -16.56 -34.20
CA GLY A 170 -16.15 -15.38 -35.04
C GLY A 170 -15.48 -15.55 -36.39
N ASP A 171 -14.97 -16.74 -36.72
CA ASP A 171 -14.24 -16.97 -37.96
C ASP A 171 -13.14 -15.93 -38.19
N PRO A 172 -12.20 -15.77 -37.25
CA PRO A 172 -11.17 -14.75 -37.41
C PRO A 172 -10.10 -15.08 -38.46
N ASN A 173 -10.04 -16.31 -38.97
CA ASN A 173 -9.18 -16.55 -40.13
C ASN A 173 -9.93 -16.41 -41.45
N GLY A 174 -11.19 -15.97 -41.40
CA GLY A 174 -11.93 -15.49 -42.55
C GLY A 174 -12.38 -16.53 -43.57
N ASN A 175 -12.09 -17.81 -43.36
CA ASN A 175 -12.33 -18.83 -44.37
C ASN A 175 -13.72 -19.47 -44.27
N GLY A 176 -14.67 -18.80 -43.63
CA GLY A 176 -16.02 -19.31 -43.52
C GLY A 176 -16.16 -20.71 -42.96
N GLU A 177 -15.28 -21.11 -42.04
CA GLU A 177 -15.44 -22.40 -41.38
C GLU A 177 -15.00 -22.31 -39.93
N ALA A 178 -15.60 -23.17 -39.10
CA ALA A 178 -15.27 -23.24 -37.67
C ALA A 178 -14.07 -24.14 -37.41
N ASP A 179 -12.95 -23.84 -38.05
CA ASP A 179 -11.71 -24.56 -37.83
C ASP A 179 -10.91 -23.99 -36.68
N GLU A 180 -11.30 -22.83 -36.15
CA GLU A 180 -10.55 -22.25 -35.06
C GLU A 180 -10.58 -23.19 -33.87
N ILE A 181 -9.41 -23.45 -33.30
CA ILE A 181 -9.26 -24.14 -32.03
C ILE A 181 -8.90 -23.10 -30.96
N PRO A 182 -9.80 -22.75 -30.05
CA PRO A 182 -9.55 -21.57 -29.21
C PRO A 182 -8.41 -21.75 -28.24
N PHE A 183 -8.32 -22.92 -27.60
CA PHE A 183 -7.42 -23.14 -26.47
C PHE A 183 -6.87 -24.55 -26.60
N SER A 184 -5.56 -24.68 -26.64
CA SER A 184 -4.96 -26.00 -26.82
C SER A 184 -3.71 -26.11 -25.97
N PHE A 185 -3.30 -27.36 -25.74
CA PHE A 185 -2.23 -27.72 -24.84
C PHE A 185 -1.95 -29.21 -25.07
N ILE A 186 -0.81 -29.66 -24.57
CA ILE A 186 -0.56 -31.08 -24.36
C ILE A 186 -0.48 -31.32 -22.87
N SER A 187 -1.39 -32.16 -22.37
CA SER A 187 -1.61 -32.27 -20.93
C SER A 187 -0.48 -33.05 -20.26
N GLY A 188 -0.06 -32.58 -19.07
CA GLY A 188 0.91 -33.32 -18.29
C GLY A 188 2.07 -32.45 -17.87
N ASN A 189 3.27 -33.02 -17.72
CA ASN A 189 4.48 -32.24 -17.52
C ASN A 189 4.88 -31.50 -18.80
N GLY A 190 5.73 -30.49 -18.63
CA GLY A 190 6.48 -29.97 -19.76
C GLY A 190 5.87 -28.73 -20.40
N ASN A 191 6.50 -28.36 -21.52
CA ASN A 191 6.38 -27.00 -22.06
C ASN A 191 5.04 -26.69 -22.69
N GLU A 192 4.20 -27.69 -22.94
CA GLU A 192 2.92 -27.43 -23.60
C GLU A 192 1.72 -27.59 -22.67
N ASP A 193 1.94 -27.81 -21.39
CA ASP A 193 0.81 -27.94 -20.49
C ASP A 193 0.18 -26.57 -20.19
N PHE A 194 -1.03 -26.59 -19.63
CA PHE A 194 -1.77 -25.36 -19.33
C PHE A 194 -1.56 -24.84 -17.91
N LYS A 195 -0.75 -25.54 -17.09
CA LYS A 195 -0.72 -25.22 -15.66
C LYS A 195 -0.21 -23.81 -15.37
N PHE A 196 0.46 -23.18 -16.34
CA PHE A 196 0.95 -21.81 -16.15
C PHE A 196 -0.19 -20.86 -15.78
N LEU A 197 -1.41 -21.13 -16.25
CA LEU A 197 -2.52 -20.24 -15.95
C LEU A 197 -3.07 -20.40 -14.54
N PHE A 198 -2.66 -21.44 -13.78
CA PHE A 198 -3.20 -21.64 -12.44
C PHE A 198 -2.81 -20.52 -11.49
N ALA A 199 -1.68 -19.84 -11.75
CA ALA A 199 -1.26 -18.75 -10.86
C ALA A 199 -2.21 -17.57 -10.92
N ALA A 200 -3.03 -17.46 -11.97
CA ALA A 200 -4.07 -16.43 -11.98
C ALA A 200 -5.09 -16.62 -10.86
N PHE A 201 -5.03 -17.73 -10.11
CA PHE A 201 -5.92 -17.94 -8.98
C PHE A 201 -5.15 -17.93 -7.66
N GLY A 202 -3.89 -17.48 -7.70
CA GLY A 202 -3.02 -17.53 -6.56
C GLY A 202 -2.18 -18.79 -6.57
N ILE A 203 -0.87 -18.62 -6.29
CA ILE A 203 0.09 -19.69 -6.06
C ILE A 203 0.43 -20.44 -7.34
N GLY A 204 -0.58 -20.96 -8.03
CA GLY A 204 -0.35 -21.66 -9.27
C GLY A 204 0.23 -23.05 -9.07
N ASP A 205 1.05 -23.48 -10.04
CA ASP A 205 1.48 -24.86 -10.15
C ASP A 205 2.74 -24.94 -11.00
N ASN A 206 3.51 -26.02 -10.83
CA ASN A 206 4.66 -26.28 -11.68
C ASN A 206 4.82 -27.80 -11.79
N ASP A 207 5.79 -28.24 -12.59
CA ASP A 207 5.86 -29.68 -12.84
C ASP A 207 6.23 -30.45 -11.58
N ASP A 208 6.92 -29.81 -10.62
CA ASP A 208 7.16 -30.45 -9.34
C ASP A 208 5.94 -30.42 -8.43
N HIS A 209 4.90 -29.65 -8.78
CA HIS A 209 3.80 -29.37 -7.88
C HIS A 209 4.32 -28.85 -6.53
N LEU A 210 5.42 -28.09 -6.56
CA LEU A 210 6.07 -27.64 -5.32
C LEU A 210 6.62 -26.23 -5.49
N VAL A 211 6.15 -25.30 -4.66
CA VAL A 211 6.68 -23.95 -4.59
C VAL A 211 7.17 -23.69 -3.15
N VAL A 212 7.88 -22.58 -2.98
CA VAL A 212 8.40 -22.18 -1.67
C VAL A 212 7.72 -20.88 -1.26
N GLY A 213 6.91 -20.93 -0.20
CA GLY A 213 6.26 -19.73 0.29
C GLY A 213 7.23 -18.75 0.93
N ASN A 214 6.79 -17.49 1.07
CA ASN A 214 7.64 -16.46 1.63
C ASN A 214 7.76 -16.54 3.15
N ASP A 215 7.03 -17.48 3.76
CA ASP A 215 7.27 -17.90 5.14
C ASP A 215 8.31 -19.00 5.21
N GLY A 216 8.91 -19.38 4.08
CA GLY A 216 9.93 -20.40 4.05
C GLY A 216 9.43 -21.83 4.10
N LYS A 217 8.12 -22.06 3.94
CA LYS A 217 7.55 -23.39 4.01
C LYS A 217 7.26 -23.94 2.62
N VAL A 218 7.66 -25.18 2.37
CA VAL A 218 7.40 -25.74 1.05
C VAL A 218 5.91 -26.00 0.94
N ASP A 219 5.36 -25.73 -0.23
CA ASP A 219 3.93 -25.84 -0.44
C ASP A 219 3.69 -26.80 -1.60
N PHE A 220 2.95 -27.88 -1.34
CA PHE A 220 2.49 -28.76 -2.39
C PHE A 220 1.30 -28.09 -3.10
N THR A 221 1.51 -27.70 -4.35
CA THR A 221 0.51 -26.86 -5.01
C THR A 221 -0.77 -27.62 -5.33
N ALA A 222 -0.67 -28.93 -5.55
CA ALA A 222 -1.76 -29.70 -6.15
C ALA A 222 -2.86 -30.05 -5.16
N ASP A 223 -2.76 -29.60 -3.90
CA ASP A 223 -3.85 -29.78 -2.95
C ASP A 223 -4.35 -28.43 -2.43
N ASN A 224 -4.05 -27.33 -3.13
CA ASN A 224 -4.50 -26.00 -2.73
C ASN A 224 -5.89 -25.68 -3.26
N ASP A 225 -6.65 -24.88 -2.49
CA ASP A 225 -7.90 -24.34 -3.03
C ASP A 225 -7.68 -23.57 -4.32
N ASN A 226 -6.54 -22.87 -4.41
CA ASN A 226 -6.20 -22.16 -5.63
C ASN A 226 -6.12 -23.11 -6.81
N TYR A 227 -5.53 -24.29 -6.60
CA TYR A 227 -5.40 -25.29 -7.65
C TYR A 227 -6.77 -25.78 -8.09
N LYS A 228 -7.65 -26.09 -7.12
CA LYS A 228 -9.02 -26.45 -7.43
C LYS A 228 -9.70 -25.38 -8.30
N GLU A 229 -9.41 -24.10 -8.01
CA GLU A 229 -10.01 -23.02 -8.81
C GLU A 229 -9.44 -23.01 -10.23
N GLY A 230 -8.13 -23.22 -10.37
CA GLY A 230 -7.55 -23.35 -11.70
C GLY A 230 -8.19 -24.46 -12.50
N VAL A 231 -8.43 -25.62 -11.86
CA VAL A 231 -9.05 -26.75 -12.56
C VAL A 231 -10.46 -26.38 -12.98
N LYS A 232 -11.19 -25.70 -12.11
CA LYS A 232 -12.56 -25.30 -12.45
C LYS A 232 -12.57 -24.27 -13.56
N PHE A 233 -11.56 -23.41 -13.64
CA PHE A 233 -11.47 -22.51 -14.79
C PHE A 233 -11.26 -23.29 -16.10
N ILE A 234 -10.42 -24.33 -16.07
CA ILE A 234 -10.22 -25.07 -17.31
C ILE A 234 -11.47 -25.90 -17.62
N ARG A 235 -12.16 -26.41 -16.58
CA ARG A 235 -13.44 -27.10 -16.81
C ARG A 235 -14.44 -26.18 -17.49
N GLN A 236 -14.41 -24.89 -17.15
CA GLN A 236 -15.31 -23.94 -17.78
C GLN A 236 -15.01 -23.82 -19.27
N LEU A 237 -13.72 -23.75 -19.62
CA LEU A 237 -13.35 -23.73 -21.03
C LEU A 237 -13.87 -24.97 -21.74
N GLN A 238 -13.73 -26.14 -21.11
CA GLN A 238 -14.18 -27.40 -21.72
C GLN A 238 -15.69 -27.41 -21.92
N GLU A 239 -16.45 -27.03 -20.90
CA GLU A 239 -17.90 -26.95 -21.01
C GLU A 239 -18.32 -26.02 -22.13
N LYS A 240 -17.62 -24.91 -22.29
CA LYS A 240 -17.96 -23.96 -23.33
C LYS A 240 -17.49 -24.41 -24.70
N GLY A 241 -16.83 -25.56 -24.78
CA GLY A 241 -16.41 -26.07 -26.07
C GLY A 241 -15.24 -25.31 -26.65
N LEU A 242 -14.42 -24.71 -25.80
CA LEU A 242 -13.30 -23.89 -26.19
C LEU A 242 -11.98 -24.66 -26.24
N ILE A 243 -11.95 -25.89 -25.78
CA ILE A 243 -10.72 -26.66 -25.70
C ILE A 243 -10.63 -27.56 -26.92
N ASP A 244 -9.45 -27.60 -27.53
CA ASP A 244 -9.10 -28.58 -28.56
C ASP A 244 -9.70 -29.94 -28.24
N LYS A 245 -10.53 -30.46 -29.15
CA LYS A 245 -11.14 -31.78 -28.94
C LYS A 245 -10.09 -32.86 -28.77
N GLU A 246 -8.88 -32.64 -29.28
CA GLU A 246 -7.81 -33.62 -29.25
C GLU A 246 -6.86 -33.44 -28.08
N ALA A 247 -7.10 -32.45 -27.21
CA ALA A 247 -6.07 -31.99 -26.29
C ALA A 247 -5.56 -33.10 -25.37
N PHE A 248 -6.41 -34.05 -24.99
CA PHE A 248 -5.96 -35.09 -24.06
C PHE A 248 -5.49 -36.33 -24.77
N GLU A 249 -5.49 -36.34 -26.10
CA GLU A 249 -5.00 -37.51 -26.84
C GLU A 249 -3.87 -37.20 -27.81
N HIS A 250 -3.75 -35.98 -28.33
CA HIS A 250 -2.80 -35.73 -29.40
C HIS A 250 -1.36 -35.73 -28.89
N ASP A 251 -0.44 -35.66 -29.83
CA ASP A 251 0.98 -35.67 -29.55
C ASP A 251 1.62 -34.41 -30.12
N TRP A 252 2.93 -34.27 -29.88
CA TRP A 252 3.67 -33.09 -30.30
C TRP A 252 3.56 -32.86 -31.80
N ASN A 253 3.66 -33.93 -32.59
CA ASN A 253 3.65 -33.76 -34.04
C ASN A 253 2.28 -33.30 -34.54
N SER A 254 1.20 -33.78 -33.93
CA SER A 254 -0.11 -33.24 -34.29
C SER A 254 -0.27 -31.80 -33.79
N TYR A 255 0.18 -31.53 -32.58
CA TYR A 255 0.20 -30.19 -32.02
C TYR A 255 0.77 -29.18 -33.00
N ILE A 256 1.97 -29.46 -33.51
CA ILE A 256 2.63 -28.49 -34.36
C ILE A 256 2.10 -28.52 -35.79
N ALA A 257 1.50 -29.62 -36.24
CA ALA A 257 0.78 -29.59 -37.51
C ALA A 257 -0.37 -28.59 -37.45
N LYS A 258 -1.16 -28.62 -36.36
CA LYS A 258 -2.19 -27.63 -36.16
C LYS A 258 -1.59 -26.23 -35.96
N GLY A 259 -0.53 -26.13 -35.16
CA GLY A 259 0.13 -24.85 -34.98
C GLY A 259 0.66 -24.28 -36.29
N HIS A 260 1.27 -25.14 -37.11
CA HIS A 260 1.80 -24.68 -38.40
C HIS A 260 0.69 -24.08 -39.26
N ASP A 261 -0.52 -24.63 -39.19
CA ASP A 261 -1.64 -24.08 -39.93
C ASP A 261 -2.27 -22.89 -39.22
N GLN A 262 -1.70 -22.43 -38.12
CA GLN A 262 -2.22 -21.30 -37.35
C GLN A 262 -3.70 -21.51 -37.00
N LYS A 263 -3.99 -22.66 -36.38
CA LYS A 263 -5.34 -23.02 -35.93
C LYS A 263 -5.61 -22.64 -34.48
N PHE A 264 -4.57 -22.28 -33.72
CA PHE A 264 -4.68 -22.11 -32.27
C PHE A 264 -4.98 -20.64 -31.95
N GLY A 265 -5.95 -20.42 -31.05
CA GLY A 265 -6.13 -19.09 -30.51
C GLY A 265 -5.14 -18.82 -29.40
N VAL A 266 -5.20 -19.65 -28.37
CA VAL A 266 -4.27 -19.61 -27.26
C VAL A 266 -3.69 -20.99 -27.09
N TYR A 267 -2.36 -21.08 -26.99
CA TYR A 267 -1.70 -22.38 -26.78
C TYR A 267 -0.41 -22.15 -25.99
N PHE A 268 0.16 -23.26 -25.52
CA PHE A 268 1.32 -23.27 -24.64
C PHE A 268 2.49 -23.97 -25.30
N THR A 269 3.68 -23.40 -25.16
CA THR A 269 4.92 -24.00 -25.66
C THR A 269 6.09 -23.17 -25.12
N TRP A 270 7.29 -23.76 -25.19
CA TRP A 270 8.49 -23.05 -24.76
C TRP A 270 8.75 -21.84 -25.64
N ASP A 271 8.59 -22.00 -26.96
CA ASP A 271 8.97 -21.00 -27.94
C ASP A 271 8.08 -21.16 -29.15
N LYS A 272 7.29 -20.12 -29.45
CA LYS A 272 6.29 -20.15 -30.54
C LYS A 272 6.91 -20.51 -31.88
N ASN A 273 8.19 -20.19 -32.08
CA ASN A 273 8.86 -20.50 -33.33
C ASN A 273 8.84 -21.99 -33.63
N ASN A 274 8.72 -22.85 -32.62
CA ASN A 274 8.66 -24.28 -32.86
C ASN A 274 7.26 -24.77 -33.20
N VAL A 275 6.24 -23.94 -32.98
CA VAL A 275 4.86 -24.42 -33.11
C VAL A 275 4.12 -23.63 -34.18
N THR A 276 3.87 -22.34 -33.94
CA THR A 276 3.15 -21.56 -34.93
C THR A 276 4.06 -20.87 -35.94
N GLY A 277 5.36 -20.85 -35.69
CA GLY A 277 6.31 -20.45 -36.71
C GLY A 277 6.95 -19.11 -36.42
N SER A 278 7.79 -18.69 -37.36
CA SER A 278 8.56 -17.45 -37.23
C SER A 278 7.78 -16.30 -37.86
N ASN A 279 6.76 -15.84 -37.14
CA ASN A 279 5.92 -14.76 -37.62
C ASN A 279 5.40 -13.96 -36.43
N GLU A 280 4.83 -12.81 -36.73
CA GLU A 280 4.32 -11.90 -35.73
C GLU A 280 2.82 -12.08 -35.50
N SER A 281 2.24 -13.15 -36.02
CA SER A 281 0.83 -13.41 -35.77
C SER A 281 0.58 -13.79 -34.32
N TYR A 282 1.58 -14.35 -33.65
CA TYR A 282 1.47 -14.84 -32.28
C TYR A 282 2.41 -14.08 -31.36
N ASP A 283 1.95 -13.79 -30.16
CA ASP A 283 2.77 -13.11 -29.18
C ASP A 283 2.47 -13.66 -27.80
N VAL A 284 3.27 -13.21 -26.83
CA VAL A 284 3.11 -13.60 -25.44
C VAL A 284 1.72 -13.22 -24.94
N LEU A 285 1.05 -14.12 -24.26
CA LEU A 285 -0.14 -13.74 -23.53
C LEU A 285 0.29 -13.09 -22.23
N PRO A 286 0.03 -11.80 -22.00
CA PRO A 286 0.43 -11.17 -20.74
C PRO A 286 -0.16 -11.88 -19.54
N VAL A 287 0.47 -11.67 -18.38
CA VAL A 287 -0.01 -12.25 -17.14
C VAL A 287 -1.40 -11.73 -16.84
N LEU A 288 -2.33 -12.63 -16.55
CA LEU A 288 -3.73 -12.27 -16.36
C LEU A 288 -4.08 -12.12 -14.89
N ALA A 289 -5.04 -11.23 -14.62
CA ALA A 289 -5.58 -11.11 -13.26
C ALA A 289 -6.74 -12.08 -13.11
N GLY A 290 -6.78 -12.77 -11.97
CA GLY A 290 -7.89 -13.64 -11.66
C GLY A 290 -9.09 -12.88 -11.13
N PRO A 291 -10.16 -13.63 -10.85
CA PRO A 291 -11.43 -12.98 -10.49
C PRO A 291 -11.35 -12.14 -9.24
N SER A 292 -10.47 -12.49 -8.29
CA SER A 292 -10.30 -11.71 -7.06
C SER A 292 -9.10 -10.78 -7.13
N GLY A 293 -8.51 -10.62 -8.30
CA GLY A 293 -7.35 -9.76 -8.43
C GLY A 293 -6.02 -10.46 -8.17
N GLN A 294 -6.02 -11.79 -8.04
CA GLN A 294 -4.75 -12.51 -8.04
C GLN A 294 -3.97 -12.22 -9.31
N LYS A 295 -2.68 -11.90 -9.17
CA LYS A 295 -1.87 -11.68 -10.35
C LYS A 295 -0.48 -12.20 -10.00
N HIS A 296 -0.13 -13.36 -10.56
CA HIS A 296 1.01 -14.11 -10.06
C HIS A 296 1.61 -14.98 -11.16
N VAL A 297 2.91 -15.25 -11.05
CA VAL A 297 3.60 -16.28 -11.83
C VAL A 297 4.26 -17.24 -10.85
N ALA A 298 3.87 -18.51 -10.89
CA ALA A 298 4.58 -19.51 -10.11
C ALA A 298 5.96 -19.75 -10.71
N ARG A 299 6.97 -19.88 -9.86
CA ARG A 299 8.29 -20.17 -10.38
C ARG A 299 8.41 -21.67 -10.51
N THR A 300 9.00 -22.12 -11.62
CA THR A 300 9.44 -23.51 -11.68
C THR A 300 10.65 -23.67 -10.78
N ASN A 301 11.03 -24.93 -10.57
CA ASN A 301 12.28 -25.23 -9.89
C ASN A 301 13.38 -25.58 -10.88
N GLY A 302 13.20 -25.24 -12.16
CA GLY A 302 14.20 -25.54 -13.16
C GLY A 302 15.40 -24.62 -13.05
N MET A 303 16.48 -25.06 -13.68
CA MET A 303 17.73 -24.30 -13.67
C MET A 303 18.61 -24.81 -14.81
N GLY A 304 19.70 -24.09 -15.06
CA GLY A 304 20.63 -24.46 -16.11
C GLY A 304 21.62 -25.51 -15.63
N PHE A 305 21.11 -26.61 -15.07
CA PHE A 305 21.97 -27.64 -14.55
C PHE A 305 21.21 -28.95 -14.54
N ALA A 306 21.84 -30.00 -15.05
CA ALA A 306 21.33 -31.37 -15.00
C ALA A 306 22.44 -32.25 -14.45
N ARG A 307 22.19 -32.88 -13.31
CA ARG A 307 23.23 -33.58 -12.58
C ARG A 307 23.85 -34.72 -13.40
N ASP A 308 23.05 -35.43 -14.18
CA ASP A 308 23.52 -36.63 -14.85
C ASP A 308 23.29 -36.54 -16.36
N LYS A 309 24.33 -36.15 -17.10
CA LYS A 309 24.32 -36.36 -18.55
C LYS A 309 25.32 -37.42 -18.97
N MET A 310 25.97 -38.09 -18.01
CA MET A 310 26.81 -39.22 -18.36
C MET A 310 27.21 -39.95 -17.10
N VAL A 311 27.15 -41.27 -17.14
CA VAL A 311 27.67 -42.12 -16.07
C VAL A 311 28.56 -43.18 -16.67
N ILE A 312 29.49 -43.67 -15.84
CA ILE A 312 30.47 -44.68 -16.24
C ILE A 312 30.15 -45.96 -15.50
N THR A 313 30.01 -47.06 -16.24
CA THR A 313 29.62 -48.32 -15.63
C THR A 313 30.83 -49.05 -15.03
N SER A 314 30.54 -50.07 -14.23
CA SER A 314 31.59 -50.82 -13.58
C SER A 314 32.28 -51.81 -14.51
N VAL A 315 31.68 -52.14 -15.66
CA VAL A 315 32.37 -52.98 -16.64
C VAL A 315 33.29 -52.19 -17.56
N ASN A 316 33.34 -50.87 -17.41
CA ASN A 316 34.27 -50.07 -18.18
C ASN A 316 35.69 -50.49 -17.82
N LYS A 317 36.42 -51.01 -18.81
CA LYS A 317 37.77 -51.49 -18.57
C LYS A 317 38.84 -50.53 -19.05
N ASN A 318 38.46 -49.30 -19.47
CA ASN A 318 39.46 -48.28 -19.86
C ASN A 318 39.02 -46.93 -19.30
N LEU A 319 39.26 -46.72 -18.00
CA LEU A 319 38.76 -45.53 -17.33
C LEU A 319 39.51 -44.28 -17.78
N GLU A 320 40.84 -44.37 -17.93
CA GLU A 320 41.60 -43.18 -18.32
C GLU A 320 41.15 -42.64 -19.66
N LEU A 321 40.98 -43.53 -20.65
CA LEU A 321 40.53 -43.08 -21.96
C LEU A 321 39.13 -42.49 -21.88
N THR A 322 38.26 -43.12 -21.10
CA THR A 322 36.90 -42.63 -20.95
C THR A 322 36.87 -41.26 -20.28
N ALA A 323 37.63 -41.09 -19.19
CA ALA A 323 37.67 -39.80 -18.52
C ALA A 323 38.18 -38.71 -19.48
N LYS A 324 39.22 -39.02 -20.25
CA LYS A 324 39.76 -38.04 -21.18
C LYS A 324 38.78 -37.73 -22.31
N TRP A 325 38.07 -38.76 -22.81
CA TRP A 325 37.05 -38.50 -23.83
C TRP A 325 35.97 -37.58 -23.28
N ILE A 326 35.50 -37.86 -22.06
CA ILE A 326 34.51 -36.99 -21.45
C ILE A 326 35.06 -35.58 -21.29
N ASP A 327 36.31 -35.45 -20.86
CA ASP A 327 36.87 -34.11 -20.66
C ASP A 327 36.92 -33.32 -21.96
N ALA A 328 37.19 -33.99 -23.09
CA ALA A 328 37.16 -33.32 -24.37
C ALA A 328 35.81 -32.65 -24.64
N GLN A 329 34.73 -33.15 -24.02
CA GLN A 329 33.44 -32.52 -24.20
C GLN A 329 33.29 -31.21 -23.43
N TYR A 330 34.07 -31.01 -22.36
CA TYR A 330 34.06 -29.79 -21.57
C TYR A 330 34.97 -28.70 -22.09
N ALA A 331 35.74 -28.95 -23.15
CA ALA A 331 36.42 -27.85 -23.84
C ALA A 331 35.36 -26.89 -24.37
N PRO A 332 35.56 -25.56 -24.23
CA PRO A 332 34.44 -24.63 -24.49
C PRO A 332 33.84 -24.76 -25.88
N LEU A 333 34.66 -24.71 -26.94
CA LEU A 333 34.13 -24.84 -28.29
C LEU A 333 33.36 -26.14 -28.49
N GLN A 334 33.79 -27.21 -27.83
CA GLN A 334 33.06 -28.47 -27.93
C GLN A 334 31.75 -28.43 -27.16
N SER A 335 31.76 -27.86 -25.94
CA SER A 335 30.54 -27.77 -25.15
C SER A 335 29.46 -27.00 -25.91
N VAL A 336 29.84 -25.84 -26.46
CA VAL A 336 28.88 -25.05 -27.22
C VAL A 336 28.30 -25.86 -28.38
N GLN A 337 29.17 -26.56 -29.12
CA GLN A 337 28.70 -27.32 -30.27
C GLN A 337 27.81 -28.49 -29.84
N ASN A 338 28.29 -29.30 -28.90
CA ASN A 338 27.49 -30.42 -28.43
C ASN A 338 26.13 -29.97 -27.95
N ASN A 339 26.05 -28.76 -27.40
CA ASN A 339 24.80 -28.27 -26.83
C ASN A 339 23.83 -27.83 -27.93
N TRP A 340 24.32 -27.17 -28.96
CA TRP A 340 23.51 -26.35 -29.85
C TRP A 340 23.60 -26.66 -31.34
N GLY A 341 24.67 -27.31 -31.81
CA GLY A 341 24.82 -27.60 -33.23
C GLY A 341 26.21 -27.25 -33.73
N THR A 342 26.36 -27.11 -35.04
CA THR A 342 27.71 -27.05 -35.59
C THR A 342 27.75 -26.12 -36.80
N TYR A 343 28.93 -26.09 -37.42
CA TYR A 343 29.27 -25.20 -38.52
C TYR A 343 29.80 -26.03 -39.67
N GLY A 344 29.81 -25.43 -40.86
CA GLY A 344 30.58 -25.96 -41.95
C GLY A 344 30.00 -27.18 -42.64
N ASP A 345 28.72 -27.45 -42.45
CA ASP A 345 28.05 -28.53 -43.17
C ASP A 345 27.52 -27.99 -44.50
N ASP A 346 27.90 -28.63 -45.60
CA ASP A 346 27.40 -28.23 -46.91
C ASP A 346 26.18 -29.02 -47.34
N LYS A 347 25.84 -30.09 -46.65
CA LYS A 347 24.65 -30.87 -46.94
C LYS A 347 23.49 -30.54 -46.01
N GLN A 348 23.70 -29.69 -45.01
CA GLN A 348 22.64 -29.35 -44.07
C GLN A 348 22.84 -27.91 -43.62
N GLN A 349 21.73 -27.29 -43.18
CA GLN A 349 21.79 -25.98 -42.55
C GLN A 349 22.63 -26.07 -41.29
N ASN A 350 23.34 -24.99 -40.97
CA ASN A 350 24.22 -24.93 -39.81
C ASN A 350 23.69 -23.95 -38.78
N ILE A 351 23.86 -24.30 -37.50
CA ILE A 351 23.54 -23.37 -36.42
C ILE A 351 24.60 -22.29 -36.30
N PHE A 352 25.87 -22.65 -36.47
CA PHE A 352 26.98 -21.71 -36.30
C PHE A 352 27.76 -21.56 -37.60
N GLU A 353 28.53 -20.48 -37.66
CA GLU A 353 29.69 -20.38 -38.52
C GLU A 353 30.91 -20.29 -37.61
N LEU A 354 32.02 -20.89 -38.05
CA LEU A 354 33.27 -20.79 -37.30
C LEU A 354 34.03 -19.58 -37.82
N ASP A 355 34.37 -18.67 -36.92
CA ASP A 355 35.12 -17.46 -37.26
C ASP A 355 36.55 -17.65 -36.77
N GLN A 356 37.46 -17.98 -37.70
CA GLN A 356 38.85 -18.20 -37.33
C GLN A 356 39.59 -16.91 -37.00
N ALA A 357 39.06 -15.74 -37.40
CA ALA A 357 39.57 -14.48 -36.91
C ALA A 357 39.35 -14.31 -35.41
N SER A 358 38.63 -15.24 -34.78
CA SER A 358 38.44 -15.26 -33.34
C SER A 358 38.62 -16.63 -32.73
N ASN A 359 38.64 -17.71 -33.53
CA ASN A 359 38.47 -19.07 -33.05
C ASN A 359 37.23 -19.18 -32.15
N SER A 360 36.12 -18.63 -32.66
CA SER A 360 34.88 -18.58 -31.90
C SER A 360 33.71 -18.87 -32.83
N LEU A 361 32.63 -19.35 -32.22
CA LEU A 361 31.40 -19.67 -32.93
C LEU A 361 30.44 -18.47 -32.90
N LYS A 362 29.80 -18.21 -34.04
CA LYS A 362 28.74 -17.22 -34.12
C LYS A 362 27.49 -17.86 -34.67
N HIS A 363 26.33 -17.48 -34.12
CA HIS A 363 25.06 -18.06 -34.54
C HIS A 363 24.65 -17.53 -35.91
N LEU A 364 24.07 -18.39 -36.71
CA LEU A 364 23.64 -18.06 -38.06
C LEU A 364 22.13 -17.88 -38.12
N PRO A 365 21.63 -17.13 -39.11
CA PRO A 365 20.18 -16.92 -39.21
C PRO A 365 19.46 -18.17 -39.66
N LEU A 366 18.34 -18.49 -38.99
CA LEU A 366 17.62 -19.71 -39.27
C LEU A 366 16.81 -19.65 -40.57
N ASN A 367 16.40 -18.44 -40.98
CA ASN A 367 15.66 -18.25 -42.23
C ASN A 367 14.34 -19.04 -42.21
N GLY A 368 13.66 -19.04 -41.06
CA GLY A 368 12.37 -19.68 -40.93
C GLY A 368 12.39 -21.08 -40.34
N THR A 369 13.55 -21.72 -40.24
CA THR A 369 13.61 -23.05 -39.65
C THR A 369 13.38 -22.96 -38.14
N ALA A 370 12.62 -23.91 -37.61
CA ALA A 370 12.36 -23.92 -36.18
C ALA A 370 13.64 -24.25 -35.43
N PRO A 371 14.01 -23.46 -34.42
CA PRO A 371 15.29 -23.69 -33.72
C PRO A 371 15.43 -25.10 -33.14
N ALA A 372 14.36 -25.61 -32.52
CA ALA A 372 14.43 -26.93 -31.93
C ALA A 372 14.66 -28.01 -32.98
N GLU A 373 14.24 -27.75 -34.23
CA GLU A 373 14.31 -28.75 -35.29
C GLU A 373 15.75 -28.96 -35.74
N LEU A 374 16.40 -27.88 -36.17
CA LEU A 374 17.79 -27.98 -36.61
C LEU A 374 18.69 -28.45 -35.49
N ARG A 375 18.42 -28.00 -34.26
CA ARG A 375 19.26 -28.31 -33.11
C ARG A 375 19.28 -29.79 -32.81
N GLN A 376 18.11 -30.41 -32.68
CA GLN A 376 18.11 -31.82 -32.34
C GLN A 376 18.64 -32.70 -33.48
N LYS A 377 18.65 -32.19 -34.72
CA LYS A 377 19.25 -32.98 -35.80
C LYS A 377 20.76 -33.01 -35.72
N THR A 378 21.39 -31.96 -35.15
CA THR A 378 22.84 -31.76 -35.21
C THR A 378 23.53 -31.62 -33.86
N GLU A 379 22.79 -31.52 -32.76
CA GLU A 379 23.38 -31.48 -31.44
C GLU A 379 23.83 -32.88 -31.02
N VAL A 380 24.56 -32.94 -29.91
CA VAL A 380 25.08 -34.19 -29.38
C VAL A 380 24.50 -34.48 -28.00
N GLY A 381 24.19 -33.43 -27.24
CA GLY A 381 23.75 -33.69 -25.88
C GLY A 381 24.94 -34.08 -25.03
N GLY A 382 24.68 -34.86 -23.99
CA GLY A 382 25.73 -35.37 -23.14
C GLY A 382 26.29 -34.31 -22.20
N PRO A 383 27.39 -34.65 -21.52
CA PRO A 383 27.97 -33.76 -20.52
C PRO A 383 28.70 -32.59 -21.17
N LEU A 384 28.51 -31.40 -20.59
CA LEU A 384 29.09 -30.17 -21.16
C LEU A 384 28.86 -29.00 -20.20
N ALA A 385 29.58 -27.92 -20.43
CA ALA A 385 29.36 -26.70 -19.66
C ALA A 385 29.42 -25.48 -20.57
N ILE A 386 28.45 -24.58 -20.39
CA ILE A 386 28.53 -23.25 -20.98
C ILE A 386 28.35 -22.23 -19.86
N LEU A 387 29.39 -21.43 -19.63
CA LEU A 387 29.41 -20.45 -18.57
C LEU A 387 29.12 -19.06 -19.12
N ASP A 388 28.61 -18.18 -18.25
CA ASP A 388 28.32 -16.82 -18.68
C ASP A 388 29.54 -16.17 -19.30
N SER A 389 30.74 -16.51 -18.80
CA SER A 389 31.99 -16.02 -19.37
C SER A 389 32.09 -16.28 -20.86
N TYR A 390 31.47 -17.36 -21.34
CA TYR A 390 31.69 -17.79 -22.73
C TYR A 390 31.05 -16.85 -23.74
N TYR A 391 30.05 -16.08 -23.34
CA TYR A 391 29.38 -15.18 -24.29
C TYR A 391 30.28 -13.98 -24.54
N GLY A 392 30.41 -13.63 -25.81
CA GLY A 392 31.41 -12.69 -26.25
C GLY A 392 32.79 -13.28 -26.47
N LYS A 393 33.07 -14.43 -25.87
CA LYS A 393 34.38 -15.05 -25.93
C LYS A 393 34.34 -16.29 -26.81
N VAL A 394 33.70 -17.37 -26.35
CA VAL A 394 33.66 -18.62 -27.10
C VAL A 394 32.60 -18.57 -28.18
N THR A 395 31.43 -18.07 -27.84
CA THR A 395 30.28 -18.15 -28.70
C THR A 395 29.42 -16.91 -28.53
N THR A 396 28.64 -16.60 -29.56
CA THR A 396 27.51 -15.72 -29.34
C THR A 396 26.49 -16.41 -28.46
N MET A 397 25.75 -15.62 -27.71
CA MET A 397 24.57 -16.15 -27.06
C MET A 397 23.49 -16.36 -28.11
N PRO A 398 22.79 -17.49 -28.12
CA PRO A 398 21.73 -17.69 -29.12
C PRO A 398 20.74 -16.53 -29.11
N ASP A 399 20.31 -16.11 -30.29
CA ASP A 399 19.34 -15.02 -30.37
C ASP A 399 18.01 -15.42 -29.75
N ASP A 400 17.61 -16.68 -29.88
CA ASP A 400 16.30 -17.03 -29.34
C ASP A 400 16.34 -17.18 -27.83
N ALA A 401 17.52 -17.40 -27.25
CA ALA A 401 17.69 -17.44 -25.81
C ALA A 401 17.63 -16.04 -25.19
N LYS A 402 18.38 -15.08 -25.75
CA LYS A 402 18.30 -13.71 -25.20
C LYS A 402 16.92 -13.12 -25.43
N TRP A 403 16.27 -13.45 -26.55
CA TRP A 403 14.89 -13.01 -26.75
C TRP A 403 13.98 -13.59 -25.67
N ARG A 404 14.12 -14.87 -25.35
CA ARG A 404 13.30 -15.46 -24.32
C ARG A 404 13.62 -14.86 -22.95
N LEU A 405 14.91 -14.69 -22.63
CA LEU A 405 15.28 -14.02 -21.39
C LEU A 405 14.64 -12.64 -21.30
N ASP A 406 14.61 -11.89 -22.40
CA ASP A 406 13.96 -10.58 -22.39
C ASP A 406 12.46 -10.72 -22.13
N LEU A 407 11.82 -11.67 -22.82
CA LEU A 407 10.40 -11.92 -22.60
C LEU A 407 10.12 -12.19 -21.11
N ILE A 408 10.95 -13.03 -20.50
CA ILE A 408 10.77 -13.42 -19.10
C ILE A 408 10.85 -12.20 -18.19
N LYS A 409 11.84 -11.31 -18.43
CA LYS A 409 11.97 -10.10 -17.62
C LYS A 409 10.80 -9.15 -17.85
N GLU A 410 10.34 -9.03 -19.09
CA GLU A 410 9.27 -8.07 -19.40
C GLU A 410 7.94 -8.50 -18.80
N TYR A 411 7.54 -9.75 -19.02
CA TYR A 411 6.19 -10.19 -18.71
C TYR A 411 6.05 -10.88 -17.36
N TYR A 412 7.08 -11.59 -16.90
CA TYR A 412 6.91 -12.58 -15.86
C TYR A 412 7.56 -12.23 -14.53
N VAL A 413 8.79 -11.71 -14.56
CA VAL A 413 9.51 -11.46 -13.30
C VAL A 413 8.78 -10.45 -12.42
N PRO A 414 8.12 -9.41 -12.93
CA PRO A 414 7.41 -8.48 -12.02
C PRO A 414 6.30 -9.14 -11.22
N TYR A 415 5.86 -10.34 -11.59
CA TYR A 415 4.79 -11.01 -10.86
C TYR A 415 5.27 -12.30 -10.20
N MET A 416 6.57 -12.57 -10.22
CA MET A 416 7.14 -13.70 -9.47
C MET A 416 7.43 -13.22 -8.05
N SER A 417 6.39 -13.19 -7.22
CA SER A 417 6.51 -12.63 -5.88
C SER A 417 7.08 -13.61 -4.87
N ASN A 418 7.36 -14.87 -5.24
CA ASN A 418 8.03 -15.82 -4.35
C ASN A 418 9.52 -15.53 -4.34
N VAL A 419 10.03 -15.09 -3.18
CA VAL A 419 11.46 -14.83 -3.02
C VAL A 419 12.29 -16.04 -3.45
N ASN A 420 11.82 -17.25 -3.14
CA ASN A 420 12.60 -18.45 -3.33
C ASN A 420 11.86 -19.45 -4.20
N ASN A 421 12.62 -20.33 -4.83
CA ASN A 421 12.10 -21.58 -5.36
C ASN A 421 12.88 -22.74 -4.75
N TYR A 422 12.55 -23.95 -5.18
CA TYR A 422 13.09 -25.11 -4.48
C TYR A 422 14.49 -25.42 -4.99
N PRO A 423 15.51 -25.44 -4.12
CA PRO A 423 16.89 -25.66 -4.57
C PRO A 423 17.08 -27.09 -5.08
N ARG A 424 18.08 -27.23 -5.93
CA ARG A 424 18.45 -28.54 -6.46
C ARG A 424 19.35 -29.20 -5.43
N VAL A 425 18.75 -30.05 -4.59
CA VAL A 425 19.47 -30.72 -3.53
C VAL A 425 19.75 -32.15 -3.96
N PHE A 426 20.57 -32.85 -3.18
CA PHE A 426 20.96 -34.23 -3.46
C PHE A 426 20.64 -35.02 -2.19
N MET A 427 19.46 -35.63 -2.14
CA MET A 427 19.04 -36.33 -0.93
C MET A 427 19.82 -37.63 -0.75
N THR A 428 19.75 -38.16 0.46
CA THR A 428 20.36 -39.44 0.77
C THR A 428 19.60 -40.54 0.04
N GLN A 429 20.24 -41.70 -0.06
CA GLN A 429 19.61 -42.80 -0.77
C GLN A 429 18.31 -43.20 -0.11
N GLU A 430 18.28 -43.17 1.22
CA GLU A 430 17.09 -43.55 1.98
C GLU A 430 15.95 -42.56 1.75
N ASP A 431 16.25 -41.26 1.70
CA ASP A 431 15.19 -40.28 1.43
C ASP A 431 14.77 -40.34 -0.03
N LEU A 432 15.74 -40.46 -0.94
CA LEU A 432 15.42 -40.68 -2.36
C LEU A 432 14.41 -41.80 -2.52
N ASP A 433 14.67 -42.95 -1.91
CA ASP A 433 13.75 -44.06 -2.13
C ASP A 433 12.39 -43.83 -1.47
N LYS A 434 12.33 -43.17 -0.29
CA LYS A 434 11.03 -42.78 0.28
C LYS A 434 10.24 -41.93 -0.72
N ILE A 435 10.86 -40.89 -1.24
CA ILE A 435 10.18 -39.96 -2.14
C ILE A 435 9.74 -40.69 -3.40
N ALA A 436 10.57 -41.62 -3.90
CA ALA A 436 10.24 -42.35 -5.12
C ALA A 436 9.04 -43.25 -4.91
N HIS A 437 8.94 -43.90 -3.74
CA HIS A 437 7.75 -44.70 -3.44
C HIS A 437 6.49 -43.84 -3.45
N ILE A 438 6.56 -42.63 -2.88
CA ILE A 438 5.37 -41.78 -2.82
C ILE A 438 5.04 -41.26 -4.21
N GLU A 439 6.05 -40.78 -4.93
CA GLU A 439 5.81 -40.26 -6.25
C GLU A 439 5.30 -41.34 -7.20
N ALA A 440 5.65 -42.60 -6.94
CA ALA A 440 5.09 -43.68 -7.75
C ALA A 440 3.56 -43.61 -7.77
N ASP A 441 2.95 -43.33 -6.61
CA ASP A 441 1.50 -43.14 -6.55
C ASP A 441 1.08 -41.75 -7.05
N MET A 442 1.74 -40.69 -6.56
CA MET A 442 1.16 -39.35 -6.69
C MET A 442 1.20 -38.84 -8.13
N ASN A 443 2.32 -39.04 -8.82
CA ASN A 443 2.59 -38.29 -10.05
C ASN A 443 1.50 -38.51 -11.09
N ASP A 444 1.27 -39.78 -11.46
CA ASP A 444 0.22 -40.11 -12.42
C ASP A 444 -1.16 -39.78 -11.86
N TYR A 445 -1.38 -40.04 -10.57
CA TYR A 445 -2.67 -39.77 -9.95
C TYR A 445 -3.07 -38.30 -10.08
N ILE A 446 -2.12 -37.39 -9.89
CA ILE A 446 -2.40 -35.96 -9.94
C ILE A 446 -2.89 -35.54 -11.33
N TYR A 447 -2.22 -36.01 -12.40
CA TYR A 447 -2.67 -35.63 -13.76
C TYR A 447 -3.93 -36.38 -14.18
N ARG A 448 -4.16 -37.59 -13.67
CA ARG A 448 -5.36 -38.33 -14.03
C ARG A 448 -6.62 -37.69 -13.45
N LYS A 449 -6.57 -37.31 -12.17
CA LYS A 449 -7.71 -36.61 -11.58
C LYS A 449 -7.96 -35.28 -12.28
N ARG A 450 -6.88 -34.58 -12.63
CA ARG A 450 -7.01 -33.28 -13.30
C ARG A 450 -7.75 -33.41 -14.62
N ALA A 451 -7.34 -34.38 -15.46
CA ALA A 451 -8.01 -34.56 -16.73
C ALA A 451 -9.46 -34.98 -16.53
N GLU A 452 -9.68 -35.92 -15.60
CA GLU A 452 -11.03 -36.42 -15.36
C GLU A 452 -11.97 -35.29 -14.97
N TRP A 453 -11.52 -34.43 -14.04
CA TRP A 453 -12.31 -33.29 -13.58
C TRP A 453 -12.55 -32.26 -14.68
N ILE A 454 -11.61 -32.10 -15.60
CA ILE A 454 -11.85 -31.19 -16.71
C ILE A 454 -12.88 -31.78 -17.67
N VAL A 455 -12.81 -33.07 -17.91
CA VAL A 455 -13.75 -33.69 -18.81
C VAL A 455 -15.08 -34.00 -18.14
N ASN A 456 -15.10 -34.35 -16.84
CA ASN A 456 -16.33 -34.86 -16.23
C ASN A 456 -17.03 -33.85 -15.34
N GLY A 457 -16.29 -32.94 -14.70
CA GLY A 457 -16.89 -31.86 -13.98
C GLY A 457 -17.35 -32.13 -12.55
N ASN A 458 -16.66 -33.00 -11.81
CA ASN A 458 -17.09 -33.33 -10.45
C ASN A 458 -16.04 -33.01 -9.40
N ILE A 459 -15.20 -31.99 -9.61
CA ILE A 459 -14.12 -31.74 -8.66
C ILE A 459 -14.67 -31.37 -7.28
N ASP A 460 -15.77 -30.60 -7.24
CA ASP A 460 -16.32 -30.17 -5.94
C ASP A 460 -16.67 -31.37 -5.07
N THR A 461 -17.20 -32.44 -5.68
CA THR A 461 -17.63 -33.62 -4.96
C THR A 461 -16.48 -34.59 -4.65
N GLU A 462 -15.34 -34.46 -5.33
CA GLU A 462 -14.26 -35.42 -5.19
C GLU A 462 -13.01 -34.84 -4.55
N TRP A 463 -12.97 -33.51 -4.37
CA TRP A 463 -11.75 -32.86 -3.87
C TRP A 463 -11.35 -33.39 -2.50
N ASP A 464 -12.32 -33.56 -1.59
CA ASP A 464 -12.01 -34.05 -0.25
C ASP A 464 -11.44 -35.47 -0.29
N ASP A 465 -12.06 -36.35 -1.10
CA ASP A 465 -11.54 -37.70 -1.22
C ASP A 465 -10.18 -37.69 -1.90
N TYR A 466 -9.99 -36.78 -2.85
CA TYR A 466 -8.69 -36.64 -3.50
C TYR A 466 -7.59 -36.29 -2.50
N LYS A 467 -7.86 -35.36 -1.58
CA LYS A 467 -6.85 -35.00 -0.59
C LYS A 467 -6.58 -36.14 0.39
N LYS A 468 -7.62 -36.87 0.81
CA LYS A 468 -7.41 -38.05 1.61
C LYS A 468 -6.51 -39.07 0.89
N GLU A 469 -6.73 -39.26 -0.42
CA GLU A 469 -5.90 -40.22 -1.15
C GLU A 469 -4.45 -39.78 -1.17
N LEU A 470 -4.20 -38.49 -1.46
CA LEU A 470 -2.85 -37.95 -1.43
C LEU A 470 -2.21 -38.16 -0.06
N GLU A 471 -3.00 -38.00 1.01
CA GLU A 471 -2.47 -38.25 2.34
C GLU A 471 -2.15 -39.73 2.54
N LYS A 472 -3.01 -40.62 2.05
CA LYS A 472 -2.72 -42.06 2.15
C LYS A 472 -1.44 -42.40 1.42
N TYR A 473 -1.16 -41.74 0.30
CA TYR A 473 0.07 -41.99 -0.43
C TYR A 473 1.29 -41.47 0.30
N GLY A 474 1.12 -40.65 1.35
CA GLY A 474 2.21 -40.12 2.14
C GLY A 474 2.60 -38.68 1.89
N LEU A 475 1.68 -37.82 1.43
CA LEU A 475 2.05 -36.45 1.10
C LEU A 475 2.68 -35.72 2.29
N SER A 476 2.17 -35.94 3.50
CA SER A 476 2.77 -35.20 4.63
C SER A 476 4.21 -35.67 4.89
N ASP A 477 4.50 -36.96 4.73
CA ASP A 477 5.90 -37.43 4.79
C ASP A 477 6.71 -36.81 3.66
N TYR A 478 6.15 -36.82 2.45
CA TYR A 478 6.77 -36.18 1.30
C TYR A 478 7.20 -34.75 1.60
N LEU A 479 6.29 -33.96 2.15
CA LEU A 479 6.59 -32.55 2.42
C LEU A 479 7.62 -32.40 3.53
N ALA A 480 7.50 -33.18 4.61
CA ALA A 480 8.51 -33.11 5.67
C ALA A 480 9.91 -33.35 5.10
N ILE A 481 10.07 -34.32 4.21
CA ILE A 481 11.37 -34.57 3.62
C ILE A 481 11.80 -33.37 2.78
N LYS A 482 10.92 -32.92 1.88
CA LYS A 482 11.29 -31.78 1.04
C LYS A 482 11.63 -30.57 1.88
N GLN A 483 10.96 -30.43 3.02
CA GLN A 483 11.21 -29.28 3.90
C GLN A 483 12.55 -29.41 4.61
N LYS A 484 12.91 -30.64 5.01
CA LYS A 484 14.19 -30.86 5.68
C LYS A 484 15.36 -30.45 4.78
N TYR A 485 15.31 -30.81 3.49
CA TYR A 485 16.41 -30.44 2.61
C TYR A 485 16.40 -28.95 2.26
N TYR A 486 15.21 -28.36 2.10
CA TYR A 486 15.16 -26.91 1.96
C TYR A 486 15.80 -26.23 3.16
N ASP A 487 15.40 -26.62 4.37
CA ASP A 487 15.95 -25.95 5.55
C ASP A 487 17.46 -26.17 5.64
N GLN A 488 17.93 -27.34 5.23
CA GLN A 488 19.37 -27.60 5.30
C GLN A 488 20.11 -26.77 4.28
N TYR A 489 19.56 -26.65 3.07
CA TYR A 489 20.13 -25.78 2.06
C TYR A 489 20.22 -24.33 2.54
N GLN A 490 19.12 -23.80 3.07
CA GLN A 490 19.13 -22.43 3.58
C GLN A 490 20.09 -22.28 4.75
N ALA A 491 20.10 -23.25 5.66
CA ALA A 491 21.00 -23.13 6.81
C ALA A 491 22.46 -23.14 6.38
N ASN A 492 22.79 -23.80 5.27
CA ASN A 492 24.17 -23.84 4.83
C ASN A 492 24.58 -22.61 4.03
N LYS A 493 23.62 -21.82 3.56
CA LYS A 493 23.97 -20.59 2.86
C LYS A 493 24.02 -19.40 3.83
N LYS B 3 -59.52 -2.21 14.67
CA LYS B 3 -59.12 -3.58 14.97
C LYS B 3 -57.61 -3.78 14.85
N THR B 4 -56.96 -2.99 13.98
CA THR B 4 -55.52 -3.11 13.79
C THR B 4 -54.82 -1.75 13.89
N LEU B 5 -53.70 -1.75 14.59
CA LEU B 5 -52.81 -0.60 14.71
C LEU B 5 -51.39 -1.04 14.40
N LYS B 6 -50.60 -0.13 13.84
CA LYS B 6 -49.18 -0.36 13.61
C LYS B 6 -48.37 0.38 14.69
N PHE B 7 -47.63 -0.39 15.48
CA PHE B 7 -46.73 0.14 16.49
C PHE B 7 -45.31 -0.26 16.16
N MET B 8 -44.40 0.67 16.34
CA MET B 8 -42.98 0.38 16.41
C MET B 8 -42.65 0.11 17.88
N THR B 9 -41.77 -0.87 18.11
CA THR B 9 -41.37 -1.21 19.47
C THR B 9 -39.91 -1.62 19.49
N ALA B 10 -39.35 -1.61 20.70
CA ALA B 10 -38.03 -2.12 20.98
C ALA B 10 -38.17 -3.29 21.94
N SER B 11 -37.34 -4.32 21.75
CA SER B 11 -37.39 -5.49 22.61
C SER B 11 -36.00 -6.12 22.69
N SER B 12 -35.82 -6.99 23.67
CA SER B 12 -34.58 -7.73 23.78
C SER B 12 -34.39 -8.68 22.59
N PRO B 13 -33.16 -8.85 22.10
CA PRO B 13 -32.91 -9.88 21.08
C PRO B 13 -33.15 -11.30 21.59
N LEU B 14 -33.39 -11.49 22.89
CA LEU B 14 -33.78 -12.78 23.44
C LEU B 14 -35.26 -13.07 23.26
N SER B 15 -36.04 -12.08 22.91
CA SER B 15 -37.48 -12.21 22.81
C SER B 15 -37.89 -12.54 21.38
N PRO B 16 -39.08 -13.09 21.17
CA PRO B 16 -39.47 -13.46 19.80
C PRO B 16 -39.47 -12.26 18.86
N LYS B 17 -39.08 -12.53 17.61
CA LYS B 17 -38.97 -11.48 16.60
C LYS B 17 -40.30 -10.78 16.38
N ASP B 18 -41.41 -11.53 16.42
CA ASP B 18 -42.74 -10.97 16.39
C ASP B 18 -43.25 -10.85 17.81
N PRO B 19 -43.42 -9.63 18.34
CA PRO B 19 -43.93 -9.48 19.71
C PRO B 19 -45.22 -10.25 19.98
N ASN B 20 -46.05 -10.46 18.96
CA ASN B 20 -47.32 -11.15 19.16
C ASN B 20 -47.14 -12.62 19.55
N GLU B 21 -45.94 -13.16 19.48
CA GLU B 21 -45.71 -14.47 20.07
C GLU B 21 -45.68 -14.43 21.59
N LYS B 22 -45.50 -13.26 22.19
CA LYS B 22 -45.45 -13.19 23.65
C LYS B 22 -46.82 -13.49 24.24
N LEU B 23 -46.83 -14.27 25.33
CA LEU B 23 -48.10 -14.66 25.93
C LEU B 23 -48.88 -13.45 26.46
N ILE B 24 -48.18 -12.43 26.96
CA ILE B 24 -48.87 -11.24 27.47
C ILE B 24 -49.68 -10.59 26.35
N LEU B 25 -49.10 -10.52 25.14
CA LEU B 25 -49.74 -9.83 24.04
C LEU B 25 -50.81 -10.69 23.37
N GLN B 26 -50.67 -12.02 23.40
CA GLN B 26 -51.75 -12.86 22.89
C GLN B 26 -53.00 -12.70 23.74
N ARG B 27 -52.84 -12.66 25.06
CA ARG B 27 -53.98 -12.37 25.94
C ARG B 27 -54.49 -10.94 25.76
N LEU B 28 -53.57 -9.98 25.58
CA LEU B 28 -54.01 -8.60 25.41
C LEU B 28 -54.89 -8.43 24.17
N GLU B 29 -54.63 -9.18 23.10
CA GLU B 29 -55.42 -9.06 21.88
C GLU B 29 -56.83 -9.61 22.07
N LYS B 30 -56.96 -10.75 22.77
CA LYS B 30 -58.30 -11.26 23.11
C LYS B 30 -59.07 -10.24 23.95
N GLU B 31 -58.39 -9.58 24.88
CA GLU B 31 -59.09 -8.69 25.81
C GLU B 31 -59.50 -7.40 25.13
N THR B 32 -58.59 -6.77 24.38
CA THR B 32 -58.91 -5.49 23.75
C THR B 32 -59.59 -5.64 22.40
N GLY B 33 -59.49 -6.80 21.77
CA GLY B 33 -59.94 -6.92 20.39
C GLY B 33 -59.15 -6.07 19.43
N VAL B 34 -57.93 -5.70 19.78
CA VAL B 34 -57.04 -4.95 18.90
C VAL B 34 -55.87 -5.82 18.52
N HIS B 35 -55.63 -5.95 17.21
CA HIS B 35 -54.42 -6.59 16.72
C HIS B 35 -53.37 -5.51 16.45
N ILE B 36 -52.17 -5.71 16.99
CA ILE B 36 -51.07 -4.79 16.72
C ILE B 36 -50.16 -5.44 15.68
N ASP B 37 -49.86 -4.70 14.62
CA ASP B 37 -48.84 -5.09 13.65
C ASP B 37 -47.54 -4.41 14.05
N TRP B 38 -46.55 -5.19 14.48
CA TRP B 38 -45.35 -4.65 15.13
C TRP B 38 -44.22 -4.49 14.12
N THR B 39 -43.52 -3.35 14.21
CA THR B 39 -42.16 -3.19 13.69
C THR B 39 -41.26 -3.24 14.91
N ASN B 40 -40.58 -4.37 15.10
CA ASN B 40 -39.87 -4.71 16.33
C ASN B 40 -38.37 -4.66 16.07
N TYR B 41 -37.70 -3.62 16.56
CA TYR B 41 -36.26 -3.52 16.42
C TYR B 41 -35.57 -4.05 17.68
N GLN B 42 -34.70 -5.03 17.50
CA GLN B 42 -34.05 -5.68 18.63
C GLN B 42 -32.57 -5.34 18.74
N SER B 43 -32.04 -4.54 17.82
CA SER B 43 -30.76 -3.88 18.04
C SER B 43 -30.82 -2.49 17.40
N ASP B 44 -30.10 -1.55 18.02
CA ASP B 44 -29.98 -0.18 17.51
C ASP B 44 -31.36 0.44 17.22
N PHE B 45 -32.28 0.21 18.16
CA PHE B 45 -33.64 0.75 18.01
C PHE B 45 -33.64 2.25 17.72
N ALA B 46 -32.81 3.02 18.42
CA ALA B 46 -32.92 4.48 18.30
C ALA B 46 -32.47 4.95 16.92
N GLU B 47 -31.36 4.39 16.43
CA GLU B 47 -30.92 4.71 15.07
C GLU B 47 -31.96 4.30 14.03
N LYS B 48 -32.50 3.09 14.13
CA LYS B 48 -33.49 2.67 13.15
C LYS B 48 -34.82 3.43 13.30
N ARG B 49 -35.22 3.76 14.53
CA ARG B 49 -36.39 4.61 14.74
C ARG B 49 -36.20 5.95 14.05
N ASN B 50 -35.05 6.57 14.29
CA ASN B 50 -34.74 7.87 13.68
C ASN B 50 -34.76 7.76 12.17
N LEU B 51 -34.23 6.66 11.64
CA LEU B 51 -34.29 6.46 10.20
C LEU B 51 -35.73 6.44 9.72
N ASP B 52 -36.61 5.71 10.41
CA ASP B 52 -38.01 5.68 10.03
C ASP B 52 -38.63 7.08 10.08
N ILE B 53 -38.35 7.84 11.13
CA ILE B 53 -38.94 9.17 11.25
C ILE B 53 -38.42 10.06 10.13
N SER B 54 -37.09 10.10 9.95
CA SER B 54 -36.50 10.96 8.93
C SER B 54 -37.04 10.65 7.53
N SER B 55 -37.41 9.41 7.27
CA SER B 55 -37.87 9.04 5.94
C SER B 55 -39.39 9.12 5.82
N GLY B 56 -40.09 9.56 6.85
CA GLY B 56 -41.54 9.65 6.78
C GLY B 56 -42.27 8.33 6.88
N ASP B 57 -41.60 7.27 7.31
CA ASP B 57 -42.21 5.95 7.41
C ASP B 57 -42.77 5.77 8.82
N LEU B 58 -43.91 6.54 9.11
CA LEU B 58 -44.31 6.64 10.51
C LEU B 58 -45.32 5.55 10.86
N PRO B 59 -45.20 4.96 12.05
CA PRO B 59 -46.22 4.05 12.55
C PRO B 59 -47.38 4.85 13.13
N ASP B 60 -48.39 4.14 13.65
CA ASP B 60 -49.42 4.82 14.43
C ASP B 60 -48.86 5.30 15.75
N ALA B 61 -47.87 4.59 16.28
CA ALA B 61 -47.32 4.90 17.59
C ALA B 61 -45.95 4.25 17.72
N ILE B 62 -45.13 4.80 18.62
CA ILE B 62 -43.85 4.20 18.97
C ILE B 62 -43.93 3.74 20.42
N HIS B 63 -43.83 2.43 20.60
CA HIS B 63 -44.04 1.74 21.86
C HIS B 63 -42.69 1.41 22.48
N ASN B 64 -42.57 1.53 23.81
CA ASN B 64 -41.31 1.24 24.50
C ASN B 64 -40.20 2.15 23.97
N ASP B 65 -40.55 3.41 23.69
CA ASP B 65 -39.73 4.28 22.85
C ASP B 65 -38.46 4.77 23.55
N GLY B 66 -38.59 5.36 24.74
CA GLY B 66 -37.41 5.81 25.47
C GLY B 66 -36.65 6.97 24.87
N ALA B 67 -37.32 7.87 24.18
CA ALA B 67 -36.65 9.02 23.57
C ALA B 67 -36.11 9.98 24.63
N SER B 68 -35.05 10.70 24.26
CA SER B 68 -34.56 11.77 25.12
C SER B 68 -35.48 12.98 25.02
N ASP B 69 -35.38 13.86 26.02
CA ASP B 69 -36.24 15.04 26.04
C ASP B 69 -36.08 15.85 24.77
N VAL B 70 -34.84 16.01 24.30
CA VAL B 70 -34.63 16.85 23.12
C VAL B 70 -35.36 16.25 21.91
N ASP B 71 -35.29 14.93 21.74
CA ASP B 71 -35.98 14.29 20.62
C ASP B 71 -37.49 14.50 20.73
N LEU B 72 -38.03 14.28 21.93
CA LEU B 72 -39.45 14.48 22.19
C LEU B 72 -39.92 15.86 21.75
N MET B 73 -39.25 16.90 22.24
CA MET B 73 -39.71 18.25 21.95
C MET B 73 -39.52 18.58 20.47
N ASN B 74 -38.44 18.07 19.87
CA ASN B 74 -38.25 18.31 18.43
C ASN B 74 -39.35 17.63 17.62
N TRP B 75 -39.68 16.37 17.93
CA TRP B 75 -40.81 15.72 17.27
C TRP B 75 -42.10 16.49 17.51
N ALA B 76 -42.31 16.97 18.74
CA ALA B 76 -43.51 17.74 19.02
C ALA B 76 -43.55 19.02 18.18
N LYS B 77 -42.44 19.76 18.17
CA LYS B 77 -42.42 21.04 17.45
C LYS B 77 -42.64 20.84 15.95
N LYS B 78 -42.08 19.78 15.37
CA LYS B 78 -42.27 19.53 13.96
C LYS B 78 -43.53 18.71 13.68
N GLY B 79 -44.33 18.41 14.70
CA GLY B 79 -45.56 17.69 14.44
C GLY B 79 -45.39 16.24 14.04
N VAL B 80 -44.28 15.61 14.42
CA VAL B 80 -44.13 14.17 14.23
C VAL B 80 -45.01 13.40 15.20
N ILE B 81 -45.10 13.89 16.44
CA ILE B 81 -45.98 13.36 17.47
C ILE B 81 -46.98 14.45 17.88
N ILE B 82 -48.02 14.04 18.61
CA ILE B 82 -49.13 14.90 19.01
C ILE B 82 -49.20 15.05 20.52
N PRO B 83 -49.68 16.17 21.05
CA PRO B 83 -49.95 16.23 22.49
C PRO B 83 -51.09 15.29 22.82
N VAL B 84 -51.08 14.76 24.04
CA VAL B 84 -52.02 13.72 24.43
C VAL B 84 -52.85 14.05 25.67
N GLU B 85 -52.72 15.27 26.25
CA GLU B 85 -53.45 15.54 27.49
C GLU B 85 -54.97 15.44 27.32
N ASP B 86 -55.50 15.90 26.18
CA ASP B 86 -56.93 15.74 25.96
C ASP B 86 -57.31 14.26 25.87
N LEU B 87 -56.46 13.44 25.24
CA LEU B 87 -56.72 12.01 25.14
C LEU B 87 -56.81 11.38 26.52
N ILE B 88 -55.84 11.72 27.38
CA ILE B 88 -55.85 11.24 28.76
C ILE B 88 -57.17 11.60 29.43
N ASP B 89 -57.56 12.88 29.35
CA ASP B 89 -58.78 13.32 30.02
C ASP B 89 -60.01 12.62 29.46
N LYS B 90 -60.05 12.42 28.15
CA LYS B 90 -61.26 11.89 27.51
C LYS B 90 -61.38 10.37 27.59
N TYR B 91 -60.29 9.61 27.55
CA TYR B 91 -60.41 8.18 27.29
C TYR B 91 -59.69 7.25 28.24
N MET B 92 -58.96 7.75 29.24
CA MET B 92 -57.98 6.92 29.94
C MET B 92 -58.23 6.91 31.45
N PRO B 93 -59.23 6.15 31.93
CA PRO B 93 -59.55 6.18 33.37
C PRO B 93 -58.50 5.55 34.26
N ASN B 94 -57.74 4.56 33.79
CA ASN B 94 -56.69 4.00 34.64
C ASN B 94 -55.58 5.01 34.84
N LEU B 95 -55.08 5.60 33.76
CA LEU B 95 -54.02 6.58 33.88
C LEU B 95 -54.49 7.79 34.68
N LYS B 96 -55.69 8.28 34.39
CA LYS B 96 -56.28 9.37 35.17
C LYS B 96 -56.32 9.02 36.66
N LYS B 97 -56.65 7.78 36.99
CA LYS B 97 -56.68 7.40 38.40
C LYS B 97 -55.29 7.45 39.01
N ILE B 98 -54.27 7.05 38.25
CA ILE B 98 -52.90 7.07 38.76
C ILE B 98 -52.43 8.50 39.00
N LEU B 99 -52.64 9.36 37.99
CA LEU B 99 -52.13 10.73 38.06
C LEU B 99 -52.82 11.56 39.13
N ASP B 100 -54.03 11.19 39.54
CA ASP B 100 -54.67 11.94 40.63
C ASP B 100 -54.24 11.43 41.99
N GLU B 101 -54.00 10.13 42.12
CA GLU B 101 -53.46 9.61 43.37
C GLU B 101 -51.99 9.95 43.56
N LYS B 102 -51.29 10.33 42.48
CA LYS B 102 -49.85 10.62 42.52
C LYS B 102 -49.56 11.80 41.60
N PRO B 103 -49.94 13.01 42.02
CA PRO B 103 -49.91 14.16 41.10
C PRO B 103 -48.52 14.58 40.66
N GLU B 104 -47.46 14.17 41.35
CA GLU B 104 -46.12 14.56 40.93
C GLU B 104 -45.74 13.97 39.58
N TYR B 105 -46.35 12.84 39.19
CA TYR B 105 -46.03 12.26 37.88
C TYR B 105 -46.64 13.10 36.76
N LYS B 106 -47.84 13.64 37.02
CA LYS B 106 -48.46 14.57 36.07
C LYS B 106 -47.53 15.73 35.77
N ALA B 107 -46.93 16.31 36.82
CA ALA B 107 -45.97 17.38 36.61
C ALA B 107 -44.77 16.88 35.81
N LEU B 108 -44.32 15.66 36.09
CA LEU B 108 -43.17 15.11 35.38
C LEU B 108 -43.48 14.81 33.92
N MET B 109 -44.76 14.60 33.57
CA MET B 109 -45.14 14.32 32.19
C MET B 109 -45.33 15.58 31.38
N THR B 110 -45.45 16.74 32.02
CA THR B 110 -45.91 17.96 31.35
C THR B 110 -44.72 18.80 30.90
N ALA B 111 -44.67 19.12 29.60
CA ALA B 111 -43.60 19.94 29.07
C ALA B 111 -43.80 21.40 29.51
N PRO B 112 -42.75 22.25 29.39
CA PRO B 112 -42.93 23.66 29.76
C PRO B 112 -43.98 24.39 28.94
N ASP B 113 -44.31 23.94 27.73
CA ASP B 113 -45.40 24.56 26.99
C ASP B 113 -46.79 24.09 27.46
N GLY B 114 -46.88 23.32 28.54
CA GLY B 114 -48.16 22.92 29.10
C GLY B 114 -48.78 21.66 28.51
N HIS B 115 -48.23 21.09 27.45
CA HIS B 115 -48.76 19.85 26.89
C HIS B 115 -48.07 18.64 27.50
N ILE B 116 -48.70 17.48 27.34
CA ILE B 116 -48.09 16.18 27.57
C ILE B 116 -47.88 15.53 26.21
N TYR B 117 -46.69 14.95 26.02
CA TYR B 117 -46.30 14.37 24.74
C TYR B 117 -46.00 12.88 24.79
N SER B 118 -46.00 12.25 25.95
CA SER B 118 -45.65 10.83 25.99
C SER B 118 -46.26 10.21 27.23
N PHE B 119 -46.22 8.87 27.26
CA PHE B 119 -46.80 8.13 28.35
C PHE B 119 -45.68 7.44 29.11
N PRO B 120 -45.60 7.60 30.42
CA PRO B 120 -44.38 7.21 31.14
C PRO B 120 -44.38 5.76 31.59
N TRP B 121 -43.18 5.32 31.93
CA TRP B 121 -42.98 4.15 32.80
C TRP B 121 -42.79 4.66 34.22
N ILE B 122 -43.57 4.11 35.16
CA ILE B 122 -43.47 4.43 36.58
C ILE B 122 -43.24 3.13 37.34
N GLU B 123 -42.23 3.11 38.21
CA GLU B 123 -41.96 1.91 39.02
C GLU B 123 -41.38 2.35 40.36
N GLU B 124 -42.16 2.18 41.43
CA GLU B 124 -41.77 2.64 42.77
C GLU B 124 -41.06 1.53 43.54
N LEU B 125 -39.74 1.67 43.70
CA LEU B 125 -38.91 0.73 44.47
C LEU B 125 -37.92 1.58 45.26
N GLY B 126 -38.30 1.91 46.50
CA GLY B 126 -37.53 2.85 47.30
C GLY B 126 -37.76 4.28 46.85
N ASP B 127 -37.30 5.21 47.67
CA ASP B 127 -37.47 6.64 47.46
C ASP B 127 -36.30 7.38 48.10
N GLY B 128 -35.87 8.46 47.46
CA GLY B 128 -34.71 9.19 47.93
C GLY B 128 -33.47 8.35 47.85
N LYS B 129 -32.63 8.46 48.89
CA LYS B 129 -31.35 7.73 48.89
C LYS B 129 -31.57 6.22 48.83
N GLU B 130 -32.71 5.75 49.30
CA GLU B 130 -33.03 4.33 49.27
C GLU B 130 -33.58 3.86 47.92
N SER B 131 -33.75 4.74 46.94
CA SER B 131 -34.17 4.31 45.62
C SER B 131 -33.29 3.19 45.09
N ILE B 132 -33.91 2.19 44.47
CA ILE B 132 -33.12 1.11 43.89
C ILE B 132 -32.18 1.65 42.83
N HIS B 133 -32.44 2.86 42.31
CA HIS B 133 -31.63 3.46 41.27
C HIS B 133 -30.47 4.28 41.80
N SER B 134 -30.36 4.41 43.14
CA SER B 134 -29.34 5.29 43.74
C SER B 134 -27.95 4.90 43.30
N VAL B 135 -27.71 3.60 43.14
CA VAL B 135 -26.46 3.06 42.63
C VAL B 135 -26.79 2.04 41.55
N ASN B 136 -26.17 2.18 40.37
CA ASN B 136 -26.39 1.22 39.29
C ASN B 136 -25.21 0.25 39.17
N ASP B 137 -23.97 0.74 39.09
CA ASP B 137 -22.81 -0.13 38.88
C ASP B 137 -22.17 -0.57 40.21
N MET B 138 -22.91 -1.41 40.93
CA MET B 138 -22.40 -1.99 42.17
C MET B 138 -21.12 -2.79 41.93
N ALA B 139 -20.22 -2.78 42.92
CA ALA B 139 -18.99 -3.55 42.86
C ALA B 139 -19.18 -4.87 43.61
N TRP B 140 -18.67 -5.95 43.03
CA TRP B 140 -18.77 -7.28 43.61
C TRP B 140 -17.39 -7.91 43.71
N ILE B 141 -17.21 -8.78 44.70
CA ILE B 141 -15.90 -9.35 44.97
C ILE B 141 -16.04 -10.83 45.27
N ASN B 142 -15.10 -11.61 44.76
CA ASN B 142 -15.09 -13.06 44.94
C ASN B 142 -14.64 -13.35 46.37
N LYS B 143 -15.61 -13.69 47.23
CA LYS B 143 -15.29 -13.99 48.63
C LYS B 143 -14.61 -15.34 48.78
N ASP B 144 -14.88 -16.27 47.87
CA ASP B 144 -14.16 -17.53 47.88
C ASP B 144 -12.67 -17.29 47.79
N TRP B 145 -12.25 -16.42 46.87
CA TRP B 145 -10.83 -16.15 46.71
C TRP B 145 -10.25 -15.50 47.97
N LEU B 146 -10.98 -14.56 48.56
CA LEU B 146 -10.53 -14.02 49.85
C LEU B 146 -10.31 -15.14 50.85
N LYS B 147 -11.24 -16.10 50.92
CA LYS B 147 -11.16 -17.14 51.93
C LYS B 147 -10.07 -18.16 51.61
N LYS B 148 -9.90 -18.50 50.32
CA LYS B 148 -8.83 -19.43 49.99
C LYS B 148 -7.46 -18.82 50.25
N LEU B 149 -7.33 -17.50 50.13
CA LEU B 149 -6.05 -16.84 50.31
C LEU B 149 -5.84 -16.34 51.73
N GLY B 150 -6.81 -16.55 52.61
CA GLY B 150 -6.71 -16.07 53.97
C GLY B 150 -6.62 -14.56 54.06
N LEU B 151 -7.47 -13.85 53.30
CA LEU B 151 -7.45 -12.40 53.27
C LEU B 151 -8.71 -11.82 53.91
N GLU B 152 -8.57 -10.65 54.51
CA GLU B 152 -9.77 -9.97 54.99
C GLU B 152 -10.38 -9.18 53.84
N MET B 153 -11.67 -8.89 54.00
CA MET B 153 -12.36 -7.99 53.08
C MET B 153 -11.63 -6.66 53.04
N PRO B 154 -11.25 -6.16 51.87
CA PRO B 154 -10.58 -4.85 51.82
C PRO B 154 -11.50 -3.76 52.35
N LYS B 155 -10.92 -2.81 53.07
CA LYS B 155 -11.68 -1.68 53.59
C LYS B 155 -11.15 -0.35 53.10
N THR B 156 -10.00 -0.32 52.43
CA THR B 156 -9.44 0.89 51.83
C THR B 156 -9.06 0.61 50.38
N THR B 157 -8.82 1.68 49.62
CA THR B 157 -8.33 1.50 48.26
C THR B 157 -6.94 0.87 48.25
N ASP B 158 -6.13 1.12 49.29
CA ASP B 158 -4.83 0.47 49.36
C ASP B 158 -4.95 -1.02 49.71
N ASP B 159 -5.95 -1.39 50.51
CA ASP B 159 -6.27 -2.80 50.69
C ASP B 159 -6.67 -3.45 49.37
N LEU B 160 -7.47 -2.75 48.57
CA LEU B 160 -7.97 -3.34 47.33
C LEU B 160 -6.84 -3.72 46.39
N ILE B 161 -5.84 -2.84 46.27
CA ILE B 161 -4.71 -3.14 45.41
C ILE B 161 -3.99 -4.40 45.90
N LYS B 162 -3.76 -4.50 47.22
CA LYS B 162 -3.08 -5.67 47.76
C LYS B 162 -3.89 -6.93 47.49
N VAL B 163 -5.20 -6.85 47.67
CA VAL B 163 -6.08 -7.98 47.42
C VAL B 163 -6.04 -8.38 45.94
N LEU B 164 -6.15 -7.38 45.05
CA LEU B 164 -6.13 -7.67 43.62
C LEU B 164 -4.79 -8.28 43.20
N GLU B 165 -3.70 -7.83 43.83
CA GLU B 165 -2.39 -8.43 43.56
C GLU B 165 -2.35 -9.87 44.04
N ALA B 166 -2.97 -10.17 45.19
CA ALA B 166 -3.07 -11.55 45.64
C ALA B 166 -3.93 -12.39 44.70
N PHE B 167 -4.96 -11.78 44.12
CA PHE B 167 -5.75 -12.49 43.12
C PHE B 167 -4.90 -12.79 41.88
N LYS B 168 -4.07 -11.84 41.45
CA LYS B 168 -3.33 -12.01 40.20
C LYS B 168 -2.30 -13.12 40.30
N ASN B 169 -1.61 -13.21 41.44
CA ASN B 169 -0.48 -14.11 41.56
C ASN B 169 -0.77 -15.34 42.41
N GLY B 170 -1.77 -15.27 43.28
CA GLY B 170 -1.92 -16.30 44.28
C GLY B 170 -2.65 -17.55 43.88
N ASP B 171 -3.08 -17.69 42.62
CA ASP B 171 -3.83 -18.83 42.11
C ASP B 171 -4.94 -19.26 43.08
N PRO B 172 -5.87 -18.37 43.41
CA PRO B 172 -6.88 -18.73 44.41
C PRO B 172 -7.91 -19.72 43.90
N ASN B 173 -8.11 -19.86 42.57
CA ASN B 173 -8.97 -20.95 42.13
C ASN B 173 -8.22 -22.28 42.04
N GLY B 174 -6.90 -22.27 42.24
CA GLY B 174 -6.13 -23.48 42.48
C GLY B 174 -5.95 -24.41 41.30
N ASN B 175 -5.70 -23.87 40.11
CA ASN B 175 -5.40 -24.70 38.95
C ASN B 175 -3.98 -24.53 38.45
N GLY B 176 -3.15 -23.79 39.20
CA GLY B 176 -1.77 -23.57 38.79
C GLY B 176 -1.60 -22.75 37.53
N GLU B 177 -2.56 -21.87 37.22
CA GLU B 177 -2.42 -20.98 36.08
C GLU B 177 -3.01 -19.62 36.41
N ALA B 178 -2.39 -18.58 35.84
CA ALA B 178 -2.84 -17.21 36.05
C ALA B 178 -4.02 -16.93 35.12
N ASP B 179 -5.13 -17.61 35.42
CA ASP B 179 -6.38 -17.33 34.73
C ASP B 179 -7.28 -16.39 35.52
N GLU B 180 -6.91 -16.07 36.76
CA GLU B 180 -7.67 -15.11 37.54
C GLU B 180 -7.61 -13.74 36.89
N ILE B 181 -8.78 -13.11 36.74
CA ILE B 181 -8.87 -11.73 36.27
C ILE B 181 -9.18 -10.87 37.50
N PRO B 182 -8.23 -10.12 38.03
CA PRO B 182 -8.49 -9.42 39.30
C PRO B 182 -9.59 -8.37 39.22
N PHE B 183 -9.66 -7.62 38.12
CA PHE B 183 -10.52 -6.44 38.10
C PHE B 183 -11.07 -6.28 36.70
N SER B 184 -12.39 -6.24 36.57
CA SER B 184 -12.96 -6.14 35.23
C SER B 184 -14.21 -5.29 35.26
N PHE B 185 -14.63 -4.85 34.08
CA PHE B 185 -15.71 -3.89 33.91
C PHE B 185 -15.98 -3.79 32.41
N ILE B 186 -17.08 -3.12 32.08
CA ILE B 186 -17.38 -2.73 30.71
C ILE B 186 -17.41 -1.22 30.73
N SER B 187 -16.42 -0.60 30.09
CA SER B 187 -16.20 0.84 30.21
C SER B 187 -17.30 1.64 29.51
N GLY B 188 -17.75 2.69 30.17
CA GLY B 188 -18.71 3.62 29.59
C GLY B 188 -19.82 3.99 30.55
N ASN B 189 -21.01 4.31 30.04
CA ASN B 189 -22.19 4.45 30.90
C ASN B 189 -22.69 3.07 31.32
N GLY B 190 -23.50 3.05 32.37
CA GLY B 190 -24.28 1.86 32.67
C GLY B 190 -23.72 1.01 33.79
N ASN B 191 -24.33 -0.17 33.92
CA ASN B 191 -24.24 -0.93 35.16
C ASN B 191 -22.90 -1.63 35.35
N GLU B 192 -22.11 -1.82 34.29
CA GLU B 192 -20.87 -2.58 34.41
C GLU B 192 -19.64 -1.68 34.42
N ASP B 193 -19.82 -0.35 34.47
CA ASP B 193 -18.68 0.56 34.51
C ASP B 193 -18.07 0.62 35.92
N PHE B 194 -16.83 1.13 35.99
CA PHE B 194 -16.10 1.22 37.25
C PHE B 194 -16.22 2.58 37.96
N LYS B 195 -16.99 3.53 37.45
CA LYS B 195 -16.94 4.88 38.03
C LYS B 195 -17.43 4.90 39.46
N PHE B 196 -18.16 3.87 39.89
CA PHE B 196 -18.61 3.78 41.26
C PHE B 196 -17.46 3.93 42.25
N LEU B 197 -16.25 3.53 41.85
CA LEU B 197 -15.11 3.61 42.76
C LEU B 197 -14.50 5.00 42.87
N PHE B 198 -14.87 5.94 41.99
CA PHE B 198 -14.27 7.26 42.06
C PHE B 198 -14.64 7.98 43.36
N ALA B 199 -15.75 7.59 43.98
CA ALA B 199 -16.18 8.28 45.20
C ALA B 199 -15.24 8.04 46.37
N ALA B 200 -14.44 6.96 46.34
CA ALA B 200 -13.41 6.77 47.37
C ALA B 200 -12.36 7.88 47.34
N PHE B 201 -12.40 8.77 46.37
CA PHE B 201 -11.51 9.91 46.33
C PHE B 201 -12.27 11.21 46.59
N GLY B 202 -13.46 11.12 47.18
CA GLY B 202 -14.36 12.25 47.33
C GLY B 202 -15.20 12.50 46.08
N ILE B 203 -16.49 12.81 46.28
CA ILE B 203 -17.43 13.29 45.26
C ILE B 203 -17.86 12.19 44.30
N GLY B 204 -16.90 11.60 43.60
CA GLY B 204 -17.24 10.49 42.72
C GLY B 204 -17.80 10.94 41.38
N ASP B 205 -18.63 10.08 40.80
CA ASP B 205 -19.03 10.28 39.41
C ASP B 205 -20.31 9.50 39.15
N ASN B 206 -21.03 9.88 38.10
CA ASN B 206 -22.18 9.08 37.67
C ASN B 206 -22.30 9.21 36.16
N ASP B 207 -23.36 8.63 35.60
CA ASP B 207 -23.46 8.66 34.14
C ASP B 207 -23.81 10.05 33.60
N ASP B 208 -24.35 10.93 34.43
CA ASP B 208 -24.55 12.31 34.02
C ASP B 208 -23.31 13.16 34.22
N HIS B 209 -22.31 12.63 34.95
CA HIS B 209 -21.17 13.43 35.40
C HIS B 209 -21.66 14.69 36.14
N LEU B 210 -22.77 14.55 36.86
CA LEU B 210 -23.38 15.70 37.51
C LEU B 210 -23.96 15.27 38.85
N VAL B 211 -23.49 15.89 39.93
CA VAL B 211 -24.07 15.73 41.25
C VAL B 211 -24.48 17.11 41.79
N VAL B 212 -25.09 17.14 42.97
CA VAL B 212 -25.56 18.37 43.61
C VAL B 212 -24.94 18.45 45.00
N GLY B 213 -24.11 19.46 45.22
CA GLY B 213 -23.50 19.63 46.52
C GLY B 213 -24.50 20.08 47.57
N ASN B 214 -24.13 19.89 48.84
CA ASN B 214 -24.97 20.32 49.96
C ASN B 214 -25.04 21.81 50.12
N ASP B 215 -24.30 22.55 49.30
CA ASP B 215 -24.47 23.99 49.17
C ASP B 215 -25.46 24.35 48.07
N GLY B 216 -26.13 23.36 47.48
CA GLY B 216 -27.09 23.60 46.43
C GLY B 216 -26.51 23.88 45.06
N LYS B 217 -25.21 23.76 44.88
CA LYS B 217 -24.59 24.05 43.59
C LYS B 217 -24.37 22.76 42.81
N VAL B 218 -24.80 22.75 41.55
CA VAL B 218 -24.57 21.56 40.74
C VAL B 218 -23.08 21.44 40.43
N ASP B 219 -22.57 20.22 40.46
CA ASP B 219 -21.15 19.99 40.23
C ASP B 219 -20.98 19.01 39.08
N PHE B 220 -20.29 19.47 38.03
CA PHE B 220 -19.81 18.59 36.98
C PHE B 220 -18.63 17.79 37.53
N THR B 221 -18.77 16.46 37.60
CA THR B 221 -17.79 15.63 38.30
C THR B 221 -16.51 15.45 37.50
N ALA B 222 -16.59 15.41 36.17
CA ALA B 222 -15.46 14.98 35.36
C ALA B 222 -14.39 16.06 35.17
N ASP B 223 -14.45 17.18 35.88
CA ASP B 223 -13.34 18.12 35.90
C ASP B 223 -12.81 18.35 37.32
N ASN B 224 -13.18 17.50 38.28
CA ASN B 224 -12.72 17.62 39.65
C ASN B 224 -11.37 16.94 39.83
N ASP B 225 -10.56 17.48 40.75
CA ASP B 225 -9.32 16.81 41.11
C ASP B 225 -9.58 15.42 41.70
N ASN B 226 -10.72 15.26 42.39
CA ASN B 226 -11.11 13.94 42.88
C ASN B 226 -11.20 12.95 41.75
N TYR B 227 -11.77 13.39 40.63
CA TYR B 227 -11.95 12.57 39.45
C TYR B 227 -10.60 12.24 38.83
N LYS B 228 -9.71 13.24 38.75
CA LYS B 228 -8.36 12.98 38.28
C LYS B 228 -7.69 11.91 39.13
N GLU B 229 -7.87 11.99 40.46
CA GLU B 229 -7.31 10.97 41.35
C GLU B 229 -7.95 9.60 41.13
N GLY B 230 -9.24 9.56 40.82
CA GLY B 230 -9.87 8.31 40.49
C GLY B 230 -9.32 7.71 39.21
N VAL B 231 -9.01 8.54 38.21
CA VAL B 231 -8.40 8.01 37.00
C VAL B 231 -7.01 7.49 37.30
N LYS B 232 -6.24 8.21 38.12
CA LYS B 232 -4.89 7.76 38.48
C LYS B 232 -4.92 6.44 39.25
N PHE B 233 -5.97 6.20 40.04
CA PHE B 233 -6.09 4.91 40.70
C PHE B 233 -6.30 3.78 39.68
N ILE B 234 -7.23 3.97 38.74
CA ILE B 234 -7.48 2.91 37.76
C ILE B 234 -6.22 2.72 36.90
N ARG B 235 -5.51 3.81 36.62
CA ARG B 235 -4.23 3.71 35.92
C ARG B 235 -3.23 2.85 36.69
N GLN B 236 -3.24 2.93 38.03
CA GLN B 236 -2.31 2.10 38.80
C GLN B 236 -2.64 0.62 38.67
N LEU B 237 -3.94 0.30 38.60
CA LEU B 237 -4.34 -1.10 38.43
C LEU B 237 -3.97 -1.59 37.05
N GLN B 238 -4.06 -0.73 36.05
CA GLN B 238 -3.61 -1.08 34.71
C GLN B 238 -2.11 -1.28 34.67
N GLU B 239 -1.36 -0.38 35.32
CA GLU B 239 0.10 -0.50 35.37
C GLU B 239 0.53 -1.80 36.04
N LYS B 240 -0.17 -2.22 37.08
CA LYS B 240 0.16 -3.43 37.80
C LYS B 240 -0.45 -4.67 37.17
N GLY B 241 -0.90 -4.60 35.91
CA GLY B 241 -1.47 -5.75 35.24
C GLY B 241 -2.66 -6.38 35.95
N LEU B 242 -3.47 -5.56 36.61
CA LEU B 242 -4.61 -6.06 37.40
C LEU B 242 -5.91 -6.03 36.63
N ILE B 243 -5.99 -5.34 35.50
CA ILE B 243 -7.23 -5.14 34.76
C ILE B 243 -7.31 -6.17 33.64
N ASP B 244 -8.51 -6.74 33.45
CA ASP B 244 -8.90 -7.50 32.27
C ASP B 244 -8.29 -6.95 30.99
N LYS B 245 -7.51 -7.77 30.26
CA LYS B 245 -6.79 -7.28 29.09
C LYS B 245 -7.72 -6.81 27.98
N GLU B 246 -8.98 -7.25 28.00
CA GLU B 246 -9.94 -6.86 26.98
C GLU B 246 -11.03 -5.94 27.53
N ALA B 247 -10.77 -5.31 28.69
CA ALA B 247 -11.82 -4.55 29.38
C ALA B 247 -12.37 -3.40 28.52
N PHE B 248 -11.53 -2.81 27.68
CA PHE B 248 -12.04 -1.74 26.83
C PHE B 248 -12.49 -2.24 25.47
N GLU B 249 -12.41 -3.56 25.23
CA GLU B 249 -12.85 -4.15 23.98
C GLU B 249 -14.08 -5.05 24.12
N HIS B 250 -14.19 -5.83 25.19
CA HIS B 250 -15.16 -6.92 25.22
C HIS B 250 -16.58 -6.38 25.31
N ASP B 251 -17.56 -7.29 25.28
CA ASP B 251 -18.95 -6.92 25.36
C ASP B 251 -19.65 -7.73 26.44
N TRP B 252 -20.96 -7.50 26.58
CA TRP B 252 -21.72 -8.13 27.67
C TRP B 252 -21.66 -9.65 27.60
N ASN B 253 -21.79 -10.23 26.41
CA ASN B 253 -21.77 -11.69 26.28
C ASN B 253 -20.43 -12.26 26.71
N SER B 254 -19.34 -11.65 26.25
CA SER B 254 -18.01 -12.06 26.72
C SER B 254 -17.87 -11.81 28.22
N TYR B 255 -18.40 -10.69 28.69
CA TYR B 255 -18.32 -10.36 30.11
C TYR B 255 -18.96 -11.46 30.96
N ILE B 256 -20.19 -11.82 30.63
CA ILE B 256 -20.88 -12.80 31.46
C ILE B 256 -20.40 -14.23 31.19
N ALA B 257 -19.76 -14.50 30.05
CA ALA B 257 -19.10 -15.79 29.88
C ALA B 257 -17.93 -15.93 30.85
N LYS B 258 -17.15 -14.87 31.04
CA LYS B 258 -16.06 -14.95 31.99
C LYS B 258 -16.61 -14.97 33.41
N GLY B 259 -17.68 -14.23 33.66
CA GLY B 259 -18.30 -14.25 34.97
C GLY B 259 -18.91 -15.59 35.32
N HIS B 260 -19.57 -16.23 34.35
CA HIS B 260 -20.09 -17.58 34.59
C HIS B 260 -18.96 -18.54 34.92
N ASP B 261 -17.78 -18.37 34.33
CA ASP B 261 -16.63 -19.20 34.69
C ASP B 261 -15.94 -18.73 35.97
N GLN B 262 -16.48 -17.72 36.64
CA GLN B 262 -15.95 -17.23 37.91
C GLN B 262 -14.47 -16.84 37.80
N LYS B 263 -14.11 -16.17 36.71
CA LYS B 263 -12.76 -15.69 36.48
C LYS B 263 -12.48 -14.34 37.14
N PHE B 264 -13.50 -13.63 37.59
CA PHE B 264 -13.38 -12.25 38.06
C PHE B 264 -13.04 -12.19 39.56
N GLY B 265 -12.13 -11.29 39.93
CA GLY B 265 -11.88 -11.04 41.34
C GLY B 265 -12.84 -9.98 41.86
N VAL B 266 -12.85 -8.85 41.17
CA VAL B 266 -13.74 -7.73 41.44
C VAL B 266 -14.31 -7.30 40.10
N TYR B 267 -15.63 -7.12 40.04
CA TYR B 267 -16.28 -6.69 38.81
C TYR B 267 -17.49 -5.84 39.18
N PHE B 268 -18.12 -5.24 38.16
CA PHE B 268 -19.22 -4.31 38.36
C PHE B 268 -20.43 -4.77 37.55
N THR B 269 -21.60 -4.78 38.18
CA THR B 269 -22.86 -5.05 37.49
C THR B 269 -24.01 -4.63 38.40
N TRP B 270 -25.21 -4.56 37.82
CA TRP B 270 -26.40 -4.25 38.61
C TRP B 270 -26.68 -5.35 39.64
N ASP B 271 -26.60 -6.61 39.24
CA ASP B 271 -26.99 -7.74 40.09
C ASP B 271 -26.12 -8.92 39.71
N LYS B 272 -25.37 -9.45 40.70
CA LYS B 272 -24.37 -10.49 40.42
C LYS B 272 -24.99 -11.74 39.81
N ASN B 273 -26.28 -11.98 40.07
CA ASN B 273 -26.96 -13.16 39.54
C ASN B 273 -27.00 -13.18 38.01
N ASN B 274 -26.81 -12.04 37.36
CA ASN B 274 -26.75 -11.99 35.90
C ASN B 274 -25.35 -12.25 35.36
N VAL B 275 -24.33 -12.21 36.20
CA VAL B 275 -22.97 -12.30 35.67
C VAL B 275 -22.27 -13.53 36.21
N THR B 276 -22.09 -13.61 37.53
CA THR B 276 -21.41 -14.74 38.14
C THR B 276 -22.36 -15.76 38.72
N GLY B 277 -23.66 -15.49 38.68
CA GLY B 277 -24.65 -16.49 39.00
C GLY B 277 -25.18 -16.39 40.41
N SER B 278 -26.06 -17.33 40.72
CA SER B 278 -26.74 -17.44 42.01
C SER B 278 -25.93 -18.38 42.90
N ASN B 279 -25.03 -17.80 43.66
CA ASN B 279 -24.13 -18.56 44.52
C ASN B 279 -23.55 -17.60 45.55
N GLU B 280 -22.92 -18.16 46.58
CA GLU B 280 -22.34 -17.33 47.62
C GLU B 280 -20.88 -17.03 47.38
N SER B 281 -20.35 -17.37 46.20
CA SER B 281 -18.94 -17.08 45.92
C SER B 281 -18.67 -15.59 45.86
N TYR B 282 -19.68 -14.80 45.51
CA TYR B 282 -19.50 -13.38 45.28
C TYR B 282 -20.41 -12.60 46.20
N ASP B 283 -19.93 -11.42 46.61
CA ASP B 283 -20.71 -10.60 47.51
C ASP B 283 -20.39 -9.13 47.24
N VAL B 284 -21.23 -8.26 47.81
CA VAL B 284 -21.03 -6.82 47.71
C VAL B 284 -19.64 -6.46 48.18
N LEU B 285 -18.96 -5.61 47.43
CA LEU B 285 -17.74 -5.01 47.91
C LEU B 285 -18.11 -3.83 48.80
N PRO B 286 -17.77 -3.85 50.09
CA PRO B 286 -18.15 -2.72 50.96
C PRO B 286 -17.55 -1.43 50.46
N VAL B 287 -18.21 -0.31 50.78
CA VAL B 287 -17.68 1.00 50.45
C VAL B 287 -16.26 1.11 51.00
N LEU B 288 -15.34 1.54 50.16
CA LEU B 288 -13.93 1.68 50.52
C LEU B 288 -13.58 3.09 50.98
N ALA B 289 -12.73 3.18 52.01
CA ALA B 289 -12.12 4.45 52.38
C ALA B 289 -10.94 4.73 51.45
N GLY B 290 -10.84 5.97 50.97
CA GLY B 290 -9.73 6.38 50.15
C GLY B 290 -8.50 6.72 50.97
N PRO B 291 -7.43 7.08 50.26
CA PRO B 291 -6.15 7.32 50.97
C PRO B 291 -6.24 8.39 52.03
N SER B 292 -7.05 9.43 51.81
CA SER B 292 -7.22 10.51 52.78
C SER B 292 -8.42 10.31 53.68
N GLY B 293 -9.03 9.12 53.67
CA GLY B 293 -10.20 8.88 54.47
C GLY B 293 -11.52 9.22 53.81
N GLN B 294 -11.52 9.64 52.54
CA GLN B 294 -12.78 9.87 51.86
C GLN B 294 -13.57 8.58 51.82
N LYS B 295 -14.84 8.65 52.17
CA LYS B 295 -15.69 7.46 52.16
C LYS B 295 -17.08 7.92 51.73
N HIS B 296 -17.41 7.64 50.47
CA HIS B 296 -18.54 8.30 49.84
C HIS B 296 -19.18 7.37 48.84
N VAL B 297 -20.48 7.50 48.69
CA VAL B 297 -21.18 6.94 47.55
C VAL B 297 -21.81 8.09 46.79
N ALA B 298 -21.47 8.23 45.52
CA ALA B 298 -22.11 9.23 44.68
C ALA B 298 -23.49 8.73 44.28
N ARG B 299 -24.46 9.62 44.33
CA ARG B 299 -25.83 9.29 43.94
C ARG B 299 -25.95 9.44 42.43
N THR B 300 -26.58 8.47 41.77
CA THR B 300 -27.03 8.71 40.40
C THR B 300 -28.22 9.64 40.42
N ASN B 301 -28.59 10.11 39.23
CA ASN B 301 -29.82 10.87 39.07
C ASN B 301 -30.95 10.00 38.53
N GLY B 302 -30.79 8.65 38.61
CA GLY B 302 -31.85 7.77 38.18
C GLY B 302 -33.00 7.70 39.15
N MET B 303 -34.13 7.21 38.64
CA MET B 303 -35.34 7.12 39.46
C MET B 303 -36.29 6.15 38.78
N GLY B 304 -37.36 5.81 39.50
CA GLY B 304 -38.36 4.89 38.96
C GLY B 304 -39.37 5.55 38.03
N PHE B 305 -38.88 6.34 37.06
CA PHE B 305 -39.74 7.10 36.15
C PHE B 305 -38.98 7.29 34.85
N ALA B 306 -39.66 7.01 33.73
CA ALA B 306 -39.14 7.30 32.40
C ALA B 306 -40.21 8.09 31.67
N ARG B 307 -39.85 9.27 31.18
CA ARG B 307 -40.84 10.18 30.61
C ARG B 307 -41.59 9.55 29.44
N ASP B 308 -40.88 8.86 28.57
CA ASP B 308 -41.46 8.43 27.30
C ASP B 308 -41.22 6.94 27.09
N LYS B 309 -42.25 6.13 27.31
CA LYS B 309 -42.31 4.76 26.84
C LYS B 309 -43.38 4.57 25.77
N MET B 310 -43.98 5.65 25.27
CA MET B 310 -44.95 5.57 24.19
C MET B 310 -45.29 6.96 23.66
N VAL B 311 -45.16 7.18 22.35
CA VAL B 311 -45.63 8.41 21.73
C VAL B 311 -46.61 8.07 20.63
N ILE B 312 -47.52 9.01 20.36
CA ILE B 312 -48.52 8.87 19.32
C ILE B 312 -48.12 9.78 18.16
N THR B 313 -48.13 9.24 16.94
CA THR B 313 -47.67 10.00 15.79
C THR B 313 -48.80 10.78 15.16
N SER B 314 -48.42 11.74 14.31
CA SER B 314 -49.39 12.58 13.62
C SER B 314 -50.11 11.85 12.50
N VAL B 315 -49.69 10.66 12.12
CA VAL B 315 -50.41 9.90 11.10
C VAL B 315 -51.40 8.95 11.73
N ASN B 316 -51.53 8.96 13.06
CA ASN B 316 -52.38 7.99 13.73
C ASN B 316 -53.84 8.24 13.39
N LYS B 317 -54.47 7.19 12.88
CA LYS B 317 -55.81 7.24 12.31
C LYS B 317 -56.90 7.23 13.38
N ASN B 318 -56.67 6.56 14.52
CA ASN B 318 -57.72 6.23 15.48
C ASN B 318 -57.21 6.55 16.87
N LEU B 319 -57.25 7.83 17.25
CA LEU B 319 -56.67 8.25 18.51
C LEU B 319 -57.44 7.66 19.70
N GLU B 320 -58.77 7.63 19.61
CA GLU B 320 -59.57 7.04 20.68
C GLU B 320 -59.20 5.58 20.91
N LEU B 321 -59.12 4.80 19.84
CA LEU B 321 -58.73 3.39 19.96
C LEU B 321 -57.33 3.27 20.55
N THR B 322 -56.38 4.07 20.04
CA THR B 322 -55.03 4.04 20.59
C THR B 322 -55.02 4.38 22.08
N ALA B 323 -55.76 5.43 22.46
CA ALA B 323 -55.76 5.88 23.85
C ALA B 323 -56.31 4.82 24.77
N LYS B 324 -57.37 4.13 24.34
CA LYS B 324 -57.96 3.09 25.19
C LYS B 324 -57.02 1.90 25.30
N TRP B 325 -56.33 1.56 24.20
CA TRP B 325 -55.34 0.50 24.22
C TRP B 325 -54.19 0.83 25.16
N ILE B 326 -53.70 2.08 25.11
CA ILE B 326 -52.67 2.50 26.04
C ILE B 326 -53.19 2.45 27.48
N ASP B 327 -54.46 2.84 27.69
CA ASP B 327 -54.98 2.86 29.05
C ASP B 327 -55.05 1.45 29.64
N ALA B 328 -55.28 0.44 28.79
CA ALA B 328 -55.28 -0.94 29.26
C ALA B 328 -53.93 -1.32 29.85
N GLN B 329 -52.86 -0.76 29.32
CA GLN B 329 -51.54 -1.04 29.87
C GLN B 329 -51.36 -0.47 31.27
N TYR B 330 -52.16 0.52 31.65
CA TYR B 330 -52.04 1.11 32.97
C TYR B 330 -52.93 0.41 34.00
N ALA B 331 -53.68 -0.61 33.59
CA ALA B 331 -54.39 -1.42 34.57
C ALA B 331 -53.36 -2.12 35.46
N PRO B 332 -53.58 -2.14 36.78
CA PRO B 332 -52.53 -2.62 37.69
C PRO B 332 -51.97 -4.00 37.37
N LEU B 333 -52.83 -5.02 37.18
CA LEU B 333 -52.31 -6.35 36.85
C LEU B 333 -51.58 -6.34 35.52
N GLN B 334 -52.07 -5.56 34.55
CA GLN B 334 -51.40 -5.46 33.26
C GLN B 334 -50.08 -4.73 33.35
N SER B 335 -50.02 -3.64 34.14
CA SER B 335 -48.76 -2.92 34.29
C SER B 335 -47.67 -3.81 34.87
N VAL B 336 -47.99 -4.50 35.96
CA VAL B 336 -47.04 -5.44 36.58
C VAL B 336 -46.52 -6.44 35.57
N GLN B 337 -47.41 -7.03 34.77
CA GLN B 337 -46.97 -8.07 33.83
C GLN B 337 -46.15 -7.48 32.68
N ASN B 338 -46.66 -6.40 32.06
CA ASN B 338 -45.87 -5.73 31.02
C ASN B 338 -44.47 -5.40 31.51
N ASN B 339 -44.35 -5.04 32.81
CA ASN B 339 -43.06 -4.67 33.37
C ASN B 339 -42.17 -5.89 33.59
N TRP B 340 -42.71 -6.95 34.22
CA TRP B 340 -41.86 -7.98 34.80
C TRP B 340 -42.01 -9.40 34.24
N GLY B 341 -43.10 -9.71 33.50
CA GLY B 341 -43.29 -11.04 32.98
C GLY B 341 -44.72 -11.52 33.25
N THR B 342 -44.97 -12.82 33.15
CA THR B 342 -46.36 -13.26 33.24
C THR B 342 -46.45 -14.61 33.97
N TYR B 343 -47.63 -15.22 33.88
CA TYR B 343 -47.99 -16.46 34.55
C TYR B 343 -48.58 -17.43 33.52
N GLY B 344 -48.68 -18.69 33.92
CA GLY B 344 -49.55 -19.61 33.23
C GLY B 344 -49.03 -20.20 31.94
N ASP B 345 -47.86 -19.76 31.46
CA ASP B 345 -47.25 -20.43 30.30
C ASP B 345 -46.96 -21.88 30.69
N ASP B 346 -47.66 -22.83 30.06
CA ASP B 346 -47.54 -24.23 30.46
C ASP B 346 -46.25 -24.88 30.00
N LYS B 347 -45.56 -24.28 29.05
CA LYS B 347 -44.31 -24.84 28.57
C LYS B 347 -43.09 -24.06 29.01
N GLN B 348 -43.14 -22.73 28.98
CA GLN B 348 -42.02 -21.90 29.39
C GLN B 348 -42.08 -21.56 30.88
N GLN B 349 -40.91 -21.25 31.44
CA GLN B 349 -40.86 -20.76 32.82
C GLN B 349 -41.71 -19.50 32.95
N ASN B 350 -42.20 -19.26 34.17
CA ASN B 350 -43.05 -18.11 34.44
C ASN B 350 -42.48 -17.29 35.58
N ILE B 351 -42.49 -15.97 35.40
CA ILE B 351 -42.09 -15.08 36.48
C ILE B 351 -43.12 -15.10 37.62
N PHE B 352 -44.40 -15.22 37.29
CA PHE B 352 -45.49 -15.12 38.25
C PHE B 352 -46.34 -16.38 38.27
N GLU B 353 -47.05 -16.56 39.38
CA GLU B 353 -48.28 -17.33 39.36
C GLU B 353 -49.42 -16.36 39.61
N LEU B 354 -50.60 -16.70 39.09
CA LEU B 354 -51.79 -15.90 39.29
C LEU B 354 -52.65 -16.59 40.33
N ASP B 355 -52.65 -16.07 41.55
CA ASP B 355 -53.59 -16.55 42.55
C ASP B 355 -54.98 -16.04 42.20
N GLN B 356 -55.84 -16.92 41.69
CA GLN B 356 -57.14 -16.48 41.20
C GLN B 356 -58.13 -16.19 42.33
N ALA B 357 -57.89 -16.70 43.54
CA ALA B 357 -58.72 -16.32 44.68
C ALA B 357 -58.57 -14.84 44.98
N SER B 358 -57.35 -14.42 45.33
CA SER B 358 -57.07 -13.01 45.61
C SER B 358 -56.96 -12.18 44.34
N ASN B 359 -56.87 -12.82 43.17
CA ASN B 359 -56.68 -12.13 41.89
C ASN B 359 -55.45 -11.21 41.94
N SER B 360 -54.36 -11.74 42.47
CA SER B 360 -53.09 -11.02 42.56
C SER B 360 -51.97 -11.90 42.04
N LEU B 361 -50.82 -11.27 41.75
CA LEU B 361 -49.66 -11.96 41.20
C LEU B 361 -48.66 -12.24 42.32
N LYS B 362 -48.05 -13.43 42.28
CA LYS B 362 -46.99 -13.79 43.20
C LYS B 362 -45.78 -14.26 42.41
N HIS B 363 -44.62 -13.66 42.67
CA HIS B 363 -43.39 -14.10 42.03
C HIS B 363 -43.06 -15.55 42.39
N LEU B 364 -42.55 -16.32 41.37
CA LEU B 364 -42.14 -17.69 41.54
C LEU B 364 -40.62 -17.79 41.71
N PRO B 365 -40.13 -18.79 42.44
CA PRO B 365 -38.67 -19.02 42.48
C PRO B 365 -38.20 -19.48 41.10
N LEU B 366 -37.08 -18.90 40.64
CA LEU B 366 -36.61 -19.17 39.30
C LEU B 366 -35.76 -20.42 39.21
N ASN B 367 -35.13 -20.84 40.31
CA ASN B 367 -34.36 -22.08 40.38
C ASN B 367 -33.17 -22.05 39.42
N GLY B 368 -32.33 -21.02 39.58
CA GLY B 368 -31.10 -20.89 38.84
C GLY B 368 -31.16 -19.94 37.67
N THR B 369 -32.34 -19.79 37.06
CA THR B 369 -32.50 -18.86 35.94
C THR B 369 -32.23 -17.45 36.41
N ALA B 370 -31.37 -16.75 35.66
CA ALA B 370 -31.13 -15.34 35.94
C ALA B 370 -32.43 -14.57 35.77
N PRO B 371 -32.75 -13.63 36.66
CA PRO B 371 -34.08 -12.98 36.56
C PRO B 371 -34.24 -12.22 35.26
N ALA B 372 -33.22 -11.42 34.94
CA ALA B 372 -33.24 -10.58 33.75
C ALA B 372 -33.44 -11.39 32.47
N GLU B 373 -33.03 -12.66 32.49
CA GLU B 373 -33.10 -13.46 31.27
C GLU B 373 -34.53 -13.90 30.96
N LEU B 374 -35.23 -14.46 31.95
CA LEU B 374 -36.65 -14.74 31.75
C LEU B 374 -37.44 -13.44 31.57
N ARG B 375 -37.04 -12.37 32.26
CA ARG B 375 -37.79 -11.13 32.13
C ARG B 375 -37.76 -10.64 30.70
N GLN B 376 -36.58 -10.56 30.10
CA GLN B 376 -36.52 -9.92 28.80
C GLN B 376 -37.10 -10.80 27.71
N LYS B 377 -37.29 -12.09 27.99
CA LYS B 377 -37.99 -12.97 27.07
C LYS B 377 -39.51 -12.78 27.13
N THR B 378 -40.05 -12.39 28.29
CA THR B 378 -41.49 -12.45 28.51
C THR B 378 -42.14 -11.11 28.87
N GLU B 379 -41.36 -10.10 29.26
CA GLU B 379 -41.92 -8.76 29.47
C GLU B 379 -42.31 -8.15 28.12
N VAL B 380 -43.00 -7.01 28.21
CA VAL B 380 -43.52 -6.26 27.07
C VAL B 380 -42.95 -4.84 27.06
N GLY B 381 -42.63 -4.30 28.24
CA GLY B 381 -42.14 -2.94 28.30
C GLY B 381 -43.29 -1.95 28.08
N GLY B 382 -42.97 -0.81 27.48
CA GLY B 382 -43.99 0.17 27.16
C GLY B 382 -44.42 0.98 28.37
N PRO B 383 -45.47 1.78 28.25
CA PRO B 383 -45.87 2.63 29.36
C PRO B 383 -46.67 1.82 30.37
N LEU B 384 -46.43 2.10 31.64
CA LEU B 384 -47.03 1.33 32.70
C LEU B 384 -46.73 2.03 34.02
N ALA B 385 -47.50 1.69 35.04
CA ALA B 385 -47.23 2.24 36.36
C ALA B 385 -47.36 1.14 37.40
N ILE B 386 -46.35 1.00 38.24
CA ILE B 386 -46.43 0.16 39.43
C ILE B 386 -46.21 1.06 40.65
N LEU B 387 -47.25 1.21 41.46
CA LEU B 387 -47.16 2.07 42.63
C LEU B 387 -46.80 1.25 43.86
N ASP B 388 -46.21 1.94 44.85
CA ASP B 388 -45.85 1.24 46.08
C ASP B 388 -47.06 0.63 46.75
N SER B 389 -48.24 1.26 46.61
CA SER B 389 -49.44 0.67 47.18
C SER B 389 -49.78 -0.70 46.57
N TYR B 390 -49.19 -1.07 45.43
CA TYR B 390 -49.52 -2.35 44.80
C TYR B 390 -48.90 -3.54 45.54
N TYR B 391 -47.76 -3.34 46.20
CA TYR B 391 -47.06 -4.44 46.85
C TYR B 391 -47.91 -4.98 47.99
N GLY B 392 -48.14 -6.29 47.98
CA GLY B 392 -49.01 -6.91 48.96
C GLY B 392 -50.46 -6.90 48.61
N LYS B 393 -50.84 -6.25 47.51
CA LYS B 393 -52.22 -6.23 47.08
C LYS B 393 -52.29 -6.75 45.65
N VAL B 394 -51.66 -6.04 44.72
CA VAL B 394 -51.70 -6.44 43.31
C VAL B 394 -50.64 -7.50 43.04
N THR B 395 -49.44 -7.33 43.59
CA THR B 395 -48.32 -8.19 43.26
C THR B 395 -47.40 -8.29 44.47
N THR B 396 -46.62 -9.36 44.50
CA THR B 396 -45.45 -9.41 45.36
C THR B 396 -44.38 -8.44 44.83
N MET B 397 -43.61 -7.86 45.75
CA MET B 397 -42.40 -7.16 45.34
C MET B 397 -41.38 -8.19 44.88
N PRO B 398 -40.72 -7.99 43.74
CA PRO B 398 -39.74 -9.01 43.30
C PRO B 398 -38.73 -9.26 44.40
N ASP B 399 -38.35 -10.54 44.55
CA ASP B 399 -37.39 -10.88 45.59
CA ASP B 399 -37.39 -10.88 45.59
C ASP B 399 -36.01 -10.32 45.29
N ASP B 400 -35.61 -10.28 44.02
CA ASP B 400 -34.32 -9.69 43.77
C ASP B 400 -34.34 -8.19 43.94
N ALA B 401 -35.51 -7.56 43.82
CA ALA B 401 -35.61 -6.13 44.10
C ALA B 401 -35.54 -5.85 45.59
N LYS B 402 -36.32 -6.58 46.41
CA LYS B 402 -36.21 -6.42 47.87
C LYS B 402 -34.76 -6.59 48.30
N TRP B 403 -34.07 -7.55 47.70
CA TRP B 403 -32.70 -7.84 48.08
C TRP B 403 -31.79 -6.67 47.72
N ARG B 404 -31.85 -6.21 46.47
CA ARG B 404 -31.06 -5.05 46.07
C ARG B 404 -31.36 -3.83 46.96
N LEU B 405 -32.63 -3.60 47.28
CA LEU B 405 -33.00 -2.47 48.14
C LEU B 405 -32.34 -2.59 49.51
N ASP B 406 -32.34 -3.81 50.08
CA ASP B 406 -31.71 -4.03 51.37
C ASP B 406 -30.20 -3.81 51.29
N LEU B 407 -29.57 -4.27 50.21
CA LEU B 407 -28.13 -4.02 50.03
C LEU B 407 -27.83 -2.54 49.97
N ILE B 408 -28.69 -1.76 49.33
CA ILE B 408 -28.43 -0.35 49.20
C ILE B 408 -28.51 0.35 50.55
N LYS B 409 -29.54 0.02 51.34
CA LYS B 409 -29.63 0.59 52.69
C LYS B 409 -28.43 0.20 53.53
N GLU B 410 -28.06 -1.09 53.47
CA GLU B 410 -27.07 -1.65 54.39
C GLU B 410 -25.67 -1.15 54.08
N TYR B 411 -25.32 -1.03 52.80
CA TYR B 411 -23.95 -0.74 52.42
C TYR B 411 -23.71 0.68 51.95
N TYR B 412 -24.68 1.31 51.28
CA TYR B 412 -24.43 2.56 50.56
C TYR B 412 -25.07 3.78 51.20
N VAL B 413 -26.32 3.67 51.68
CA VAL B 413 -27.01 4.85 52.22
C VAL B 413 -26.23 5.56 53.32
N PRO B 414 -25.56 4.89 54.26
CA PRO B 414 -24.80 5.64 55.27
C PRO B 414 -23.76 6.58 54.70
N TYR B 415 -23.23 6.30 53.50
CA TYR B 415 -22.19 7.11 52.89
C TYR B 415 -22.68 7.94 51.71
N MET B 416 -23.98 7.95 51.44
CA MET B 416 -24.58 8.91 50.50
C MET B 416 -24.86 10.22 51.23
N SER B 417 -23.81 11.03 51.38
CA SER B 417 -23.92 12.24 52.18
C SER B 417 -24.43 13.45 51.40
N ASN B 418 -24.77 13.28 50.11
CA ASN B 418 -25.43 14.34 49.35
C ASN B 418 -26.93 14.28 49.61
N VAL B 419 -27.47 15.36 50.20
CA VAL B 419 -28.90 15.46 50.51
C VAL B 419 -29.77 15.40 49.26
N ASN B 420 -29.30 15.95 48.14
CA ASN B 420 -30.05 15.91 46.89
C ASN B 420 -29.22 15.31 45.78
N ASN B 421 -29.94 14.74 44.79
CA ASN B 421 -29.41 14.49 43.47
C ASN B 421 -30.15 15.41 42.49
N TYR B 422 -29.90 15.23 41.21
CA TYR B 422 -30.45 16.15 40.24
C TYR B 422 -31.87 15.74 39.89
N PRO B 423 -32.86 16.62 40.07
CA PRO B 423 -34.25 16.24 39.80
C PRO B 423 -34.50 16.10 38.30
N ARG B 424 -35.59 15.40 37.98
CA ARG B 424 -35.94 15.08 36.58
C ARG B 424 -36.75 16.22 35.98
N VAL B 425 -36.06 17.31 35.66
CA VAL B 425 -36.73 18.49 35.12
C VAL B 425 -37.03 18.30 33.63
N PHE B 426 -38.04 19.01 33.16
CA PHE B 426 -38.41 19.09 31.75
C PHE B 426 -38.04 20.49 31.28
N MET B 427 -36.94 20.61 30.54
CA MET B 427 -36.46 21.92 30.11
C MET B 427 -37.18 22.39 28.84
N THR B 428 -37.13 23.71 28.59
CA THR B 428 -37.62 24.25 27.33
C THR B 428 -36.90 23.60 26.13
N GLN B 429 -37.53 23.72 24.96
CA GLN B 429 -36.87 23.17 23.77
C GLN B 429 -35.59 23.93 23.45
N GLU B 430 -35.57 25.24 23.72
CA GLU B 430 -34.38 26.03 23.45
C GLU B 430 -33.23 25.60 24.35
N ASP B 431 -33.52 25.29 25.62
CA ASP B 431 -32.46 24.84 26.51
C ASP B 431 -32.06 23.40 26.23
N LEU B 432 -33.04 22.55 25.93
CA LEU B 432 -32.75 21.19 25.49
C LEU B 432 -31.82 21.17 24.29
N ASP B 433 -32.10 22.02 23.30
CA ASP B 433 -31.28 22.01 22.10
CA ASP B 433 -31.30 22.07 22.09
C ASP B 433 -29.88 22.56 22.37
N LYS B 434 -29.76 23.58 23.22
CA LYS B 434 -28.42 24.04 23.59
C LYS B 434 -27.66 22.95 24.35
N ILE B 435 -28.31 22.30 25.31
CA ILE B 435 -27.65 21.23 26.06
C ILE B 435 -27.22 20.11 25.11
N ALA B 436 -28.06 19.78 24.13
CA ALA B 436 -27.73 18.66 23.25
C ALA B 436 -26.56 18.98 22.35
N HIS B 437 -26.39 20.24 21.95
CA HIS B 437 -25.21 20.62 21.16
C HIS B 437 -23.94 20.42 21.99
N ILE B 438 -23.98 20.78 23.27
CA ILE B 438 -22.80 20.63 24.13
C ILE B 438 -22.50 19.15 24.39
N GLU B 439 -23.54 18.36 24.71
CA GLU B 439 -23.33 16.96 24.99
C GLU B 439 -22.86 16.18 23.75
N ALA B 440 -23.20 16.66 22.55
CA ALA B 440 -22.64 16.05 21.35
C ALA B 440 -21.12 16.09 21.40
N ASP B 441 -20.55 17.15 21.98
CA ASP B 441 -19.10 17.21 22.14
C ASP B 441 -18.63 16.43 23.37
N MET B 442 -19.22 16.71 24.54
CA MET B 442 -18.62 16.30 25.81
C MET B 442 -18.70 14.80 26.05
N ASN B 443 -19.83 14.16 25.72
CA ASN B 443 -20.07 12.81 26.24
C ASN B 443 -19.00 11.84 25.79
N ASP B 444 -18.75 11.75 24.48
CA ASP B 444 -17.72 10.86 23.94
C ASP B 444 -16.32 11.30 24.35
N TYR B 445 -16.08 12.62 24.38
CA TYR B 445 -14.78 13.15 24.77
C TYR B 445 -14.38 12.68 26.17
N ILE B 446 -15.31 12.79 27.12
CA ILE B 446 -15.02 12.46 28.51
C ILE B 446 -14.57 11.00 28.63
N TYR B 447 -15.28 10.07 27.98
CA TYR B 447 -14.92 8.65 28.11
C TYR B 447 -13.66 8.31 27.34
N ARG B 448 -13.48 8.96 26.19
CA ARG B 448 -12.29 8.72 25.38
C ARG B 448 -11.04 9.16 26.11
N LYS B 449 -11.07 10.34 26.73
CA LYS B 449 -9.89 10.80 27.47
C LYS B 449 -9.63 9.89 28.67
N ARG B 450 -10.69 9.45 29.34
CA ARG B 450 -10.52 8.59 30.52
C ARG B 450 -9.89 7.26 30.14
N ALA B 451 -10.37 6.63 29.07
CA ALA B 451 -9.76 5.38 28.62
C ALA B 451 -8.30 5.59 28.21
N GLU B 452 -8.04 6.61 27.40
CA GLU B 452 -6.68 6.99 27.05
C GLU B 452 -5.77 7.06 28.27
N TRP B 453 -6.19 7.83 29.28
CA TRP B 453 -5.35 8.07 30.45
C TRP B 453 -5.11 6.80 31.23
N ILE B 454 -6.09 5.90 31.28
CA ILE B 454 -5.84 4.60 31.89
C ILE B 454 -4.83 3.77 31.09
N VAL B 455 -4.81 3.88 29.74
CA VAL B 455 -3.90 3.02 28.96
C VAL B 455 -2.53 3.68 28.75
N ASN B 456 -2.45 4.98 28.46
CA ASN B 456 -1.19 5.69 28.65
C ASN B 456 -1.12 6.06 30.12
N GLY B 457 -0.31 7.02 30.51
CA GLY B 457 -0.33 7.44 31.90
C GLY B 457 -0.16 8.93 32.08
N ASN B 458 -0.66 9.70 31.11
CA ASN B 458 -0.26 11.10 30.98
C ASN B 458 -1.31 12.09 31.49
N ILE B 459 -2.21 11.66 32.38
CA ILE B 459 -3.26 12.58 32.82
C ILE B 459 -2.66 13.85 33.40
N ASP B 460 -1.51 13.73 34.09
CA ASP B 460 -1.01 14.89 34.81
C ASP B 460 -0.59 16.01 33.86
N THR B 461 -0.10 15.66 32.66
CA THR B 461 0.31 16.67 31.69
C THR B 461 -0.79 17.04 30.70
N GLU B 462 -1.93 16.34 30.67
CA GLU B 462 -3.03 16.67 29.79
C GLU B 462 -4.24 17.23 30.53
N TRP B 463 -4.25 17.18 31.87
CA TRP B 463 -5.43 17.52 32.65
C TRP B 463 -5.91 18.95 32.41
N ASP B 464 -4.99 19.92 32.39
CA ASP B 464 -5.39 21.31 32.22
C ASP B 464 -5.91 21.57 30.80
N ASP B 465 -5.21 21.07 29.79
CA ASP B 465 -5.73 21.15 28.42
C ASP B 465 -7.08 20.47 28.30
N TYR B 466 -7.28 19.37 29.03
CA TYR B 466 -8.57 18.69 29.00
C TYR B 466 -9.69 19.62 29.51
N LYS B 467 -9.42 20.35 30.59
CA LYS B 467 -10.44 21.22 31.16
C LYS B 467 -10.71 22.43 30.27
N LYS B 468 -9.67 22.97 29.63
CA LYS B 468 -9.90 24.05 28.67
C LYS B 468 -10.76 23.56 27.51
N GLU B 469 -10.48 22.35 27.01
CA GLU B 469 -11.34 21.78 25.97
C GLU B 469 -12.78 21.69 26.43
N LEU B 470 -13.01 21.16 27.64
CA LEU B 470 -14.37 21.10 28.17
C LEU B 470 -15.02 22.46 28.14
N GLU B 471 -14.25 23.51 28.48
CA GLU B 471 -14.82 24.86 28.50
C GLU B 471 -15.11 25.34 27.08
N LYS B 472 -14.19 25.10 26.14
CA LYS B 472 -14.46 25.41 24.74
C LYS B 472 -15.76 24.77 24.26
N TYR B 473 -16.03 23.53 24.68
CA TYR B 473 -17.28 22.86 24.33
C TYR B 473 -18.51 23.49 24.98
N GLY B 474 -18.32 24.32 26.01
CA GLY B 474 -19.46 25.02 26.58
C GLY B 474 -19.86 24.57 27.96
N LEU B 475 -18.90 24.08 28.76
CA LEU B 475 -19.24 23.47 30.04
C LEU B 475 -19.86 24.49 31.01
N SER B 476 -19.32 25.71 31.08
CA SER B 476 -19.89 26.68 32.01
C SER B 476 -21.33 27.03 31.62
N ASP B 477 -21.60 27.19 30.31
CA ASP B 477 -22.98 27.37 29.85
C ASP B 477 -23.85 26.17 30.21
N TYR B 478 -23.29 24.97 30.05
CA TYR B 478 -24.00 23.75 30.41
C TYR B 478 -24.42 23.78 31.87
N LEU B 479 -23.49 24.08 32.77
CA LEU B 479 -23.78 24.11 34.19
C LEU B 479 -24.75 25.24 34.55
N ALA B 480 -24.60 26.42 33.94
CA ALA B 480 -25.52 27.50 34.25
C ALA B 480 -26.96 27.11 33.94
N ILE B 481 -27.18 26.42 32.82
CA ILE B 481 -28.52 25.92 32.46
C ILE B 481 -29.00 24.89 33.48
N LYS B 482 -28.15 23.89 33.79
CA LYS B 482 -28.51 22.88 34.79
C LYS B 482 -28.76 23.52 36.15
N GLN B 483 -27.96 24.53 36.51
CA GLN B 483 -28.14 25.23 37.79
C GLN B 483 -29.44 26.02 37.84
N LYS B 484 -29.77 26.71 36.76
CA LYS B 484 -31.04 27.42 36.67
C LYS B 484 -32.23 26.50 36.93
N TYR B 485 -32.26 25.33 36.26
CA TYR B 485 -33.40 24.43 36.44
C TYR B 485 -33.41 23.82 37.83
N TYR B 486 -32.25 23.58 38.43
CA TYR B 486 -32.24 23.07 39.79
C TYR B 486 -32.80 24.10 40.77
N ASP B 487 -32.36 25.37 40.64
CA ASP B 487 -32.89 26.43 41.51
C ASP B 487 -34.39 26.57 41.35
N GLN B 488 -34.85 26.56 40.09
CA GLN B 488 -36.26 26.66 39.78
C GLN B 488 -37.04 25.49 40.38
N TYR B 489 -36.43 24.31 40.36
CA TYR B 489 -37.04 23.15 41.01
C TYR B 489 -37.19 23.39 42.51
N GLN B 490 -36.11 23.79 43.17
CA GLN B 490 -36.18 23.97 44.62
C GLN B 490 -37.11 25.11 45.00
N ALA B 491 -37.22 26.13 44.15
CA ALA B 491 -38.14 27.22 44.44
C ALA B 491 -39.59 26.79 44.34
N ASN B 492 -39.87 25.58 43.84
CA ASN B 492 -41.23 25.09 43.67
C ASN B 492 -41.58 23.92 44.58
N LYS B 493 -40.67 23.52 45.47
CA LYS B 493 -40.99 22.50 46.46
C LYS B 493 -40.30 22.84 47.78
N LYS C 3 -28.36 41.29 0.73
CA LYS C 3 -27.50 41.90 1.73
C LYS C 3 -26.94 40.86 2.71
N THR C 4 -27.80 40.08 3.37
CA THR C 4 -27.36 39.12 4.38
C THR C 4 -28.02 37.75 4.18
N LEU C 5 -27.23 36.70 4.33
CA LEU C 5 -27.71 35.32 4.33
C LEU C 5 -27.13 34.60 5.54
N LYS C 6 -27.91 33.68 6.10
CA LYS C 6 -27.47 32.86 7.24
C LYS C 6 -27.12 31.47 6.72
N PHE C 7 -25.87 31.07 6.90
CA PHE C 7 -25.38 29.76 6.47
C PHE C 7 -24.90 29.03 7.71
N MET C 8 -25.28 27.76 7.82
CA MET C 8 -24.59 26.86 8.72
C MET C 8 -23.36 26.30 8.00
N THR C 9 -22.27 26.09 8.75
CA THR C 9 -21.09 25.57 8.07
C THR C 9 -20.29 24.69 9.01
N ALA C 10 -19.32 23.99 8.42
CA ALA C 10 -18.36 23.13 9.12
C ALA C 10 -16.97 23.64 8.82
N SER C 11 -16.13 23.78 9.84
CA SER C 11 -14.76 24.18 9.60
C SER C 11 -13.87 23.48 10.62
N SER C 12 -12.57 23.64 10.44
CA SER C 12 -11.58 23.07 11.34
C SER C 12 -11.53 23.86 12.66
N PRO C 13 -11.36 23.17 13.80
CA PRO C 13 -11.14 23.88 15.06
C PRO C 13 -9.89 24.72 15.07
N LEU C 14 -8.98 24.49 14.11
CA LEU C 14 -7.81 25.33 13.92
C LEU C 14 -8.17 26.66 13.25
N SER C 15 -9.31 26.74 12.59
CA SER C 15 -9.72 27.96 11.91
C SER C 15 -10.47 28.86 12.88
N PRO C 16 -10.68 30.14 12.53
CA PRO C 16 -11.34 31.04 13.47
C PRO C 16 -12.81 30.68 13.69
N LYS C 17 -13.25 30.91 14.93
CA LYS C 17 -14.63 30.63 15.33
C LYS C 17 -15.63 31.37 14.43
N ASP C 18 -15.34 32.61 14.07
CA ASP C 18 -16.17 33.31 13.10
C ASP C 18 -15.52 33.18 11.73
N PRO C 19 -16.15 32.48 10.76
CA PRO C 19 -15.52 32.29 9.45
C PRO C 19 -15.21 33.58 8.73
N ASN C 20 -15.91 34.68 9.05
CA ASN C 20 -15.69 35.96 8.39
C ASN C 20 -14.34 36.55 8.73
N GLU C 21 -13.64 36.00 9.72
CA GLU C 21 -12.27 36.40 9.96
C GLU C 21 -11.32 35.85 8.91
N LYS C 22 -11.71 34.83 8.17
CA LYS C 22 -10.83 34.27 7.14
C LYS C 22 -10.70 35.26 5.98
N LEU C 23 -9.46 35.45 5.52
CA LEU C 23 -9.19 36.42 4.48
C LEU C 23 -10.01 36.12 3.23
N ILE C 24 -10.14 34.84 2.85
CA ILE C 24 -10.93 34.50 1.67
C ILE C 24 -12.33 35.09 1.80
N LEU C 25 -12.96 34.89 2.95
CA LEU C 25 -14.34 35.33 3.12
C LEU C 25 -14.43 36.84 3.27
N GLN C 26 -13.40 37.49 3.82
CA GLN C 26 -13.37 38.96 3.85
C GLN C 26 -13.33 39.53 2.44
N ARG C 27 -12.45 38.99 1.59
CA ARG C 27 -12.40 39.44 0.21
C ARG C 27 -13.72 39.14 -0.49
N LEU C 28 -14.30 37.96 -0.21
CA LEU C 28 -15.52 37.57 -0.89
C LEU C 28 -16.65 38.54 -0.61
N GLU C 29 -16.84 38.89 0.66
CA GLU C 29 -17.92 39.82 1.01
C GLU C 29 -17.74 41.16 0.30
N LYS C 30 -16.50 41.67 0.24
CA LYS C 30 -16.27 42.90 -0.49
C LYS C 30 -16.51 42.70 -1.98
N GLU C 31 -16.36 41.47 -2.48
CA GLU C 31 -16.56 41.24 -3.91
C GLU C 31 -18.05 41.08 -4.24
N THR C 32 -18.77 40.32 -3.43
CA THR C 32 -20.17 40.04 -3.72
C THR C 32 -21.12 41.05 -3.10
N GLY C 33 -20.72 41.73 -2.03
CA GLY C 33 -21.66 42.58 -1.34
C GLY C 33 -22.66 41.81 -0.53
N VAL C 34 -22.39 40.54 -0.28
CA VAL C 34 -23.25 39.69 0.54
C VAL C 34 -22.51 39.40 1.84
N HIS C 35 -23.14 39.71 2.96
CA HIS C 35 -22.60 39.38 4.27
C HIS C 35 -23.25 38.10 4.70
N ILE C 36 -22.43 37.12 5.08
CA ILE C 36 -22.91 35.84 5.59
C ILE C 36 -22.83 35.88 7.11
N ASP C 37 -23.95 35.56 7.77
CA ASP C 37 -23.93 35.28 9.20
C ASP C 37 -23.83 33.76 9.36
N TRP C 38 -22.77 33.30 9.99
CA TRP C 38 -22.44 31.87 10.05
C TRP C 38 -22.85 31.27 11.39
N THR C 39 -23.41 30.07 11.34
CA THR C 39 -23.38 29.16 12.47
C THR C 39 -22.30 28.13 12.17
N ASN C 40 -21.16 28.24 12.84
CA ASN C 40 -19.91 27.56 12.46
C ASN C 40 -19.63 26.45 13.47
N TYR C 41 -19.82 25.20 13.06
CA TYR C 41 -19.54 24.05 13.92
C TYR C 41 -18.16 23.51 13.58
N GLN C 42 -17.28 23.52 14.57
CA GLN C 42 -15.90 23.10 14.39
C GLN C 42 -15.63 21.74 14.99
N SER C 43 -16.65 21.08 15.50
CA SER C 43 -16.55 19.70 15.96
C SER C 43 -17.96 19.12 15.96
N ASP C 44 -18.05 17.82 15.69
CA ASP C 44 -19.34 17.12 15.66
C ASP C 44 -20.38 17.84 14.80
N PHE C 45 -19.95 18.32 13.63
CA PHE C 45 -20.84 19.04 12.73
C PHE C 45 -22.12 18.28 12.42
N ALA C 46 -22.00 17.01 12.04
CA ALA C 46 -23.18 16.30 11.55
C ALA C 46 -24.25 16.19 12.63
N GLU C 47 -23.85 15.91 13.88
CA GLU C 47 -24.83 15.80 14.95
C GLU C 47 -25.48 17.13 15.25
N LYS C 48 -24.69 18.19 15.27
CA LYS C 48 -25.20 19.51 15.58
C LYS C 48 -26.05 20.03 14.44
N ARG C 49 -25.67 19.66 13.21
CA ARG C 49 -26.51 19.99 12.07
C ARG C 49 -27.84 19.29 12.16
N ASN C 50 -27.82 17.98 12.46
CA ASN C 50 -29.06 17.21 12.56
C ASN C 50 -29.96 17.76 13.65
N LEU C 51 -29.37 18.17 14.78
CA LEU C 51 -30.14 18.80 15.84
C LEU C 51 -30.82 20.08 15.34
N ASP C 52 -30.08 20.89 14.58
CA ASP C 52 -30.69 22.08 13.99
C ASP C 52 -31.86 21.69 13.09
N ILE C 53 -31.67 20.69 12.21
CA ILE C 53 -32.74 20.31 11.30
C ILE C 53 -33.93 19.75 12.07
N SER C 54 -33.68 18.84 13.02
CA SER C 54 -34.78 18.24 13.79
C SER C 54 -35.53 19.28 14.60
N SER C 55 -34.87 20.35 14.99
CA SER C 55 -35.52 21.33 15.84
C SER C 55 -36.22 22.44 15.05
N GLY C 56 -36.16 22.39 13.72
CA GLY C 56 -36.77 23.40 12.88
C GLY C 56 -36.00 24.70 12.82
N ASP C 57 -34.76 24.73 13.28
CA ASP C 57 -33.97 25.96 13.32
C ASP C 57 -33.04 25.98 12.11
N LEU C 58 -33.65 26.15 10.94
CA LEU C 58 -32.94 26.01 9.67
C LEU C 58 -32.26 27.31 9.28
N PRO C 59 -31.06 27.26 8.75
CA PRO C 59 -30.45 28.43 8.11
C PRO C 59 -31.01 28.59 6.70
N ASP C 60 -30.53 29.63 6.01
CA ASP C 60 -30.84 29.78 4.59
C ASP C 60 -30.19 28.68 3.76
N ALA C 61 -29.04 28.19 4.21
CA ALA C 61 -28.36 27.12 3.46
C ALA C 61 -27.39 26.45 4.40
N ILE C 62 -27.01 25.21 4.06
CA ILE C 62 -25.97 24.48 4.80
C ILE C 62 -24.75 24.36 3.90
N HIS C 63 -23.68 25.00 4.34
CA HIS C 63 -22.43 25.17 3.60
C HIS C 63 -21.42 24.16 4.12
N ASN C 64 -20.66 23.56 3.20
CA ASN C 64 -19.67 22.54 3.54
C ASN C 64 -20.32 21.32 4.21
N ASP C 65 -21.45 20.86 3.65
CA ASP C 65 -22.37 19.98 4.37
C ASP C 65 -21.83 18.54 4.47
N GLY C 66 -21.47 17.93 3.35
CA GLY C 66 -21.01 16.55 3.37
C GLY C 66 -22.03 15.51 3.77
N ALA C 67 -23.31 15.71 3.47
CA ALA C 67 -24.33 14.76 3.92
C ALA C 67 -24.29 13.43 3.15
N SER C 68 -24.75 12.37 3.81
CA SER C 68 -24.94 11.08 3.15
C SER C 68 -26.12 11.14 2.19
N ASP C 69 -26.13 10.21 1.23
CA ASP C 69 -27.24 10.17 0.28
C ASP C 69 -28.56 9.88 0.96
N VAL C 70 -28.56 9.07 2.03
CA VAL C 70 -29.84 8.79 2.67
C VAL C 70 -30.37 10.05 3.36
N ASP C 71 -29.48 10.81 4.00
CA ASP C 71 -29.91 12.09 4.59
C ASP C 71 -30.35 13.07 3.51
N LEU C 72 -29.54 13.23 2.46
CA LEU C 72 -29.91 14.11 1.36
C LEU C 72 -31.30 13.81 0.87
N MET C 73 -31.60 12.53 0.66
CA MET C 73 -32.91 12.15 0.11
C MET C 73 -34.02 12.32 1.13
N ASN C 74 -33.78 11.96 2.40
CA ASN C 74 -34.82 12.15 3.42
C ASN C 74 -35.20 13.63 3.54
N TRP C 75 -34.21 14.53 3.53
CA TRP C 75 -34.54 15.97 3.64
C TRP C 75 -35.32 16.46 2.42
N ALA C 76 -35.02 15.92 1.24
CA ALA C 76 -35.70 16.35 0.03
C ALA C 76 -37.13 15.84 0.00
N LYS C 77 -37.34 14.58 0.39
CA LYS C 77 -38.69 14.06 0.44
C LYS C 77 -39.52 14.77 1.51
N LYS C 78 -38.90 15.10 2.65
CA LYS C 78 -39.58 15.85 3.70
C LYS C 78 -39.73 17.33 3.36
N GLY C 79 -39.12 17.81 2.28
CA GLY C 79 -39.17 19.23 1.98
C GLY C 79 -38.26 20.11 2.81
N VAL C 80 -37.25 19.55 3.49
CA VAL C 80 -36.34 20.38 4.28
C VAL C 80 -35.39 21.16 3.38
N ILE C 81 -34.99 20.56 2.25
CA ILE C 81 -34.20 21.22 1.22
C ILE C 81 -35.02 21.22 -0.06
N ILE C 82 -34.54 21.96 -1.06
CA ILE C 82 -35.29 22.17 -2.30
C ILE C 82 -34.46 21.65 -3.45
N PRO C 83 -35.10 21.30 -4.58
CA PRO C 83 -34.33 21.06 -5.82
C PRO C 83 -33.74 22.37 -6.32
N VAL C 84 -32.59 22.28 -7.00
CA VAL C 84 -31.83 23.45 -7.39
C VAL C 84 -31.52 23.51 -8.89
N GLU C 85 -32.00 22.56 -9.70
CA GLU C 85 -31.58 22.52 -11.11
C GLU C 85 -32.04 23.78 -11.86
N ASP C 86 -33.25 24.27 -11.56
CA ASP C 86 -33.69 25.52 -12.18
C ASP C 86 -32.82 26.69 -11.77
N LEU C 87 -32.40 26.73 -10.50
CA LEU C 87 -31.54 27.80 -10.01
C LEU C 87 -30.21 27.81 -10.74
N ILE C 88 -29.65 26.63 -11.01
CA ILE C 88 -28.40 26.51 -11.78
C ILE C 88 -28.58 27.13 -13.15
N ASP C 89 -29.63 26.69 -13.87
CA ASP C 89 -29.85 27.14 -15.24
C ASP C 89 -30.13 28.62 -15.30
N LYS C 90 -30.78 29.16 -14.27
CA LYS C 90 -31.18 30.56 -14.33
C LYS C 90 -30.07 31.50 -13.85
N TYR C 91 -29.36 31.14 -12.78
CA TYR C 91 -28.60 32.14 -12.04
C TYR C 91 -27.13 31.80 -11.86
N MET C 92 -26.64 30.70 -12.41
CA MET C 92 -25.32 30.16 -12.05
C MET C 92 -24.48 29.86 -13.30
N PRO C 93 -24.00 30.89 -14.00
CA PRO C 93 -23.26 30.63 -15.24
C PRO C 93 -21.91 29.95 -15.04
N ASN C 94 -21.21 30.17 -13.91
CA ASN C 94 -19.96 29.46 -13.67
C ASN C 94 -20.19 27.96 -13.54
N LEU C 95 -21.14 27.58 -12.69
CA LEU C 95 -21.45 26.15 -12.51
C LEU C 95 -22.02 25.56 -13.79
N LYS C 96 -22.92 26.29 -14.45
CA LYS C 96 -23.57 25.78 -15.66
C LYS C 96 -22.56 25.47 -16.74
N LYS C 97 -21.53 26.32 -16.87
CA LYS C 97 -20.47 26.06 -17.84
C LYS C 97 -19.77 24.73 -17.57
N ILE C 98 -19.44 24.46 -16.30
CA ILE C 98 -18.73 23.23 -15.92
C ILE C 98 -19.59 22.01 -16.16
N LEU C 99 -20.85 22.04 -15.70
CA LEU C 99 -21.74 20.91 -15.89
C LEU C 99 -22.09 20.69 -17.36
N ASP C 100 -22.14 21.77 -18.15
CA ASP C 100 -22.45 21.59 -19.57
C ASP C 100 -21.24 21.15 -20.37
N GLU C 101 -20.04 21.58 -19.96
CA GLU C 101 -18.81 21.11 -20.60
C GLU C 101 -18.59 19.64 -20.31
N LYS C 102 -18.93 19.19 -19.10
CA LYS C 102 -18.63 17.84 -18.62
C LYS C 102 -19.92 17.24 -18.09
N PRO C 103 -20.81 16.79 -18.99
CA PRO C 103 -22.16 16.35 -18.55
C PRO C 103 -22.15 15.15 -17.61
N GLU C 104 -21.04 14.41 -17.48
CA GLU C 104 -20.98 13.31 -16.52
C GLU C 104 -21.09 13.83 -15.07
N TYR C 105 -20.50 14.98 -14.76
CA TYR C 105 -20.70 15.54 -13.42
C TYR C 105 -22.16 15.85 -13.18
N LYS C 106 -22.83 16.41 -14.19
CA LYS C 106 -24.25 16.68 -14.05
C LYS C 106 -25.02 15.40 -13.76
N ALA C 107 -24.64 14.29 -14.41
CA ALA C 107 -25.29 13.01 -14.10
C ALA C 107 -25.02 12.59 -12.67
N LEU C 108 -23.83 12.88 -12.15
CA LEU C 108 -23.50 12.47 -10.78
C LEU C 108 -24.31 13.21 -9.73
N MET C 109 -24.83 14.38 -10.08
CA MET C 109 -25.57 15.24 -9.17
C MET C 109 -27.06 14.95 -9.18
N THR C 110 -27.55 14.21 -10.18
CA THR C 110 -28.99 14.04 -10.37
C THR C 110 -29.47 12.81 -9.62
N ALA C 111 -30.54 12.99 -8.85
CA ALA C 111 -31.15 11.93 -8.07
C ALA C 111 -32.02 11.05 -8.96
N PRO C 112 -32.44 9.88 -8.47
CA PRO C 112 -33.36 9.06 -9.27
C PRO C 112 -34.64 9.78 -9.67
N ASP C 113 -35.08 10.77 -8.92
CA ASP C 113 -36.31 11.46 -9.28
C ASP C 113 -36.09 12.58 -10.30
N GLY C 114 -34.90 12.70 -10.88
CA GLY C 114 -34.62 13.71 -11.87
C GLY C 114 -34.20 15.05 -11.31
N HIS C 115 -34.19 15.23 -10.00
CA HIS C 115 -33.81 16.50 -9.42
C HIS C 115 -32.34 16.50 -8.99
N ILE C 116 -31.80 17.70 -8.86
CA ILE C 116 -30.52 17.94 -8.23
C ILE C 116 -30.78 18.62 -6.89
N TYR C 117 -30.20 18.11 -5.81
CA TYR C 117 -30.51 18.61 -4.49
C TYR C 117 -29.34 19.26 -3.79
N SER C 118 -28.14 19.28 -4.39
CA SER C 118 -26.97 19.77 -3.68
C SER C 118 -25.93 20.21 -4.70
N PHE C 119 -24.97 21.00 -4.20
CA PHE C 119 -23.89 21.55 -5.01
C PHE C 119 -22.59 20.84 -4.68
N PRO C 120 -21.88 20.24 -5.64
CA PRO C 120 -20.79 19.33 -5.31
C PRO C 120 -19.44 20.01 -5.13
N TRP C 121 -18.51 19.23 -4.56
CA TRP C 121 -17.07 19.45 -4.67
C TRP C 121 -16.50 18.56 -5.76
N ILE C 122 -15.74 19.15 -6.69
CA ILE C 122 -15.08 18.46 -7.79
C ILE C 122 -13.62 18.88 -7.76
N GLU C 123 -12.73 17.90 -7.71
CA GLU C 123 -11.30 18.12 -7.73
C GLU C 123 -10.67 17.01 -8.57
N GLU C 124 -10.12 17.36 -9.71
CA GLU C 124 -9.56 16.38 -10.65
C GLU C 124 -8.07 16.23 -10.40
N LEU C 125 -7.69 15.12 -9.76
CA LEU C 125 -6.31 14.75 -9.45
C LEU C 125 -6.19 13.25 -9.73
N GLY C 126 -5.74 12.91 -10.93
CA GLY C 126 -5.65 11.54 -11.37
C GLY C 126 -7.00 10.95 -11.73
N ASP C 127 -6.97 9.87 -12.52
CA ASP C 127 -8.20 9.21 -12.90
C ASP C 127 -8.00 7.70 -12.84
N GLY C 128 -9.07 6.98 -12.50
CA GLY C 128 -8.99 5.53 -12.48
C GLY C 128 -8.04 5.07 -11.39
N LYS C 129 -7.17 4.10 -11.72
CA LYS C 129 -6.25 3.56 -10.73
C LYS C 129 -5.28 4.62 -10.24
N GLU C 130 -4.96 5.59 -11.09
CA GLU C 130 -4.02 6.64 -10.77
C GLU C 130 -4.64 7.79 -9.99
N SER C 131 -5.93 7.70 -9.67
CA SER C 131 -6.58 8.71 -8.85
C SER C 131 -5.84 8.88 -7.53
N ILE C 132 -5.72 10.14 -7.07
CA ILE C 132 -5.07 10.37 -5.78
C ILE C 132 -5.82 9.69 -4.65
N HIS C 133 -7.10 9.37 -4.83
CA HIS C 133 -7.89 8.73 -3.79
C HIS C 133 -7.78 7.21 -3.81
N SER C 134 -7.07 6.64 -4.78
CA SER C 134 -7.01 5.19 -4.95
C SER C 134 -6.54 4.48 -3.69
N VAL C 135 -5.62 5.09 -2.95
CA VAL C 135 -5.14 4.59 -1.67
C VAL C 135 -5.17 5.74 -0.67
N ASN C 136 -5.86 5.56 0.47
CA ASN C 136 -5.89 6.64 1.46
C ASN C 136 -4.92 6.43 2.62
N ASP C 137 -4.90 5.25 3.24
CA ASP C 137 -4.05 4.97 4.40
C ASP C 137 -2.73 4.33 3.98
N MET C 138 -1.86 5.15 3.40
CA MET C 138 -0.55 4.69 2.97
C MET C 138 0.32 4.27 4.15
N ALA C 139 1.14 3.23 3.94
CA ALA C 139 2.09 2.79 4.96
C ALA C 139 3.43 3.46 4.75
N TRP C 140 4.01 3.95 5.83
CA TRP C 140 5.29 4.65 5.81
C TRP C 140 6.24 3.93 6.74
N ILE C 141 7.54 4.02 6.44
CA ILE C 141 8.52 3.31 7.25
C ILE C 141 9.72 4.20 7.46
N ASN C 142 10.34 4.05 8.63
CA ASN C 142 11.50 4.86 9.00
C ASN C 142 12.73 4.22 8.37
N LYS C 143 13.12 4.74 7.20
CA LYS C 143 14.32 4.24 6.51
C LYS C 143 15.57 4.52 7.31
N ASP C 144 15.57 5.62 8.07
CA ASP C 144 16.72 5.93 8.91
C ASP C 144 17.00 4.81 9.89
N TRP C 145 15.96 4.26 10.53
CA TRP C 145 16.17 3.12 11.42
C TRP C 145 16.62 1.87 10.65
N LEU C 146 16.07 1.64 9.45
CA LEU C 146 16.57 0.53 8.64
C LEU C 146 18.07 0.64 8.40
N LYS C 147 18.54 1.84 8.09
CA LYS C 147 19.96 2.06 7.83
C LYS C 147 20.79 1.84 9.10
N LYS C 148 20.37 2.42 10.22
CA LYS C 148 21.11 2.24 11.47
C LYS C 148 21.21 0.78 11.86
N LEU C 149 20.15 -0.01 11.61
CA LEU C 149 20.16 -1.42 11.95
C LEU C 149 20.74 -2.29 10.85
N GLY C 150 21.15 -1.69 9.74
CA GLY C 150 21.68 -2.47 8.62
C GLY C 150 20.68 -3.43 8.01
N LEU C 151 19.43 -2.99 7.85
CA LEU C 151 18.35 -3.83 7.34
C LEU C 151 17.93 -3.35 5.96
N GLU C 152 17.61 -4.30 5.09
CA GLU C 152 17.01 -3.99 3.81
C GLU C 152 15.53 -3.68 4.00
N MET C 153 14.99 -2.87 3.08
CA MET C 153 13.56 -2.63 3.03
C MET C 153 12.83 -3.97 2.96
N PRO C 154 11.88 -4.24 3.85
CA PRO C 154 11.20 -5.54 3.80
C PRO C 154 10.44 -5.71 2.49
N LYS C 155 10.50 -6.94 1.95
CA LYS C 155 9.77 -7.28 0.73
C LYS C 155 8.57 -8.18 0.98
N THR C 156 8.50 -8.86 2.11
CA THR C 156 7.41 -9.79 2.41
C THR C 156 6.83 -9.43 3.77
N THR C 157 5.65 -9.97 4.06
CA THR C 157 5.07 -9.77 5.38
C THR C 157 5.95 -10.40 6.45
N ASP C 158 6.66 -11.47 6.10
CA ASP C 158 7.60 -12.09 7.03
C ASP C 158 8.81 -11.20 7.25
N ASP C 159 9.26 -10.50 6.20
CA ASP C 159 10.32 -9.51 6.39
C ASP C 159 9.85 -8.39 7.32
N LEU C 160 8.61 -7.97 7.16
CA LEU C 160 8.09 -6.88 7.98
C LEU C 160 8.13 -7.25 9.46
N ILE C 161 7.72 -8.46 9.79
CA ILE C 161 7.76 -8.88 11.19
C ILE C 161 9.18 -8.79 11.72
N LYS C 162 10.17 -9.30 10.97
CA LYS C 162 11.55 -9.27 11.43
C LYS C 162 12.03 -7.84 11.61
N VAL C 163 11.64 -6.96 10.69
CA VAL C 163 12.04 -5.56 10.78
C VAL C 163 11.45 -4.91 12.02
N LEU C 164 10.16 -5.18 12.30
CA LEU C 164 9.52 -4.59 13.47
C LEU C 164 10.17 -5.09 14.76
N GLU C 165 10.55 -6.37 14.79
CA GLU C 165 11.30 -6.91 15.92
C GLU C 165 12.62 -6.17 16.11
N ALA C 166 13.34 -5.90 15.02
CA ALA C 166 14.58 -5.14 15.14
C ALA C 166 14.30 -3.73 15.69
N PHE C 167 13.23 -3.10 15.20
CA PHE C 167 12.86 -1.78 15.72
C PHE C 167 12.61 -1.85 17.22
N LYS C 168 11.90 -2.89 17.66
CA LYS C 168 11.49 -2.97 19.06
C LYS C 168 12.68 -3.20 19.98
N ASN C 169 13.67 -3.95 19.53
CA ASN C 169 14.70 -4.41 20.44
C ASN C 169 16.09 -3.93 20.06
N GLY C 170 16.27 -3.31 18.91
CA GLY C 170 17.58 -2.94 18.43
C GLY C 170 17.99 -1.52 18.72
N ASP C 171 17.12 -0.72 19.36
CA ASP C 171 17.41 0.65 19.73
C ASP C 171 17.95 1.47 18.55
N PRO C 172 17.20 1.57 17.45
CA PRO C 172 17.73 2.28 16.27
C PRO C 172 17.92 3.78 16.49
N ASN C 173 17.16 4.42 17.39
CA ASN C 173 17.40 5.84 17.68
C ASN C 173 18.74 6.06 18.40
N GLY C 174 19.28 5.04 19.06
CA GLY C 174 20.56 5.16 19.70
C GLY C 174 20.56 5.74 21.11
N ASN C 175 19.39 5.96 21.71
CA ASN C 175 19.30 6.60 23.02
C ASN C 175 19.31 5.60 24.18
N GLY C 176 19.52 4.31 23.89
CA GLY C 176 19.59 3.31 24.94
C GLY C 176 18.28 2.99 25.62
N GLU C 177 17.17 3.57 25.18
CA GLU C 177 15.85 3.29 25.72
C GLU C 177 14.99 2.57 24.70
N ALA C 178 14.10 1.72 25.20
CA ALA C 178 13.08 1.10 24.35
C ALA C 178 11.89 2.05 24.16
N ASP C 179 12.18 3.17 23.52
CA ASP C 179 11.13 4.13 23.20
C ASP C 179 10.55 3.93 21.81
N GLU C 180 11.18 3.08 20.98
CA GLU C 180 10.66 2.86 19.64
C GLU C 180 9.28 2.21 19.68
N ILE C 181 8.36 2.77 18.92
CA ILE C 181 7.02 2.22 18.69
C ILE C 181 7.03 1.56 17.32
N PRO C 182 7.10 0.22 17.22
CA PRO C 182 7.32 -0.38 15.89
C PRO C 182 6.21 -0.12 14.90
N PHE C 183 4.97 -0.21 15.34
CA PHE C 183 3.82 -0.29 14.45
C PHE C 183 2.69 0.48 15.11
N SER C 184 2.09 1.42 14.38
CA SER C 184 1.05 2.24 14.96
C SER C 184 0.07 2.67 13.88
N PHE C 185 -1.11 3.06 14.31
CA PHE C 185 -2.25 3.37 13.45
C PHE C 185 -3.27 4.07 14.33
N ILE C 186 -4.26 4.68 13.69
CA ILE C 186 -5.49 5.03 14.36
C ILE C 186 -6.54 4.13 13.77
N SER C 187 -7.08 3.22 14.58
CA SER C 187 -7.98 2.19 14.08
C SER C 187 -9.35 2.75 13.73
N GLY C 188 -9.93 2.26 12.64
CA GLY C 188 -11.25 2.66 12.23
C GLY C 188 -11.25 2.93 10.73
N ASN C 189 -12.18 3.76 10.30
CA ASN C 189 -12.11 4.30 8.95
C ASN C 189 -11.00 5.35 8.88
N GLY C 190 -10.65 5.73 7.65
CA GLY C 190 -9.81 6.90 7.47
C GLY C 190 -8.37 6.57 7.14
N ASN C 191 -7.57 7.63 7.08
CA ASN C 191 -6.23 7.61 6.50
C ASN C 191 -5.18 7.02 7.43
N GLU C 192 -5.45 6.85 8.72
CA GLU C 192 -4.46 6.31 9.63
C GLU C 192 -4.71 4.85 9.99
N ASP C 193 -5.73 4.20 9.40
CA ASP C 193 -5.98 2.81 9.75
C ASP C 193 -4.94 1.88 9.08
N PHE C 194 -4.86 0.64 9.60
CA PHE C 194 -3.92 -0.37 9.10
C PHE C 194 -4.46 -1.24 7.97
N LYS C 195 -5.72 -1.06 7.58
CA LYS C 195 -6.36 -2.01 6.68
C LYS C 195 -5.63 -2.16 5.34
N PHE C 196 -4.80 -1.18 4.96
CA PHE C 196 -3.96 -1.28 3.76
C PHE C 196 -3.17 -2.58 3.70
N LEU C 197 -2.70 -3.10 4.82
CA LEU C 197 -1.86 -4.30 4.72
C LEU C 197 -2.64 -5.58 4.47
N PHE C 198 -3.98 -5.56 4.60
CA PHE C 198 -4.75 -6.78 4.39
C PHE C 198 -4.64 -7.29 2.96
N ALA C 199 -4.36 -6.41 1.99
CA ALA C 199 -4.21 -6.87 0.62
C ALA C 199 -3.04 -7.82 0.43
N ALA C 200 -2.04 -7.79 1.33
CA ALA C 200 -0.93 -8.73 1.24
C ALA C 200 -1.38 -10.19 1.43
N PHE C 201 -2.61 -10.41 1.90
CA PHE C 201 -3.14 -11.76 1.99
C PHE C 201 -4.19 -12.02 0.92
N GLY C 202 -4.17 -11.22 -0.15
CA GLY C 202 -5.18 -11.29 -1.18
C GLY C 202 -6.38 -10.38 -0.94
N ILE C 203 -6.83 -9.69 -1.98
CA ILE C 203 -8.11 -8.98 -2.02
C ILE C 203 -8.07 -7.70 -1.19
N GLY C 204 -7.82 -7.83 0.12
CA GLY C 204 -7.67 -6.65 0.97
C GLY C 204 -8.98 -6.07 1.47
N ASP C 205 -8.92 -4.78 1.83
CA ASP C 205 -10.05 -4.13 2.49
C ASP C 205 -10.01 -2.63 2.21
N ASN C 206 -11.18 -1.98 2.33
CA ASN C 206 -11.26 -0.52 2.27
C ASN C 206 -12.33 -0.05 3.25
N ASP C 207 -12.51 1.27 3.35
CA ASP C 207 -13.47 1.81 4.31
C ASP C 207 -14.90 1.39 3.98
N ASP C 208 -15.20 1.13 2.71
CA ASP C 208 -16.52 0.59 2.37
C ASP C 208 -16.63 -0.90 2.65
N HIS C 209 -15.50 -1.60 2.87
CA HIS C 209 -15.45 -3.06 2.94
C HIS C 209 -16.05 -3.69 1.68
N LEU C 210 -15.77 -3.08 0.55
CA LEU C 210 -16.43 -3.45 -0.70
C LEU C 210 -15.48 -3.24 -1.85
N VAL C 211 -15.17 -4.31 -2.60
CA VAL C 211 -14.42 -4.18 -3.84
C VAL C 211 -15.21 -4.84 -4.97
N VAL C 212 -14.69 -4.72 -6.19
CA VAL C 212 -15.37 -5.25 -7.38
C VAL C 212 -14.44 -6.25 -8.04
N GLY C 213 -14.88 -7.49 -8.11
CA GLY C 213 -14.06 -8.53 -8.70
C GLY C 213 -14.01 -8.44 -10.21
N ASN C 214 -12.98 -9.09 -10.77
CA ASN C 214 -12.82 -9.09 -12.22
C ASN C 214 -13.82 -9.99 -12.92
N ASP C 215 -14.58 -10.80 -12.18
CA ASP C 215 -15.78 -11.44 -12.68
C ASP C 215 -16.99 -10.52 -12.59
N GLY C 216 -16.78 -9.27 -12.21
CA GLY C 216 -17.85 -8.30 -12.09
C GLY C 216 -18.75 -8.47 -10.90
N LYS C 217 -18.35 -9.23 -9.90
CA LYS C 217 -19.16 -9.40 -8.70
C LYS C 217 -18.64 -8.51 -7.58
N VAL C 218 -19.55 -7.86 -6.88
CA VAL C 218 -19.15 -7.03 -5.74
C VAL C 218 -18.84 -7.95 -4.57
N ASP C 219 -17.70 -7.72 -3.93
CA ASP C 219 -17.21 -8.53 -2.84
C ASP C 219 -17.21 -7.69 -1.56
N PHE C 220 -18.01 -8.11 -0.59
CA PHE C 220 -17.87 -7.64 0.77
C PHE C 220 -16.61 -8.25 1.37
N THR C 221 -15.67 -7.40 1.78
CA THR C 221 -14.35 -7.90 2.14
C THR C 221 -14.30 -8.42 3.57
N ALA C 222 -15.13 -7.91 4.47
CA ALA C 222 -14.92 -8.21 5.88
C ALA C 222 -15.43 -9.59 6.25
N ASP C 223 -15.76 -10.44 5.27
CA ASP C 223 -16.17 -11.80 5.55
C ASP C 223 -15.34 -12.81 4.77
N ASN C 224 -14.27 -12.35 4.11
CA ASN C 224 -13.34 -13.18 3.37
C ASN C 224 -12.33 -13.85 4.29
N ASP C 225 -11.92 -15.06 3.91
CA ASP C 225 -10.81 -15.71 4.59
C ASP C 225 -9.57 -14.83 4.56
N ASN C 226 -9.36 -14.13 3.44
CA ASN C 226 -8.17 -13.27 3.35
C ASN C 226 -8.21 -12.17 4.41
N TYR C 227 -9.41 -11.72 4.77
CA TYR C 227 -9.55 -10.70 5.80
C TYR C 227 -9.31 -11.30 7.18
N LYS C 228 -9.86 -12.50 7.42
CA LYS C 228 -9.50 -13.24 8.64
C LYS C 228 -7.99 -13.39 8.77
N GLU C 229 -7.30 -13.72 7.66
CA GLU C 229 -5.84 -13.85 7.71
C GLU C 229 -5.15 -12.52 7.99
N GLY C 230 -5.66 -11.43 7.42
CA GLY C 230 -5.12 -10.12 7.76
C GLY C 230 -5.30 -9.76 9.22
N VAL C 231 -6.42 -10.16 9.82
CA VAL C 231 -6.59 -9.92 11.25
C VAL C 231 -5.58 -10.73 12.04
N LYS C 232 -5.35 -11.99 11.65
CA LYS C 232 -4.41 -12.81 12.40
C LYS C 232 -3.00 -12.24 12.33
N PHE C 233 -2.66 -11.57 11.23
CA PHE C 233 -1.33 -10.99 11.13
C PHE C 233 -1.16 -9.83 12.10
N ILE C 234 -2.12 -8.91 12.16
CA ILE C 234 -2.06 -7.82 13.13
C ILE C 234 -2.06 -8.39 14.55
N ARG C 235 -2.87 -9.43 14.78
CA ARG C 235 -2.86 -10.11 16.08
C ARG C 235 -1.45 -10.61 16.42
N GLN C 236 -0.76 -11.19 15.43
CA GLN C 236 0.61 -11.61 15.63
C GLN C 236 1.49 -10.44 16.08
N LEU C 237 1.33 -9.27 15.45
CA LEU C 237 2.14 -8.12 15.87
C LEU C 237 1.82 -7.71 17.30
N GLN C 238 0.53 -7.68 17.64
CA GLN C 238 0.13 -7.42 19.03
C GLN C 238 0.77 -8.42 19.98
N GLU C 239 0.69 -9.71 19.65
CA GLU C 239 1.25 -10.73 20.54
C GLU C 239 2.74 -10.60 20.74
N LYS C 240 3.46 -10.10 19.74
CA LYS C 240 4.90 -9.89 19.85
C LYS C 240 5.26 -8.54 20.48
N GLY C 241 4.27 -7.80 20.96
CA GLY C 241 4.52 -6.49 21.55
C GLY C 241 4.97 -5.45 20.55
N LEU C 242 4.62 -5.61 19.29
CA LEU C 242 5.07 -4.66 18.29
C LEU C 242 4.12 -3.49 18.05
N ILE C 243 2.91 -3.54 18.58
CA ILE C 243 1.92 -2.51 18.30
C ILE C 243 1.97 -1.48 19.42
N ASP C 244 1.98 -0.19 19.04
CA ASP C 244 1.70 0.94 19.94
C ASP C 244 0.69 0.54 21.00
N LYS C 245 1.09 0.58 22.28
CA LYS C 245 0.17 0.22 23.36
C LYS C 245 -1.06 1.11 23.42
N GLU C 246 -1.04 2.25 22.72
CA GLU C 246 -2.10 3.24 22.74
C GLU C 246 -2.93 3.24 21.46
N ALA C 247 -2.66 2.32 20.53
CA ALA C 247 -3.21 2.43 19.17
C ALA C 247 -4.73 2.39 19.17
N PHE C 248 -5.35 1.67 20.11
CA PHE C 248 -6.80 1.58 20.10
C PHE C 248 -7.49 2.64 20.97
N GLU C 249 -6.75 3.53 21.62
CA GLU C 249 -7.37 4.62 22.39
C GLU C 249 -6.87 6.02 22.04
N HIS C 250 -5.77 6.16 21.33
CA HIS C 250 -5.25 7.52 21.14
C HIS C 250 -5.99 8.23 20.01
N ASP C 251 -5.73 9.52 19.87
CA ASP C 251 -6.36 10.36 18.86
C ASP C 251 -5.30 11.00 17.98
N TRP C 252 -5.78 11.75 16.98
CA TRP C 252 -4.90 12.43 16.04
C TRP C 252 -3.81 13.22 16.76
N ASN C 253 -4.18 14.04 17.76
CA ASN C 253 -3.19 14.91 18.39
C ASN C 253 -2.06 14.12 19.00
N SER C 254 -2.38 13.04 19.71
CA SER C 254 -1.34 12.20 20.27
C SER C 254 -0.53 11.50 19.17
N TYR C 255 -1.20 11.08 18.10
CA TYR C 255 -0.54 10.35 17.02
C TYR C 255 0.57 11.18 16.38
N ILE C 256 0.30 12.46 16.14
CA ILE C 256 1.28 13.29 15.47
C ILE C 256 2.34 13.78 16.43
N ALA C 257 2.03 13.83 17.73
CA ALA C 257 3.06 14.17 18.72
C ALA C 257 4.13 13.10 18.76
N LYS C 258 3.72 11.82 18.74
CA LYS C 258 4.71 10.75 18.66
C LYS C 258 5.39 10.76 17.30
N GLY C 259 4.64 11.08 16.24
CA GLY C 259 5.23 11.16 14.91
C GLY C 259 6.29 12.24 14.83
N HIS C 260 5.99 13.42 15.37
CA HIS C 260 6.96 14.51 15.39
C HIS C 260 8.22 14.10 16.14
N ASP C 261 8.08 13.40 17.26
CA ASP C 261 9.24 12.91 17.98
C ASP C 261 9.90 11.71 17.30
N GLN C 262 9.39 11.30 16.14
CA GLN C 262 9.94 10.18 15.38
C GLN C 262 10.07 8.93 16.24
N LYS C 263 8.92 8.52 16.80
CA LYS C 263 8.82 7.31 17.60
C LYS C 263 8.28 6.09 16.82
N PHE C 264 7.83 6.27 15.58
CA PHE C 264 7.15 5.24 14.81
C PHE C 264 8.14 4.49 13.92
N GLY C 265 8.00 3.17 13.89
CA GLY C 265 8.73 2.39 12.90
C GLY C 265 7.94 2.38 11.62
N VAL C 266 6.73 1.84 11.70
CA VAL C 266 5.79 1.81 10.59
C VAL C 266 4.49 2.39 11.11
N TYR C 267 3.87 3.29 10.33
CA TYR C 267 2.60 3.89 10.67
C TYR C 267 1.89 4.26 9.38
N PHE C 268 0.63 4.65 9.52
CA PHE C 268 -0.25 4.88 8.38
C PHE C 268 -0.78 6.31 8.39
N THR C 269 -0.82 6.93 7.21
CA THR C 269 -1.39 8.27 7.08
C THR C 269 -1.48 8.60 5.58
N TRP C 270 -2.14 9.72 5.28
CA TRP C 270 -2.28 10.14 3.88
C TRP C 270 -0.97 10.71 3.35
N ASP C 271 -0.30 11.54 4.15
CA ASP C 271 0.92 12.26 3.76
C ASP C 271 1.78 12.36 5.00
N LYS C 272 2.99 11.78 4.92
CA LYS C 272 3.90 11.72 6.05
C LYS C 272 4.23 13.09 6.61
N ASN C 273 4.12 14.14 5.78
CA ASN C 273 4.46 15.46 6.24
C ASN C 273 3.49 15.99 7.27
N ASN C 274 2.34 15.33 7.47
CA ASN C 274 1.40 15.71 8.53
C ASN C 274 1.70 15.05 9.88
N VAL C 275 2.56 14.02 9.91
CA VAL C 275 2.74 13.20 11.11
C VAL C 275 4.19 13.23 11.55
N THR C 276 5.09 12.75 10.70
CA THR C 276 6.52 12.77 11.01
C THR C 276 7.26 13.95 10.39
N GLY C 277 6.62 14.75 9.57
CA GLY C 277 7.17 16.05 9.21
C GLY C 277 7.91 16.03 7.90
N SER C 278 8.56 17.16 7.61
CA SER C 278 9.28 17.32 6.35
C SER C 278 10.72 16.89 6.58
N ASN C 279 10.99 15.61 6.41
CA ASN C 279 12.31 15.05 6.59
C ASN C 279 12.40 13.79 5.75
N GLU C 280 13.62 13.34 5.49
CA GLU C 280 13.84 12.17 4.67
C GLU C 280 13.95 10.90 5.48
N SER C 281 13.61 10.95 6.77
CA SER C 281 13.75 9.77 7.63
C SER C 281 12.71 8.71 7.31
N TYR C 282 11.58 9.10 6.74
CA TYR C 282 10.47 8.21 6.46
C TYR C 282 10.23 8.16 4.95
N ASP C 283 9.79 6.99 4.49
CA ASP C 283 9.44 6.84 3.08
C ASP C 283 8.31 5.82 2.97
N VAL C 284 7.73 5.74 1.77
CA VAL C 284 6.70 4.74 1.49
C VAL C 284 7.21 3.33 1.79
N LEU C 285 6.41 2.55 2.51
CA LEU C 285 6.63 1.10 2.57
C LEU C 285 6.18 0.50 1.23
N PRO C 286 7.07 -0.13 0.44
CA PRO C 286 6.62 -0.76 -0.81
C PRO C 286 5.60 -1.86 -0.54
N VAL C 287 4.76 -2.12 -1.56
CA VAL C 287 3.77 -3.19 -1.43
C VAL C 287 4.48 -4.49 -1.10
N LEU C 288 3.95 -5.24 -0.13
CA LEU C 288 4.57 -6.47 0.36
C LEU C 288 3.89 -7.70 -0.22
N ALA C 289 4.69 -8.75 -0.49
CA ALA C 289 4.16 -10.06 -0.83
C ALA C 289 3.79 -10.82 0.43
N GLY C 290 2.59 -11.44 0.42
CA GLY C 290 2.20 -12.27 1.53
C GLY C 290 2.91 -13.63 1.51
N PRO C 291 2.52 -14.49 2.45
CA PRO C 291 3.23 -15.77 2.61
C PRO C 291 3.13 -16.67 1.39
N SER C 292 2.00 -16.61 0.67
CA SER C 292 1.78 -17.41 -0.53
C SER C 292 2.15 -16.64 -1.80
N GLY C 293 2.73 -15.46 -1.66
CA GLY C 293 3.02 -14.64 -2.81
C GLY C 293 1.91 -13.67 -3.22
N GLN C 294 0.88 -13.49 -2.41
CA GLN C 294 -0.08 -12.44 -2.75
C GLN C 294 0.64 -11.10 -2.77
N LYS C 295 0.41 -10.31 -3.82
CA LYS C 295 1.00 -8.97 -3.90
C LYS C 295 -0.04 -8.06 -4.57
N HIS C 296 -0.71 -7.23 -3.75
CA HIS C 296 -1.95 -6.65 -4.20
C HIS C 296 -2.17 -5.33 -3.47
N VAL C 297 -2.87 -4.40 -4.12
CA VAL C 297 -3.41 -3.21 -3.46
C VAL C 297 -4.89 -3.17 -3.77
N ALA C 298 -5.72 -3.19 -2.72
CA ALA C 298 -7.15 -3.00 -2.89
C ALA C 298 -7.42 -1.54 -3.22
N ARG C 299 -8.31 -1.28 -4.16
CA ARG C 299 -8.69 0.08 -4.46
C ARG C 299 -9.79 0.52 -3.52
N THR C 300 -9.68 1.75 -3.02
CA THR C 300 -10.84 2.38 -2.44
C THR C 300 -11.84 2.71 -3.53
N ASN C 301 -13.02 3.11 -3.10
CA ASN C 301 -14.03 3.66 -3.98
C ASN C 301 -14.07 5.19 -3.90
N GLY C 302 -12.98 5.83 -3.42
CA GLY C 302 -12.92 7.28 -3.38
C GLY C 302 -12.69 7.89 -4.75
N MET C 303 -13.06 9.16 -4.87
CA MET C 303 -12.90 9.88 -6.14
C MET C 303 -12.89 11.37 -5.83
N GLY C 304 -12.49 12.16 -6.83
CA GLY C 304 -12.45 13.61 -6.65
C GLY C 304 -13.81 14.27 -6.85
N PHE C 305 -14.80 13.77 -6.14
CA PHE C 305 -16.16 14.26 -6.27
C PHE C 305 -16.88 14.01 -4.95
N ALA C 306 -17.63 15.01 -4.49
CA ALA C 306 -18.48 14.86 -3.32
C ALA C 306 -19.81 15.49 -3.68
N ARG C 307 -20.86 14.66 -3.67
CA ARG C 307 -22.19 15.07 -4.15
C ARG C 307 -22.67 16.34 -3.45
N ASP C 308 -22.52 16.41 -2.14
CA ASP C 308 -23.15 17.46 -1.35
C ASP C 308 -22.10 18.25 -0.57
N LYS C 309 -21.76 19.45 -1.02
CA LYS C 309 -21.07 20.41 -0.16
C LYS C 309 -21.90 21.67 0.09
N MET C 310 -23.17 21.68 -0.32
CA MET C 310 -24.09 22.78 -0.05
C MET C 310 -25.51 22.36 -0.38
N VAL C 311 -26.45 22.62 0.54
CA VAL C 311 -27.86 22.48 0.22
C VAL C 311 -28.57 23.77 0.59
N ILE C 312 -29.67 24.04 -0.10
CA ILE C 312 -30.50 25.21 0.17
C ILE C 312 -31.78 24.72 0.86
N THR C 313 -32.14 25.36 1.97
CA THR C 313 -33.30 24.94 2.74
C THR C 313 -34.59 25.57 2.22
N SER C 314 -35.72 25.02 2.65
CA SER C 314 -37.00 25.54 2.21
C SER C 314 -37.38 26.86 2.88
N VAL C 315 -36.67 27.30 3.93
CA VAL C 315 -36.98 28.58 4.54
C VAL C 315 -36.16 29.71 3.94
N ASN C 316 -35.26 29.40 3.00
CA ASN C 316 -34.39 30.40 2.41
C ASN C 316 -35.19 31.53 1.79
N LYS C 317 -34.82 32.75 2.14
CA LYS C 317 -35.57 33.96 1.86
C LYS C 317 -35.28 34.58 0.51
N ASN C 318 -34.20 34.14 -0.19
CA ASN C 318 -33.77 34.86 -1.36
C ASN C 318 -32.98 33.85 -2.19
N LEU C 319 -33.72 33.05 -2.95
CA LEU C 319 -33.12 31.98 -3.74
C LEU C 319 -32.17 32.52 -4.80
N GLU C 320 -32.55 33.61 -5.47
CA GLU C 320 -31.70 34.12 -6.54
C GLU C 320 -30.36 34.61 -5.97
N LEU C 321 -30.41 35.38 -4.87
CA LEU C 321 -29.19 35.85 -4.23
C LEU C 321 -28.33 34.68 -3.79
N THR C 322 -28.95 33.66 -3.19
CA THR C 322 -28.19 32.50 -2.74
C THR C 322 -27.52 31.80 -3.91
N ALA C 323 -28.26 31.59 -5.00
CA ALA C 323 -27.68 30.86 -6.13
C ALA C 323 -26.51 31.61 -6.72
N LYS C 324 -26.60 32.94 -6.78
CA LYS C 324 -25.50 33.73 -7.32
C LYS C 324 -24.29 33.73 -6.40
N TRP C 325 -24.52 33.75 -5.08
CA TRP C 325 -23.41 33.62 -4.15
C TRP C 325 -22.71 32.29 -4.34
N ILE C 326 -23.48 31.22 -4.44
CA ILE C 326 -22.88 29.90 -4.65
C ILE C 326 -22.11 29.86 -5.96
N ASP C 327 -22.65 30.48 -7.02
CA ASP C 327 -21.93 30.44 -8.30
C ASP C 327 -20.62 31.19 -8.26
N ALA C 328 -20.48 32.21 -7.40
CA ALA C 328 -19.18 32.85 -7.27
C ALA C 328 -18.13 31.87 -6.74
N GLN C 329 -18.56 30.89 -5.94
CA GLN C 329 -17.62 29.89 -5.46
C GLN C 329 -17.10 28.98 -6.58
N TYR C 330 -17.80 28.88 -7.72
CA TYR C 330 -17.34 28.05 -8.83
C TYR C 330 -16.56 28.85 -9.87
N ALA C 331 -16.36 30.14 -9.65
CA ALA C 331 -15.39 30.86 -10.47
C ALA C 331 -14.02 30.20 -10.25
N PRO C 332 -13.26 29.92 -11.31
CA PRO C 332 -12.02 29.13 -11.13
C PRO C 332 -11.09 29.64 -10.03
N LEU C 333 -10.70 30.92 -10.07
CA LEU C 333 -9.81 31.45 -9.04
C LEU C 333 -10.42 31.30 -7.65
N GLN C 334 -11.76 31.40 -7.54
CA GLN C 334 -12.40 31.23 -6.25
C GLN C 334 -12.41 29.76 -5.81
N SER C 335 -12.71 28.84 -6.72
CA SER C 335 -12.71 27.42 -6.37
C SER C 335 -11.34 27.00 -5.84
N VAL C 336 -10.28 27.39 -6.54
CA VAL C 336 -8.93 27.01 -6.15
C VAL C 336 -8.64 27.47 -4.73
N GLN C 337 -8.98 28.73 -4.44
CA GLN C 337 -8.69 29.27 -3.11
C GLN C 337 -9.55 28.62 -2.05
N ASN C 338 -10.87 28.54 -2.29
CA ASN C 338 -11.75 27.91 -1.31
C ASN C 338 -11.27 26.52 -0.94
N ASN C 339 -10.72 25.80 -1.94
CA ASN C 339 -10.23 24.44 -1.72
C ASN C 339 -8.96 24.41 -0.87
N TRP C 340 -7.99 25.31 -1.14
CA TRP C 340 -6.62 25.10 -0.74
C TRP C 340 -5.98 26.19 0.12
N GLY C 341 -6.48 27.43 0.10
CA GLY C 341 -5.86 28.51 0.83
C GLY C 341 -5.83 29.77 -0.03
N THR C 342 -5.03 30.75 0.37
CA THR C 342 -5.10 32.02 -0.36
C THR C 342 -3.74 32.69 -0.32
N TYR C 343 -3.70 33.94 -0.79
CA TYR C 343 -2.47 34.71 -0.92
C TYR C 343 -2.55 35.98 -0.09
N GLY C 344 -1.38 36.54 0.19
CA GLY C 344 -1.29 37.91 0.63
C GLY C 344 -1.67 38.19 2.06
N ASP C 345 -1.86 37.15 2.89
CA ASP C 345 -2.05 37.44 4.30
C ASP C 345 -0.73 37.93 4.88
N ASP C 346 -0.81 38.92 5.78
CA ASP C 346 0.38 39.48 6.41
C ASP C 346 0.69 38.86 7.76
N LYS C 347 -0.33 38.38 8.49
CA LYS C 347 -0.13 37.79 9.80
C LYS C 347 -0.24 36.28 9.79
N GLN C 348 -0.14 35.66 8.61
CA GLN C 348 -0.20 34.22 8.49
C GLN C 348 0.55 33.78 7.24
N GLN C 349 1.12 32.58 7.29
CA GLN C 349 1.72 31.98 6.12
C GLN C 349 0.65 31.79 5.05
N ASN C 350 1.05 31.91 3.78
CA ASN C 350 0.14 31.81 2.65
C ASN C 350 0.41 30.55 1.83
N ILE C 351 -0.66 29.90 1.41
CA ILE C 351 -0.54 28.75 0.50
C ILE C 351 -0.16 29.22 -0.91
N PHE C 352 -0.72 30.36 -1.35
CA PHE C 352 -0.52 30.85 -2.70
C PHE C 352 0.16 32.21 -2.69
N GLU C 353 0.80 32.51 -3.81
CA GLU C 353 1.02 33.88 -4.23
C GLU C 353 0.17 34.13 -5.47
N LEU C 354 -0.31 35.36 -5.62
CA LEU C 354 -1.05 35.74 -6.82
C LEU C 354 -0.08 36.34 -7.83
N ASP C 355 -0.13 35.84 -9.07
CA ASP C 355 0.56 36.48 -10.18
C ASP C 355 -0.43 37.40 -10.87
N GLN C 356 -0.26 38.72 -10.69
CA GLN C 356 -1.17 39.67 -11.32
C GLN C 356 -0.99 39.71 -12.83
N ALA C 357 0.23 39.50 -13.31
CA ALA C 357 0.48 39.54 -14.75
C ALA C 357 -0.38 38.51 -15.50
N SER C 358 -0.52 37.31 -14.94
CA SER C 358 -1.32 36.26 -15.56
C SER C 358 -2.67 36.05 -14.89
N ASN C 359 -2.94 36.77 -13.80
CA ASN C 359 -4.14 36.56 -13.00
C ASN C 359 -4.30 35.10 -12.61
N SER C 360 -3.24 34.52 -12.05
CA SER C 360 -3.24 33.10 -11.72
C SER C 360 -2.51 32.89 -10.41
N LEU C 361 -2.82 31.76 -9.76
CA LEU C 361 -2.25 31.41 -8.48
C LEU C 361 -1.07 30.46 -8.65
N LYS C 362 -0.05 30.65 -7.82
CA LYS C 362 1.11 29.76 -7.77
C LYS C 362 1.33 29.33 -6.32
N HIS C 363 1.43 28.03 -6.10
CA HIS C 363 1.66 27.52 -4.76
C HIS C 363 3.02 27.94 -4.28
N LEU C 364 3.10 28.26 -3.01
CA LEU C 364 4.33 28.62 -2.34
C LEU C 364 4.87 27.42 -1.57
N PRO C 365 6.18 27.37 -1.34
CA PRO C 365 6.74 26.29 -0.53
C PRO C 365 6.28 26.40 0.92
N LEU C 366 5.95 25.25 1.51
CA LEU C 366 5.43 25.22 2.87
C LEU C 366 6.52 25.37 3.92
N ASN C 367 7.78 25.11 3.55
CA ASN C 367 8.93 25.34 4.41
C ASN C 367 8.76 24.66 5.76
N GLY C 368 8.36 23.38 5.73
CA GLY C 368 8.23 22.60 6.94
C GLY C 368 6.84 22.56 7.54
N THR C 369 6.00 23.56 7.26
CA THR C 369 4.64 23.57 7.78
C THR C 369 3.86 22.38 7.27
N ALA C 370 3.12 21.71 8.16
CA ALA C 370 2.31 20.58 7.73
C ALA C 370 1.27 21.07 6.71
N PRO C 371 1.17 20.43 5.54
CA PRO C 371 0.20 20.92 4.54
C PRO C 371 -1.23 20.92 5.06
N ALA C 372 -1.64 19.89 5.80
CA ALA C 372 -3.00 19.85 6.31
C ALA C 372 -3.27 20.99 7.30
N GLU C 373 -2.24 21.42 8.04
CA GLU C 373 -2.43 22.41 9.11
C GLU C 373 -2.75 23.79 8.54
N LEU C 374 -1.91 24.28 7.63
CA LEU C 374 -2.15 25.59 7.04
C LEU C 374 -3.39 25.59 6.17
N ARG C 375 -3.66 24.48 5.46
CA ARG C 375 -4.85 24.43 4.63
C ARG C 375 -6.11 24.55 5.47
N GLN C 376 -6.18 23.82 6.59
CA GLN C 376 -7.44 23.85 7.32
C GLN C 376 -7.61 25.17 8.08
N LYS C 377 -6.53 25.92 8.29
CA LYS C 377 -6.65 27.26 8.86
C LYS C 377 -7.23 28.26 7.85
N THR C 378 -6.96 28.07 6.54
CA THR C 378 -7.17 29.14 5.57
C THR C 378 -8.11 28.77 4.42
N GLU C 379 -8.40 27.48 4.22
CA GLU C 379 -9.37 27.04 3.24
C GLU C 379 -10.78 27.37 3.72
N VAL C 380 -11.74 27.22 2.81
CA VAL C 380 -13.13 27.53 3.11
C VAL C 380 -14.05 26.32 2.92
N GLY C 381 -13.63 25.30 2.17
CA GLY C 381 -14.50 24.15 1.96
C GLY C 381 -15.65 24.55 1.04
N GLY C 382 -16.76 23.84 1.17
CA GLY C 382 -17.96 24.16 0.43
C GLY C 382 -17.91 23.74 -1.02
N PRO C 383 -18.88 24.25 -1.79
CA PRO C 383 -19.05 23.79 -3.18
C PRO C 383 -18.06 24.49 -4.09
N LEU C 384 -17.38 23.73 -4.94
CA LEU C 384 -16.33 24.28 -5.79
C LEU C 384 -15.95 23.22 -6.81
N ALA C 385 -15.21 23.63 -7.82
CA ALA C 385 -14.74 22.68 -8.82
C ALA C 385 -13.32 23.05 -9.20
N ILE C 386 -12.43 22.07 -9.21
CA ILE C 386 -11.10 22.22 -9.78
C ILE C 386 -10.98 21.18 -10.88
N LEU C 387 -10.84 21.65 -12.12
CA LEU C 387 -10.78 20.79 -13.29
C LEU C 387 -9.35 20.66 -13.76
N ASP C 388 -9.09 19.54 -14.44
CA ASP C 388 -7.74 19.28 -14.90
C ASP C 388 -7.23 20.39 -15.82
N SER C 389 -8.11 20.99 -16.61
CA SER C 389 -7.67 22.05 -17.50
C SER C 389 -7.21 23.30 -16.77
N TYR C 390 -7.47 23.41 -15.46
CA TYR C 390 -7.01 24.57 -14.69
C TYR C 390 -5.52 24.54 -14.38
N TYR C 391 -4.88 23.37 -14.35
CA TYR C 391 -3.48 23.33 -13.92
C TYR C 391 -2.61 23.90 -15.02
N GLY C 392 -1.72 24.82 -14.64
CA GLY C 392 -0.93 25.54 -15.61
C GLY C 392 -1.61 26.75 -16.18
N LYS C 393 -2.90 26.94 -15.91
CA LYS C 393 -3.62 28.12 -16.39
C LYS C 393 -4.18 28.94 -15.24
N VAL C 394 -5.05 28.35 -14.41
CA VAL C 394 -5.65 29.09 -13.31
C VAL C 394 -4.74 29.03 -12.09
N THR C 395 -4.09 27.90 -11.89
CA THR C 395 -3.29 27.63 -10.72
C THR C 395 -2.25 26.57 -11.05
N THR C 396 -1.22 26.52 -10.21
CA THR C 396 -0.33 25.38 -10.18
C THR C 396 -1.03 24.19 -9.55
N MET C 397 -0.55 23.01 -9.91
CA MET C 397 -0.95 21.83 -9.14
C MET C 397 -0.15 21.81 -7.84
N PRO C 398 -0.77 21.51 -6.69
CA PRO C 398 -0.01 21.51 -5.43
C PRO C 398 1.17 20.54 -5.52
N ASP C 399 2.29 20.95 -4.94
CA ASP C 399 3.46 20.08 -4.88
C ASP C 399 3.16 18.77 -4.18
N ASP C 400 2.43 18.81 -3.05
CA ASP C 400 2.16 17.57 -2.36
C ASP C 400 1.21 16.67 -3.15
N ALA C 401 0.31 17.26 -3.95
CA ALA C 401 -0.57 16.47 -4.80
C ALA C 401 0.21 15.80 -5.95
N LYS C 402 1.06 16.58 -6.64
CA LYS C 402 1.96 16.02 -7.66
C LYS C 402 2.76 14.85 -7.12
N TRP C 403 3.31 15.01 -5.92
CA TRP C 403 4.16 13.99 -5.32
C TRP C 403 3.38 12.71 -5.04
N ARG C 404 2.22 12.84 -4.41
CA ARG C 404 1.43 11.67 -4.06
C ARG C 404 0.93 10.94 -5.29
N LEU C 405 0.43 11.67 -6.29
CA LEU C 405 0.07 11.05 -7.55
C LEU C 405 1.21 10.19 -8.09
N ASP C 406 2.44 10.70 -8.01
CA ASP C 406 3.57 9.93 -8.52
C ASP C 406 3.85 8.71 -7.65
N LEU C 407 3.70 8.85 -6.32
CA LEU C 407 3.92 7.69 -5.44
C LEU C 407 2.90 6.59 -5.71
N ILE C 408 1.66 6.97 -6.00
CA ILE C 408 0.65 5.97 -6.34
C ILE C 408 1.00 5.27 -7.65
N LYS C 409 1.46 6.03 -8.65
CA LYS C 409 1.94 5.45 -9.90
C LYS C 409 3.08 4.47 -9.65
N GLU C 410 4.07 4.90 -8.87
CA GLU C 410 5.30 4.13 -8.75
C GLU C 410 5.09 2.86 -7.92
N TYR C 411 4.34 2.95 -6.82
CA TYR C 411 4.29 1.90 -5.81
C TYR C 411 3.04 1.03 -5.88
N TYR C 412 1.90 1.61 -6.21
CA TYR C 412 0.64 0.91 -5.98
C TYR C 412 -0.07 0.50 -7.25
N VAL C 413 -0.05 1.34 -8.28
CA VAL C 413 -0.80 1.04 -9.51
C VAL C 413 -0.39 -0.31 -10.10
N PRO C 414 0.89 -0.71 -10.09
CA PRO C 414 1.24 -2.04 -10.65
C PRO C 414 0.56 -3.23 -9.98
N TYR C 415 0.00 -3.07 -8.78
CA TYR C 415 -0.62 -4.18 -8.07
C TYR C 415 -2.10 -3.94 -7.86
N MET C 416 -2.67 -2.91 -8.47
CA MET C 416 -4.11 -2.68 -8.44
C MET C 416 -4.73 -3.49 -9.57
N SER C 417 -4.89 -4.78 -9.32
CA SER C 417 -5.28 -5.71 -10.38
C SER C 417 -6.78 -5.80 -10.58
N ASN C 418 -7.59 -5.14 -9.76
CA ASN C 418 -9.02 -5.05 -10.00
C ASN C 418 -9.27 -3.98 -11.06
N VAL C 419 -9.78 -4.41 -12.22
CA VAL C 419 -10.07 -3.49 -13.32
C VAL C 419 -11.02 -2.38 -12.87
N ASN C 420 -12.01 -2.72 -12.03
CA ASN C 420 -13.00 -1.76 -11.58
C ASN C 420 -12.97 -1.57 -10.07
N ASN C 421 -13.42 -0.38 -9.63
CA ASN C 421 -13.86 -0.18 -8.25
C ASN C 421 -15.36 0.10 -8.27
N TYR C 422 -15.92 0.44 -7.12
CA TYR C 422 -17.37 0.62 -7.07
C TYR C 422 -17.73 2.03 -7.51
N PRO C 423 -18.66 2.19 -8.45
CA PRO C 423 -18.96 3.52 -8.99
C PRO C 423 -19.83 4.33 -8.04
N ARG C 424 -19.76 5.64 -8.20
CA ARG C 424 -20.54 6.53 -7.36
C ARG C 424 -21.94 6.59 -7.95
N VAL C 425 -22.85 5.87 -7.32
CA VAL C 425 -24.24 5.79 -7.77
C VAL C 425 -25.12 6.55 -6.81
N PHE C 426 -26.31 6.90 -7.28
CA PHE C 426 -27.32 7.60 -6.46
C PHE C 426 -28.56 6.71 -6.42
N MET C 427 -28.72 5.97 -5.31
CA MET C 427 -29.77 4.98 -5.15
C MET C 427 -31.12 5.64 -4.86
N THR C 428 -32.17 4.84 -5.03
CA THR C 428 -33.51 5.29 -4.66
C THR C 428 -33.61 5.45 -3.14
N GLN C 429 -34.52 6.32 -2.71
CA GLN C 429 -34.71 6.51 -1.27
C GLN C 429 -35.04 5.18 -0.61
N GLU C 430 -35.77 4.32 -1.30
CA GLU C 430 -36.17 3.04 -0.73
C GLU C 430 -34.96 2.15 -0.48
N ASP C 431 -34.01 2.15 -1.42
CA ASP C 431 -32.81 1.33 -1.24
C ASP C 431 -31.84 1.97 -0.26
N LEU C 432 -31.77 3.29 -0.26
CA LEU C 432 -30.97 4.02 0.72
C LEU C 432 -31.43 3.72 2.14
N ASP C 433 -32.74 3.75 2.35
CA ASP C 433 -33.29 3.45 3.68
C ASP C 433 -32.95 2.04 4.11
N LYS C 434 -33.12 1.05 3.23
CA LYS C 434 -32.79 -0.33 3.58
C LYS C 434 -31.32 -0.46 3.93
N ILE C 435 -30.44 0.11 3.10
CA ILE C 435 -29.00 0.05 3.35
C ILE C 435 -28.65 0.73 4.67
N ALA C 436 -29.29 1.86 4.95
CA ALA C 436 -29.02 2.58 6.20
C ALA C 436 -29.37 1.74 7.42
N HIS C 437 -30.50 1.03 7.37
CA HIS C 437 -30.89 0.16 8.46
C HIS C 437 -29.87 -0.95 8.70
N ILE C 438 -29.35 -1.54 7.63
CA ILE C 438 -28.36 -2.60 7.75
C ILE C 438 -27.06 -2.04 8.29
N GLU C 439 -26.58 -0.94 7.71
CA GLU C 439 -25.31 -0.36 8.13
C GLU C 439 -25.37 0.10 9.58
N ALA C 440 -26.56 0.41 10.09
CA ALA C 440 -26.69 0.81 11.49
C ALA C 440 -26.25 -0.31 12.42
N ASP C 441 -26.43 -1.57 12.00
CA ASP C 441 -25.89 -2.69 12.76
C ASP C 441 -24.45 -3.02 12.39
N MET C 442 -24.16 -3.08 11.10
CA MET C 442 -22.95 -3.71 10.57
C MET C 442 -21.68 -2.88 10.80
N ASN C 443 -21.77 -1.57 10.64
CA ASN C 443 -20.57 -0.76 10.48
C ASN C 443 -19.70 -0.77 11.74
N ASP C 444 -20.30 -0.41 12.89
CA ASP C 444 -19.54 -0.45 14.14
C ASP C 444 -19.15 -1.87 14.52
N TYR C 445 -20.03 -2.84 14.27
CA TYR C 445 -19.80 -4.22 14.69
C TYR C 445 -18.53 -4.77 14.06
N ILE C 446 -18.29 -4.43 12.81
CA ILE C 446 -17.13 -4.94 12.08
C ILE C 446 -15.84 -4.47 12.74
N TYR C 447 -15.77 -3.17 13.06
CA TYR C 447 -14.56 -2.63 13.69
C TYR C 447 -14.42 -3.12 15.12
N ARG C 448 -15.54 -3.25 15.84
CA ARG C 448 -15.51 -3.77 17.21
C ARG C 448 -14.94 -5.19 17.24
N LYS C 449 -15.47 -6.06 16.39
CA LYS C 449 -14.93 -7.42 16.34
C LYS C 449 -13.47 -7.41 15.94
N ARG C 450 -13.12 -6.65 14.90
CA ARG C 450 -11.73 -6.54 14.48
C ARG C 450 -10.82 -6.15 15.65
N ALA C 451 -11.26 -5.19 16.46
CA ALA C 451 -10.42 -4.73 17.57
C ALA C 451 -10.30 -5.82 18.62
N GLU C 452 -11.43 -6.44 18.97
CA GLU C 452 -11.44 -7.47 19.99
C GLU C 452 -10.56 -8.66 19.59
N TRP C 453 -10.51 -8.98 18.29
CA TRP C 453 -9.68 -10.09 17.85
C TRP C 453 -8.19 -9.76 17.90
N ILE C 454 -7.82 -8.50 17.74
CA ILE C 454 -6.40 -8.17 17.88
C ILE C 454 -6.00 -8.10 19.35
N VAL C 455 -6.89 -7.61 20.24
CA VAL C 455 -6.54 -7.49 21.65
C VAL C 455 -6.57 -8.86 22.34
N ASN C 456 -7.67 -9.60 22.16
CA ASN C 456 -7.67 -11.00 22.55
C ASN C 456 -7.15 -11.79 21.36
N GLY C 457 -7.42 -13.07 21.25
CA GLY C 457 -6.95 -13.77 20.08
C GLY C 457 -7.82 -14.96 19.77
N ASN C 458 -9.12 -14.72 19.68
CA ASN C 458 -10.09 -15.80 19.53
C ASN C 458 -10.81 -15.75 18.19
N ILE C 459 -10.17 -15.24 17.14
CA ILE C 459 -10.83 -15.14 15.85
C ILE C 459 -11.16 -16.52 15.30
N ASP C 460 -10.34 -17.54 15.63
CA ASP C 460 -10.59 -18.85 15.05
C ASP C 460 -11.91 -19.43 15.56
N THR C 461 -12.22 -19.26 16.84
CA THR C 461 -13.47 -19.78 17.38
C THR C 461 -14.65 -18.84 17.18
N GLU C 462 -14.43 -17.58 16.83
CA GLU C 462 -15.51 -16.61 16.70
C GLU C 462 -15.87 -16.28 15.26
N TRP C 463 -15.04 -16.69 14.30
CA TRP C 463 -15.17 -16.26 12.92
C TRP C 463 -16.53 -16.64 12.33
N ASP C 464 -16.91 -17.91 12.48
CA ASP C 464 -18.13 -18.35 11.83
C ASP C 464 -19.37 -17.70 12.44
N ASP C 465 -19.37 -17.53 13.77
CA ASP C 465 -20.46 -16.79 14.43
C ASP C 465 -20.51 -15.35 13.92
N TYR C 466 -19.36 -14.72 13.75
CA TYR C 466 -19.32 -13.37 13.21
C TYR C 466 -19.99 -13.29 11.85
N LYS C 467 -19.67 -14.22 10.95
CA LYS C 467 -20.28 -14.20 9.63
C LYS C 467 -21.79 -14.38 9.73
N LYS C 468 -22.25 -15.21 10.67
CA LYS C 468 -23.70 -15.38 10.82
C LYS C 468 -24.35 -14.11 11.35
N GLU C 469 -23.67 -13.41 12.25
CA GLU C 469 -24.17 -12.11 12.72
C GLU C 469 -24.36 -11.15 11.55
N LEU C 470 -23.37 -11.09 10.66
CA LEU C 470 -23.45 -10.19 9.50
C LEU C 470 -24.64 -10.54 8.62
N GLU C 471 -24.86 -11.84 8.40
CA GLU C 471 -26.02 -12.29 7.62
C GLU C 471 -27.33 -11.91 8.31
N LYS C 472 -27.41 -12.15 9.62
CA LYS C 472 -28.61 -11.73 10.36
C LYS C 472 -28.84 -10.23 10.18
N TYR C 473 -27.77 -9.42 10.19
CA TYR C 473 -27.93 -7.98 10.02
C TYR C 473 -28.43 -7.63 8.64
N GLY C 474 -28.31 -8.56 7.68
CA GLY C 474 -28.81 -8.33 6.33
C GLY C 474 -27.74 -8.22 5.26
N LEU C 475 -26.60 -8.87 5.48
CA LEU C 475 -25.47 -8.74 4.55
C LEU C 475 -25.82 -9.16 3.12
N SER C 476 -26.54 -10.26 2.92
CA SER C 476 -26.77 -10.68 1.53
C SER C 476 -27.79 -9.79 0.81
N ASP C 477 -28.74 -9.19 1.55
CA ASP C 477 -29.58 -8.14 0.94
C ASP C 477 -28.75 -6.90 0.62
N TYR C 478 -27.87 -6.51 1.55
CA TYR C 478 -26.90 -5.45 1.31
C TYR C 478 -26.16 -5.68 0.00
N LEU C 479 -25.49 -6.83 -0.11
CA LEU C 479 -24.73 -7.12 -1.32
C LEU C 479 -25.61 -7.09 -2.55
N ALA C 480 -26.83 -7.65 -2.44
CA ALA C 480 -27.72 -7.68 -3.60
C ALA C 480 -28.03 -6.29 -4.10
N ILE C 481 -28.28 -5.36 -3.17
CA ILE C 481 -28.57 -3.98 -3.55
C ILE C 481 -27.37 -3.34 -4.25
N LYS C 482 -26.18 -3.46 -3.64
CA LYS C 482 -24.97 -2.91 -4.25
C LYS C 482 -24.68 -3.55 -5.61
N GLN C 483 -24.80 -4.88 -5.69
CA GLN C 483 -24.64 -5.56 -6.97
C GLN C 483 -25.61 -5.02 -8.01
N LYS C 484 -26.84 -4.72 -7.57
CA LYS C 484 -27.88 -4.25 -8.47
C LYS C 484 -27.48 -2.94 -9.12
N TYR C 485 -26.94 -2.01 -8.33
CA TYR C 485 -26.59 -0.70 -8.86
C TYR C 485 -25.30 -0.78 -9.67
N TYR C 486 -24.36 -1.61 -9.25
CA TYR C 486 -23.20 -1.87 -10.09
C TYR C 486 -23.62 -2.36 -11.47
N ASP C 487 -24.46 -3.41 -11.55
CA ASP C 487 -24.90 -3.92 -12.86
C ASP C 487 -25.61 -2.85 -13.68
N GLN C 488 -26.44 -2.03 -13.04
CA GLN C 488 -27.10 -0.96 -13.78
C GLN C 488 -26.08 0.02 -14.32
N TYR C 489 -25.06 0.33 -13.51
CA TYR C 489 -24.04 1.27 -13.93
C TYR C 489 -23.28 0.73 -15.15
N GLN C 490 -22.87 -0.53 -15.10
CA GLN C 490 -22.17 -1.13 -16.24
C GLN C 490 -23.09 -1.17 -17.46
N ALA C 491 -24.33 -1.63 -17.27
CA ALA C 491 -25.24 -1.82 -18.40
C ALA C 491 -25.42 -0.55 -19.21
N ASN C 492 -25.45 0.61 -18.53
CA ASN C 492 -25.69 1.88 -19.21
C ASN C 492 -24.41 2.64 -19.49
N LYS C 493 -23.31 1.92 -19.68
CA LYS C 493 -22.03 2.53 -20.00
C LYS C 493 -21.65 2.24 -21.46
N LYS D 3 11.08 23.37 -46.30
CA LYS D 3 10.76 21.96 -46.42
C LYS D 3 11.96 21.04 -46.12
N THR D 4 13.19 21.57 -46.17
CA THR D 4 14.38 20.74 -45.99
C THR D 4 15.54 21.58 -45.46
N LEU D 5 16.24 21.05 -44.46
CA LEU D 5 17.42 21.70 -43.91
C LEU D 5 18.52 20.67 -43.71
N LYS D 6 19.74 21.16 -43.70
CA LYS D 6 20.93 20.33 -43.50
C LYS D 6 21.53 20.66 -42.13
N PHE D 7 21.50 19.69 -41.21
CA PHE D 7 22.03 19.82 -39.86
C PHE D 7 23.15 18.80 -39.64
N MET D 8 24.27 19.29 -39.10
CA MET D 8 25.25 18.39 -38.51
C MET D 8 24.80 18.04 -37.09
N THR D 9 25.08 16.81 -36.66
CA THR D 9 24.65 16.41 -35.33
C THR D 9 25.61 15.40 -34.74
N ALA D 10 25.51 15.27 -33.41
CA ALA D 10 26.22 14.27 -32.63
C ALA D 10 25.21 13.30 -32.03
N SER D 11 25.45 11.99 -32.19
CA SER D 11 24.60 11.01 -31.52
C SER D 11 25.46 9.86 -31.00
N SER D 12 24.82 9.01 -30.21
CA SER D 12 25.47 7.82 -29.66
C SER D 12 25.69 6.76 -30.74
N PRO D 13 26.81 6.03 -30.64
CA PRO D 13 27.03 4.92 -31.59
C PRO D 13 26.01 3.81 -31.48
N LEU D 14 25.28 3.73 -30.38
CA LEU D 14 24.20 2.77 -30.21
C LEU D 14 22.91 3.15 -30.93
N SER D 15 22.80 4.38 -31.42
CA SER D 15 21.62 4.88 -32.12
C SER D 15 21.82 4.77 -33.62
N PRO D 16 20.75 4.88 -34.41
CA PRO D 16 20.89 4.62 -35.86
C PRO D 16 21.80 5.61 -36.57
N LYS D 17 22.53 5.09 -37.56
CA LYS D 17 23.33 5.92 -38.44
C LYS D 17 22.53 7.07 -39.05
N ASP D 18 21.30 6.81 -39.49
CA ASP D 18 20.40 7.87 -39.95
C ASP D 18 19.54 8.31 -38.78
N PRO D 19 19.72 9.52 -38.26
CA PRO D 19 18.87 9.99 -37.16
C PRO D 19 17.39 9.98 -37.48
N ASN D 20 17.01 10.04 -38.76
CA ASN D 20 15.60 9.99 -39.14
C ASN D 20 14.97 8.63 -38.89
N GLU D 21 15.75 7.61 -38.53
CA GLU D 21 15.14 6.37 -38.05
C GLU D 21 14.71 6.44 -36.58
N LYS D 22 15.10 7.48 -35.84
CA LYS D 22 14.58 7.65 -34.48
C LYS D 22 13.11 8.07 -34.54
N LEU D 23 12.30 7.47 -33.67
CA LEU D 23 10.88 7.80 -33.63
C LEU D 23 10.64 9.28 -33.34
N ILE D 24 11.42 9.87 -32.44
CA ILE D 24 11.20 11.28 -32.11
C ILE D 24 11.29 12.13 -33.37
N LEU D 25 12.27 11.86 -34.23
CA LEU D 25 12.49 12.72 -35.39
C LEU D 25 11.52 12.41 -36.51
N GLN D 26 11.05 11.17 -36.60
CA GLN D 26 9.96 10.88 -37.53
C GLN D 26 8.74 11.71 -37.18
N ARG D 27 8.36 11.72 -35.90
CA ARG D 27 7.23 12.53 -35.49
C ARG D 27 7.50 14.02 -35.66
N LEU D 28 8.71 14.46 -35.35
CA LEU D 28 9.02 15.88 -35.49
C LEU D 28 8.84 16.33 -36.93
N GLU D 29 9.22 15.49 -37.89
CA GLU D 29 9.03 15.84 -39.29
C GLU D 29 7.55 15.97 -39.64
N LYS D 30 6.71 15.09 -39.07
CA LYS D 30 5.26 15.28 -39.15
C LYS D 30 4.87 16.68 -38.72
N GLU D 31 5.32 17.09 -37.53
CA GLU D 31 4.79 18.27 -36.87
C GLU D 31 5.31 19.55 -37.52
N THR D 32 6.62 19.66 -37.71
CA THR D 32 7.20 20.84 -38.34
C THR D 32 7.01 20.88 -39.85
N GLY D 33 6.84 19.73 -40.50
CA GLY D 33 6.85 19.65 -41.95
C GLY D 33 8.21 19.86 -42.57
N VAL D 34 9.28 19.76 -41.79
CA VAL D 34 10.64 20.02 -42.25
C VAL D 34 11.42 18.72 -42.20
N HIS D 35 11.91 18.28 -43.36
CA HIS D 35 12.81 17.15 -43.41
C HIS D 35 14.22 17.64 -43.11
N ILE D 36 14.92 16.91 -42.23
CA ILE D 36 16.32 17.20 -41.96
C ILE D 36 17.17 16.13 -42.64
N ASP D 37 18.07 16.56 -43.52
CA ASP D 37 19.18 15.70 -43.94
C ASP D 37 20.28 15.84 -42.90
N TRP D 38 20.61 14.76 -42.21
CA TRP D 38 21.58 14.83 -41.13
C TRP D 38 22.97 14.45 -41.62
N THR D 39 23.98 15.15 -41.11
CA THR D 39 25.34 14.65 -41.06
C THR D 39 25.56 14.22 -39.61
N ASN D 40 25.55 12.92 -39.38
CA ASN D 40 25.50 12.35 -38.03
C ASN D 40 26.86 11.77 -37.70
N TYR D 41 27.62 12.47 -36.85
CA TYR D 41 28.89 11.96 -36.36
C TYR D 41 28.67 11.26 -35.03
N GLN D 42 28.98 9.96 -34.99
CA GLN D 42 28.72 9.14 -33.81
C GLN D 42 29.97 8.88 -32.98
N SER D 43 31.12 9.37 -33.42
CA SER D 43 32.33 9.32 -32.61
C SER D 43 33.23 10.46 -33.06
N ASP D 44 34.05 10.94 -32.14
CA ASP D 44 34.93 12.08 -32.43
C ASP D 44 34.18 13.22 -33.13
N PHE D 45 32.95 13.50 -32.68
CA PHE D 45 32.17 14.58 -33.28
C PHE D 45 32.96 15.89 -33.33
N ALA D 46 33.58 16.28 -32.21
CA ALA D 46 34.25 17.59 -32.14
C ALA D 46 35.29 17.75 -33.25
N GLU D 47 36.15 16.74 -33.42
CA GLU D 47 37.20 16.81 -34.44
C GLU D 47 36.60 16.86 -35.85
N LYS D 48 35.60 16.01 -36.12
CA LYS D 48 35.01 16.00 -37.46
C LYS D 48 34.27 17.30 -37.73
N ARG D 49 33.56 17.82 -36.73
CA ARG D 49 32.95 19.13 -36.84
C ARG D 49 33.98 20.19 -37.20
N ASN D 50 35.09 20.22 -36.48
CA ASN D 50 36.12 21.21 -36.77
C ASN D 50 36.67 21.05 -38.19
N LEU D 51 36.75 19.81 -38.68
CA LEU D 51 37.22 19.61 -40.05
C LEU D 51 36.25 20.22 -41.04
N ASP D 52 34.95 20.03 -40.82
CA ASP D 52 33.94 20.61 -41.69
C ASP D 52 34.00 22.12 -41.68
N ILE D 53 34.29 22.71 -40.52
CA ILE D 53 34.35 24.17 -40.45
C ILE D 53 35.60 24.69 -41.15
N SER D 54 36.76 24.08 -40.87
CA SER D 54 38.00 24.59 -41.47
C SER D 54 38.02 24.44 -42.98
N SER D 55 37.27 23.46 -43.51
CA SER D 55 37.22 23.20 -44.94
C SER D 55 36.13 23.99 -45.66
N GLY D 56 35.20 24.60 -44.93
CA GLY D 56 34.12 25.35 -45.51
C GLY D 56 32.87 24.56 -45.78
N ASP D 57 32.85 23.26 -45.46
CA ASP D 57 31.70 22.40 -45.73
C ASP D 57 30.72 22.52 -44.57
N LEU D 58 29.96 23.62 -44.57
CA LEU D 58 29.10 23.96 -43.46
C LEU D 58 27.66 23.53 -43.72
N PRO D 59 26.99 23.00 -42.72
CA PRO D 59 25.55 22.73 -42.82
C PRO D 59 24.79 24.03 -42.58
N ASP D 60 23.47 23.95 -42.61
CA ASP D 60 22.66 25.10 -42.19
C ASP D 60 22.77 25.35 -40.69
N ALA D 61 23.13 24.34 -39.91
CA ALA D 61 23.19 24.49 -38.47
C ALA D 61 23.88 23.27 -37.88
N ILE D 62 24.39 23.42 -36.67
CA ILE D 62 25.03 22.32 -35.95
C ILE D 62 24.17 22.01 -34.73
N HIS D 63 23.53 20.85 -34.76
CA HIS D 63 22.61 20.38 -33.73
C HIS D 63 23.39 19.54 -32.72
N ASN D 64 23.04 19.68 -31.44
CA ASN D 64 23.69 18.90 -30.37
C ASN D 64 25.18 19.21 -30.32
N ASP D 65 25.52 20.49 -30.51
CA ASP D 65 26.89 20.88 -30.80
C ASP D 65 27.82 20.72 -29.58
N GLY D 66 27.45 21.31 -28.45
CA GLY D 66 28.30 21.21 -27.27
C GLY D 66 29.71 21.76 -27.43
N ALA D 67 29.86 22.91 -28.07
CA ALA D 67 31.18 23.52 -28.26
C ALA D 67 31.61 24.34 -27.04
N SER D 68 32.93 24.46 -26.86
CA SER D 68 33.48 25.32 -25.82
C SER D 68 33.20 26.79 -26.11
N ASP D 69 33.37 27.63 -25.09
CA ASP D 69 33.14 29.06 -25.27
C ASP D 69 34.14 29.65 -26.26
N VAL D 70 35.38 29.16 -26.24
CA VAL D 70 36.39 29.74 -27.10
C VAL D 70 36.11 29.40 -28.57
N ASP D 71 35.59 28.20 -28.84
CA ASP D 71 35.19 27.87 -30.21
C ASP D 71 34.02 28.77 -30.64
N LEU D 72 33.01 28.91 -29.77
CA LEU D 72 31.85 29.74 -30.06
C LEU D 72 32.24 31.17 -30.45
N MET D 73 33.07 31.83 -29.64
CA MET D 73 33.46 33.19 -29.94
C MET D 73 34.32 33.25 -31.20
N ASN D 74 35.20 32.26 -31.39
CA ASN D 74 36.01 32.26 -32.60
C ASN D 74 35.13 32.10 -33.83
N TRP D 75 34.14 31.20 -33.80
CA TRP D 75 33.21 31.11 -34.93
C TRP D 75 32.40 32.40 -35.07
N ALA D 76 31.99 32.97 -33.94
CA ALA D 76 31.29 34.24 -33.97
C ALA D 76 32.14 35.30 -34.68
N LYS D 77 33.37 35.51 -34.20
CA LYS D 77 34.20 36.61 -34.72
C LYS D 77 34.53 36.41 -36.19
N LYS D 78 34.74 35.17 -36.61
CA LYS D 78 35.03 34.93 -38.02
C LYS D 78 33.77 34.80 -38.86
N GLY D 79 32.59 35.00 -38.28
CA GLY D 79 31.35 34.90 -39.03
C GLY D 79 30.99 33.50 -39.49
N VAL D 80 31.45 32.46 -38.80
CA VAL D 80 31.05 31.10 -39.15
C VAL D 80 29.60 30.87 -38.78
N ILE D 81 29.21 31.37 -37.60
CA ILE D 81 27.85 31.33 -37.08
C ILE D 81 27.38 32.77 -36.92
N ILE D 82 26.08 32.94 -36.71
CA ILE D 82 25.46 34.25 -36.62
C ILE D 82 24.92 34.53 -35.23
N PRO D 83 24.79 35.79 -34.82
CA PRO D 83 23.99 36.09 -33.64
C PRO D 83 22.54 35.69 -33.88
N VAL D 84 21.86 35.30 -32.81
CA VAL D 84 20.51 34.73 -32.93
C VAL D 84 19.49 35.47 -32.08
N GLU D 85 19.88 36.53 -31.37
CA GLU D 85 18.94 37.14 -30.43
C GLU D 85 17.76 37.76 -31.17
N ASP D 86 17.99 38.29 -32.37
CA ASP D 86 16.89 38.82 -33.19
C ASP D 86 15.95 37.71 -33.61
N LEU D 87 16.50 36.58 -34.07
CA LEU D 87 15.69 35.44 -34.43
C LEU D 87 14.81 35.01 -33.26
N ILE D 88 15.36 35.01 -32.05
CA ILE D 88 14.58 34.64 -30.87
C ILE D 88 13.36 35.53 -30.75
N ASP D 89 13.58 36.84 -30.88
CA ASP D 89 12.51 37.81 -30.65
C ASP D 89 11.41 37.68 -31.70
N LYS D 90 11.77 37.38 -32.95
CA LYS D 90 10.78 37.42 -34.03
C LYS D 90 10.05 36.11 -34.25
N TYR D 91 10.67 34.96 -33.96
CA TYR D 91 10.09 33.71 -34.42
C TYR D 91 9.97 32.61 -33.37
N MET D 92 10.37 32.84 -32.12
CA MET D 92 10.57 31.75 -31.17
C MET D 92 9.77 31.99 -29.88
N PRO D 93 8.45 31.82 -29.93
CA PRO D 93 7.63 32.07 -28.73
C PRO D 93 7.89 31.07 -27.60
N ASN D 94 8.23 29.81 -27.90
CA ASN D 94 8.46 28.87 -26.81
C ASN D 94 9.69 29.25 -26.00
N LEU D 95 10.82 29.47 -26.68
CA LEU D 95 12.03 29.94 -26.00
C LEU D 95 11.81 31.30 -25.33
N LYS D 96 11.08 32.20 -26.00
CA LYS D 96 10.80 33.51 -25.41
C LYS D 96 9.97 33.37 -24.14
N LYS D 97 9.00 32.44 -24.14
CA LYS D 97 8.26 32.13 -22.93
C LYS D 97 9.17 31.65 -21.81
N ILE D 98 10.13 30.78 -22.15
CA ILE D 98 11.03 30.21 -21.15
C ILE D 98 11.91 31.29 -20.55
N LEU D 99 12.50 32.13 -21.39
CA LEU D 99 13.37 33.17 -20.88
C LEU D 99 12.59 34.24 -20.12
N ASP D 100 11.28 34.33 -20.35
CA ASP D 100 10.41 35.16 -19.53
C ASP D 100 10.36 34.64 -18.09
N GLU D 101 10.02 33.36 -17.92
CA GLU D 101 9.87 32.80 -16.58
C GLU D 101 11.20 32.74 -15.85
N LYS D 102 12.29 32.43 -16.54
CA LYS D 102 13.61 32.24 -15.93
C LYS D 102 14.63 33.14 -16.61
N PRO D 103 14.63 34.45 -16.31
CA PRO D 103 15.45 35.38 -17.10
C PRO D 103 16.94 35.24 -16.90
N GLU D 104 17.39 34.64 -15.80
CA GLU D 104 18.81 34.37 -15.66
C GLU D 104 19.36 33.47 -16.77
N TYR D 105 18.53 32.63 -17.38
CA TYR D 105 19.06 31.84 -18.50
C TYR D 105 19.41 32.74 -19.68
N LYS D 106 18.67 33.83 -19.86
CA LYS D 106 19.02 34.76 -20.92
C LYS D 106 20.39 35.37 -20.68
N ALA D 107 20.69 35.71 -19.41
CA ALA D 107 22.03 36.24 -19.11
C ALA D 107 23.10 35.18 -19.37
N LEU D 108 22.79 33.90 -19.10
CA LEU D 108 23.73 32.83 -19.38
C LEU D 108 23.94 32.59 -20.87
N MET D 109 23.03 33.09 -21.71
CA MET D 109 23.14 32.91 -23.16
C MET D 109 23.90 34.03 -23.85
N THR D 110 24.14 35.16 -23.17
CA THR D 110 24.63 36.38 -23.77
C THR D 110 26.13 36.52 -23.60
N ALA D 111 26.84 36.71 -24.72
CA ALA D 111 28.27 36.96 -24.72
C ALA D 111 28.55 38.39 -24.20
N PRO D 112 29.80 38.68 -23.82
CA PRO D 112 30.11 40.05 -23.36
C PRO D 112 29.90 41.10 -24.43
N ASP D 113 29.76 40.73 -25.71
CA ASP D 113 29.46 41.71 -26.73
C ASP D 113 27.96 41.96 -26.89
N GLY D 114 27.13 41.38 -26.03
CA GLY D 114 25.68 41.57 -26.10
C GLY D 114 24.93 40.59 -26.98
N HIS D 115 25.61 39.84 -27.82
CA HIS D 115 24.96 38.93 -28.74
C HIS D 115 24.73 37.57 -28.09
N ILE D 116 23.70 36.88 -28.56
CA ILE D 116 23.48 35.48 -28.24
C ILE D 116 23.86 34.67 -29.47
N TYR D 117 24.70 33.64 -29.26
CA TYR D 117 25.26 32.89 -30.36
C TYR D 117 24.83 31.44 -30.41
N SER D 118 24.07 30.95 -29.42
CA SER D 118 23.76 29.54 -29.38
C SER D 118 22.47 29.33 -28.58
N PHE D 119 21.89 28.15 -28.76
CA PHE D 119 20.69 27.76 -28.05
C PHE D 119 21.03 26.69 -27.01
N PRO D 120 20.62 26.88 -25.76
CA PRO D 120 21.10 26.06 -24.66
C PRO D 120 20.29 24.78 -24.43
N TRP D 121 20.93 23.87 -23.69
CA TRP D 121 20.26 22.81 -22.94
C TRP D 121 20.07 23.26 -21.50
N ILE D 122 18.85 23.13 -21.00
CA ILE D 122 18.46 23.52 -19.64
C ILE D 122 17.75 22.34 -19.01
N GLU D 123 18.25 21.86 -17.88
CA GLU D 123 17.64 20.72 -17.19
C GLU D 123 17.74 20.99 -15.70
N GLU D 124 16.62 21.33 -15.07
CA GLU D 124 16.60 21.72 -13.66
C GLU D 124 16.39 20.48 -12.80
N LEU D 125 17.42 20.10 -12.06
CA LEU D 125 17.41 18.93 -11.20
C LEU D 125 18.26 19.32 -9.99
N GLY D 126 17.59 19.86 -8.97
CA GLY D 126 18.27 20.37 -7.80
C GLY D 126 18.98 21.67 -8.09
N ASP D 127 19.37 22.36 -7.03
CA ASP D 127 19.94 23.70 -7.10
C ASP D 127 21.05 23.80 -6.07
N GLY D 128 22.11 24.54 -6.38
CA GLY D 128 23.14 24.76 -5.38
C GLY D 128 23.85 23.47 -5.03
N LYS D 129 24.13 23.28 -3.72
CA LYS D 129 24.82 22.07 -3.31
C LYS D 129 24.03 20.82 -3.67
N GLU D 130 22.71 20.92 -3.74
CA GLU D 130 21.82 19.80 -4.03
C GLU D 130 21.69 19.52 -5.52
N SER D 131 22.41 20.25 -6.36
CA SER D 131 22.39 19.95 -7.78
C SER D 131 22.79 18.49 -8.02
N ILE D 132 22.17 17.84 -9.00
CA ILE D 132 22.56 16.48 -9.35
C ILE D 132 23.97 16.48 -9.95
N HIS D 133 24.41 17.60 -10.46
CA HIS D 133 25.76 17.75 -10.99
C HIS D 133 26.82 18.00 -9.93
N SER D 134 26.44 18.14 -8.65
CA SER D 134 27.40 18.54 -7.63
C SER D 134 28.55 17.56 -7.49
N VAL D 135 28.27 16.26 -7.66
CA VAL D 135 29.30 15.21 -7.67
C VAL D 135 29.07 14.34 -8.90
N ASN D 136 30.07 14.24 -9.79
CA ASN D 136 29.85 13.40 -10.96
C ASN D 136 30.37 11.97 -10.76
N ASP D 137 31.57 11.80 -10.21
CA ASP D 137 32.19 10.46 -10.10
C ASP D 137 32.01 9.91 -8.68
N MET D 138 30.78 9.50 -8.39
CA MET D 138 30.49 8.88 -7.10
C MET D 138 31.26 7.57 -6.92
N ALA D 139 31.65 7.28 -5.67
CA ALA D 139 32.30 6.03 -5.33
C ALA D 139 31.30 5.00 -4.85
N TRP D 140 31.48 3.76 -5.27
CA TRP D 140 30.57 2.68 -4.92
C TRP D 140 31.37 1.54 -4.33
N ILE D 141 30.75 0.79 -3.42
CA ILE D 141 31.44 -0.29 -2.72
C ILE D 141 30.53 -1.50 -2.72
N ASN D 142 31.14 -2.68 -2.76
CA ASN D 142 30.40 -3.94 -2.78
C ASN D 142 30.01 -4.26 -1.34
N LYS D 143 28.76 -3.94 -0.98
CA LYS D 143 28.27 -4.22 0.37
C LYS D 143 28.22 -5.73 0.65
N ASP D 144 27.93 -6.53 -0.37
CA ASP D 144 27.89 -7.99 -0.18
C ASP D 144 29.23 -8.51 0.32
N TRP D 145 30.33 -8.11 -0.32
CA TRP D 145 31.65 -8.54 0.13
C TRP D 145 31.93 -8.11 1.56
N LEU D 146 31.57 -6.86 1.92
CA LEU D 146 31.69 -6.44 3.32
C LEU D 146 30.97 -7.41 4.25
N LYS D 147 29.72 -7.72 3.92
CA LYS D 147 28.96 -8.64 4.76
C LYS D 147 29.65 -10.00 4.86
N LYS D 148 30.07 -10.56 3.73
CA LYS D 148 30.66 -11.91 3.73
C LYS D 148 31.92 -11.94 4.59
N LEU D 149 32.80 -10.95 4.43
CA LEU D 149 34.02 -10.88 5.23
C LEU D 149 33.77 -10.33 6.64
N GLY D 150 32.52 -10.06 7.00
CA GLY D 150 32.25 -9.51 8.32
C GLY D 150 32.88 -8.17 8.60
N LEU D 151 33.01 -7.32 7.59
CA LEU D 151 33.62 -6.01 7.77
C LEU D 151 32.55 -4.92 7.84
N GLU D 152 32.81 -3.91 8.66
CA GLU D 152 31.97 -2.72 8.70
C GLU D 152 32.27 -1.81 7.51
N MET D 153 31.31 -0.94 7.21
CA MET D 153 31.53 0.09 6.21
C MET D 153 32.73 0.94 6.62
N PRO D 154 33.68 1.20 5.73
CA PRO D 154 34.84 2.01 6.13
C PRO D 154 34.43 3.46 6.34
N LYS D 155 35.06 4.10 7.33
CA LYS D 155 34.79 5.51 7.66
C LYS D 155 35.99 6.40 7.47
N THR D 156 37.18 5.84 7.28
CA THR D 156 38.42 6.58 7.09
C THR D 156 39.17 6.01 5.90
N THR D 157 40.12 6.81 5.38
CA THR D 157 40.97 6.30 4.31
C THR D 157 41.82 5.12 4.78
N ASP D 158 42.15 5.05 6.08
CA ASP D 158 42.88 3.89 6.58
C ASP D 158 41.97 2.66 6.66
N ASP D 159 40.72 2.86 7.08
CA ASP D 159 39.74 1.77 6.98
C ASP D 159 39.63 1.28 5.54
N LEU D 160 39.61 2.21 4.59
CA LEU D 160 39.48 1.83 3.18
C LEU D 160 40.62 0.91 2.75
N ILE D 161 41.85 1.21 3.16
CA ILE D 161 42.98 0.36 2.77
C ILE D 161 42.80 -1.05 3.32
N LYS D 162 42.35 -1.17 4.58
CA LYS D 162 42.16 -2.49 5.15
C LYS D 162 41.06 -3.26 4.42
N VAL D 163 39.94 -2.59 4.15
CA VAL D 163 38.85 -3.22 3.39
C VAL D 163 39.34 -3.73 2.04
N LEU D 164 40.09 -2.90 1.30
CA LEU D 164 40.55 -3.31 -0.03
C LEU D 164 41.50 -4.50 0.08
N GLU D 165 42.41 -4.47 1.05
CA GLU D 165 43.29 -5.62 1.26
C GLU D 165 42.48 -6.87 1.57
N ALA D 166 41.39 -6.73 2.31
CA ALA D 166 40.52 -7.87 2.61
C ALA D 166 39.79 -8.34 1.34
N PHE D 167 39.34 -7.41 0.50
CA PHE D 167 38.77 -7.79 -0.78
C PHE D 167 39.78 -8.60 -1.60
N LYS D 168 41.06 -8.22 -1.54
CA LYS D 168 42.05 -8.77 -2.45
C LYS D 168 42.53 -10.15 -2.01
N ASN D 169 42.69 -10.35 -0.70
CA ASN D 169 43.21 -11.61 -0.17
C ASN D 169 42.14 -12.52 0.43
N GLY D 170 40.96 -12.00 0.72
CA GLY D 170 39.99 -12.77 1.47
C GLY D 170 38.97 -13.53 0.67
N ASP D 171 38.99 -13.42 -0.65
CA ASP D 171 38.09 -14.18 -1.52
C ASP D 171 36.65 -14.02 -1.05
N PRO D 172 36.11 -12.80 -1.01
CA PRO D 172 34.71 -12.63 -0.57
C PRO D 172 33.69 -13.27 -1.50
N ASN D 173 33.96 -13.38 -2.82
CA ASN D 173 33.04 -14.08 -3.72
C ASN D 173 32.95 -15.57 -3.38
N GLY D 174 33.93 -16.10 -2.65
CA GLY D 174 33.89 -17.48 -2.21
C GLY D 174 34.28 -18.53 -3.23
N ASN D 175 34.88 -18.15 -4.36
CA ASN D 175 35.24 -19.13 -5.40
C ASN D 175 36.68 -19.63 -5.30
N GLY D 176 37.37 -19.35 -4.20
CA GLY D 176 38.72 -19.83 -4.01
C GLY D 176 39.77 -19.27 -4.94
N GLU D 177 39.44 -18.25 -5.73
CA GLU D 177 40.39 -17.60 -6.62
C GLU D 177 40.46 -16.11 -6.31
N ALA D 178 41.60 -15.51 -6.62
CA ALA D 178 41.80 -14.08 -6.39
C ALA D 178 41.43 -13.28 -7.65
N ASP D 179 40.16 -13.43 -8.03
CA ASP D 179 39.59 -12.66 -9.12
C ASP D 179 39.14 -11.28 -8.66
N GLU D 180 39.08 -11.04 -7.35
CA GLU D 180 38.57 -9.77 -6.85
C GLU D 180 39.47 -8.62 -7.28
N ILE D 181 38.88 -7.65 -7.96
CA ILE D 181 39.54 -6.39 -8.28
C ILE D 181 39.13 -5.40 -7.19
N PRO D 182 40.00 -5.06 -6.24
CA PRO D 182 39.55 -4.24 -5.10
C PRO D 182 39.12 -2.83 -5.48
N PHE D 183 39.90 -2.17 -6.33
CA PHE D 183 39.73 -0.74 -6.58
C PHE D 183 39.91 -0.49 -8.06
N SER D 184 38.93 0.16 -8.68
CA SER D 184 39.02 0.42 -10.11
C SER D 184 38.41 1.77 -10.46
N PHE D 185 38.74 2.23 -11.65
CA PHE D 185 38.39 3.55 -12.16
C PHE D 185 38.76 3.60 -13.63
N ILE D 186 38.28 4.64 -14.30
CA ILE D 186 38.81 5.03 -15.60
C ILE D 186 39.43 6.42 -15.43
N SER D 187 40.74 6.52 -15.69
CA SER D 187 41.50 7.71 -15.31
C SER D 187 41.24 8.88 -16.28
N GLY D 188 41.13 10.09 -15.73
CA GLY D 188 40.92 11.28 -16.55
C GLY D 188 39.76 12.14 -16.09
N ASN D 189 39.17 12.90 -17.01
CA ASN D 189 37.94 13.59 -16.74
C ASN D 189 36.80 12.58 -16.62
N GLY D 190 35.71 12.99 -16.01
CA GLY D 190 34.46 12.28 -16.19
C GLY D 190 34.09 11.40 -15.02
N ASN D 191 33.01 10.65 -15.21
CA ASN D 191 32.28 10.03 -14.12
C ASN D 191 32.97 8.81 -13.51
N GLU D 192 34.03 8.30 -14.12
CA GLU D 192 34.65 7.08 -13.61
C GLU D 192 36.03 7.32 -13.01
N ASP D 193 36.46 8.57 -12.91
CA ASP D 193 37.75 8.88 -12.30
C ASP D 193 37.69 8.75 -10.78
N PHE D 194 38.87 8.59 -10.17
CA PHE D 194 39.00 8.47 -8.72
C PHE D 194 39.16 9.82 -7.98
N LYS D 195 39.17 10.96 -8.69
CA LYS D 195 39.50 12.21 -8.00
C LYS D 195 38.52 12.57 -6.87
N PHE D 196 37.35 11.97 -6.85
CA PHE D 196 36.40 12.21 -5.76
C PHE D 196 37.03 11.96 -4.40
N LEU D 197 37.93 10.99 -4.29
CA LEU D 197 38.58 10.68 -3.02
C LEU D 197 39.61 11.71 -2.57
N PHE D 198 40.11 12.58 -3.44
CA PHE D 198 41.15 13.52 -3.00
C PHE D 198 40.65 14.46 -1.91
N ALA D 199 39.35 14.74 -1.86
CA ALA D 199 38.81 15.62 -0.83
C ALA D 199 38.90 15.04 0.57
N ALA D 200 39.22 13.75 0.71
CA ALA D 200 39.52 13.15 2.01
C ALA D 200 40.84 13.65 2.57
N PHE D 201 41.61 14.38 1.79
CA PHE D 201 42.85 14.98 2.26
C PHE D 201 42.73 16.48 2.36
N GLY D 202 41.52 17.01 2.27
CA GLY D 202 41.27 18.44 2.24
C GLY D 202 41.18 18.98 0.83
N ILE D 203 40.19 19.84 0.60
CA ILE D 203 39.98 20.60 -0.64
C ILE D 203 39.54 19.72 -1.79
N GLY D 204 40.33 18.70 -2.14
CA GLY D 204 39.91 17.81 -3.21
C GLY D 204 40.21 18.31 -4.61
N ASP D 205 39.47 17.74 -5.58
CA ASP D 205 39.71 17.99 -6.99
C ASP D 205 38.39 17.90 -7.74
N ASN D 206 38.33 18.55 -8.90
CA ASN D 206 37.25 18.33 -9.86
C ASN D 206 37.85 18.37 -11.27
N ASP D 207 37.00 18.24 -12.29
CA ASP D 207 37.53 18.17 -13.66
C ASP D 207 38.08 19.50 -14.14
N ASP D 208 37.58 20.61 -13.58
CA ASP D 208 38.20 21.91 -13.83
C ASP D 208 39.50 22.11 -13.08
N HIS D 209 39.77 21.28 -12.05
CA HIS D 209 40.85 21.54 -11.11
C HIS D 209 40.72 22.94 -10.50
N LEU D 210 39.48 23.32 -10.20
CA LEU D 210 39.20 24.69 -9.76
C LEU D 210 38.02 24.65 -8.80
N VAL D 211 38.26 25.16 -7.57
CA VAL D 211 37.23 25.35 -6.56
C VAL D 211 37.32 26.81 -6.08
N VAL D 212 36.34 27.23 -5.27
CA VAL D 212 36.27 28.61 -4.77
C VAL D 212 36.28 28.58 -3.25
N GLY D 213 37.32 29.17 -2.66
CA GLY D 213 37.41 29.21 -1.22
C GLY D 213 36.29 30.05 -0.62
N ASN D 214 35.99 29.78 0.64
CA ASN D 214 35.05 30.62 1.37
C ASN D 214 35.60 32.00 1.70
N ASP D 215 36.86 32.27 1.37
CA ASP D 215 37.42 33.61 1.36
C ASP D 215 37.23 34.29 0.02
N GLY D 216 36.48 33.66 -0.89
CA GLY D 216 36.23 34.23 -2.19
C GLY D 216 37.34 34.07 -3.19
N LYS D 217 38.42 33.34 -2.86
CA LYS D 217 39.56 33.19 -3.75
C LYS D 217 39.44 31.88 -4.52
N VAL D 218 39.66 31.96 -5.84
CA VAL D 218 39.63 30.74 -6.65
C VAL D 218 40.91 29.95 -6.41
N ASP D 219 40.77 28.62 -6.32
CA ASP D 219 41.90 27.78 -5.97
C ASP D 219 42.08 26.69 -7.02
N PHE D 220 43.23 26.73 -7.70
CA PHE D 220 43.66 25.63 -8.56
C PHE D 220 44.03 24.44 -7.69
N THR D 221 43.28 23.34 -7.82
CA THR D 221 43.42 22.21 -6.89
C THR D 221 44.66 21.36 -7.15
N ALA D 222 45.14 21.33 -8.39
CA ALA D 222 46.13 20.34 -8.75
C ALA D 222 47.55 20.77 -8.40
N ASP D 223 47.74 21.90 -7.71
CA ASP D 223 49.06 22.25 -7.17
C ASP D 223 49.05 22.32 -5.64
N ASN D 224 47.99 21.85 -4.98
CA ASN D 224 47.90 21.91 -3.53
C ASN D 224 48.62 20.73 -2.90
N ASP D 225 49.12 20.95 -1.68
CA ASP D 225 49.69 19.85 -0.92
C ASP D 225 48.66 18.75 -0.68
N ASN D 226 47.39 19.14 -0.50
CA ASN D 226 46.34 18.15 -0.33
C ASN D 226 46.23 17.24 -1.54
N TYR D 227 46.43 17.80 -2.73
CA TYR D 227 46.40 17.03 -3.98
C TYR D 227 47.57 16.05 -4.02
N LYS D 228 48.76 16.51 -3.62
CA LYS D 228 49.92 15.64 -3.50
C LYS D 228 49.64 14.47 -2.57
N GLU D 229 49.03 14.73 -1.42
CA GLU D 229 48.64 13.66 -0.52
C GLU D 229 47.61 12.74 -1.14
N GLY D 230 46.72 13.29 -1.98
CA GLY D 230 45.77 12.43 -2.68
C GLY D 230 46.46 11.46 -3.63
N VAL D 231 47.43 11.97 -4.41
CA VAL D 231 48.18 11.09 -5.32
C VAL D 231 48.97 10.05 -4.52
N LYS D 232 49.52 10.45 -3.37
CA LYS D 232 50.29 9.50 -2.59
C LYS D 232 49.41 8.38 -2.05
N PHE D 233 48.16 8.69 -1.74
CA PHE D 233 47.24 7.66 -1.29
C PHE D 233 46.95 6.64 -2.41
N ILE D 234 46.65 7.12 -3.62
CA ILE D 234 46.39 6.21 -4.74
C ILE D 234 47.65 5.41 -5.07
N ARG D 235 48.82 6.04 -4.96
CA ARG D 235 50.09 5.34 -5.11
C ARG D 235 50.21 4.20 -4.10
N GLN D 236 49.76 4.43 -2.86
CA GLN D 236 49.74 3.37 -1.85
C GLN D 236 48.90 2.19 -2.30
N LEU D 237 47.73 2.46 -2.88
CA LEU D 237 46.87 1.37 -3.35
C LEU D 237 47.54 0.61 -4.49
N GLN D 238 48.22 1.33 -5.37
CA GLN D 238 48.96 0.67 -6.45
C GLN D 238 50.11 -0.16 -5.91
N GLU D 239 50.86 0.38 -4.94
CA GLU D 239 51.98 -0.38 -4.35
C GLU D 239 51.52 -1.65 -3.67
N LYS D 240 50.28 -1.68 -3.20
CA LYS D 240 49.76 -2.80 -2.44
C LYS D 240 49.03 -3.82 -3.32
N GLY D 241 49.10 -3.67 -4.64
CA GLY D 241 48.36 -4.54 -5.54
C GLY D 241 46.86 -4.40 -5.42
N LEU D 242 46.37 -3.21 -5.03
CA LEU D 242 44.93 -3.05 -4.84
C LEU D 242 44.21 -2.48 -6.07
N ILE D 243 44.92 -1.85 -7.01
CA ILE D 243 44.26 -1.21 -8.14
C ILE D 243 44.10 -2.20 -9.28
N ASP D 244 42.97 -2.14 -9.97
CA ASP D 244 42.78 -2.82 -11.26
C ASP D 244 44.00 -2.68 -12.15
N LYS D 245 44.56 -3.82 -12.57
CA LYS D 245 45.76 -3.81 -13.40
C LYS D 245 45.51 -3.13 -14.75
N GLU D 246 44.27 -3.12 -15.19
CA GLU D 246 43.94 -2.49 -16.46
C GLU D 246 43.52 -1.04 -16.32
N ALA D 247 43.66 -0.42 -15.14
CA ALA D 247 42.96 0.84 -14.85
C ALA D 247 43.40 1.97 -15.78
N PHE D 248 44.67 2.00 -16.17
CA PHE D 248 45.14 3.13 -16.97
C PHE D 248 45.10 2.84 -18.46
N GLU D 249 44.53 1.71 -18.88
CA GLU D 249 44.40 1.42 -20.30
C GLU D 249 43.00 0.97 -20.73
N HIS D 250 42.16 0.46 -19.83
CA HIS D 250 40.89 -0.11 -20.28
C HIS D 250 39.91 0.99 -20.68
N ASP D 251 38.83 0.57 -21.33
CA ASP D 251 37.79 1.47 -21.79
C ASP D 251 36.48 1.14 -21.09
N TRP D 252 35.50 2.00 -21.38
CA TRP D 252 34.16 1.88 -20.82
C TRP D 252 33.58 0.47 -21.00
N ASN D 253 33.76 -0.11 -22.18
CA ASN D 253 33.22 -1.45 -22.45
C ASN D 253 33.83 -2.49 -21.52
N SER D 254 35.15 -2.46 -21.38
CA SER D 254 35.82 -3.36 -20.44
C SER D 254 35.40 -3.06 -19.00
N TYR D 255 35.29 -1.77 -18.65
CA TYR D 255 34.87 -1.40 -17.30
C TYR D 255 33.56 -2.08 -16.94
N ILE D 256 32.54 -1.92 -17.78
CA ILE D 256 31.24 -2.44 -17.41
C ILE D 256 31.13 -3.94 -17.62
N ALA D 257 31.99 -4.53 -18.46
CA ALA D 257 32.03 -5.98 -18.52
C ALA D 257 32.49 -6.56 -17.19
N LYS D 258 33.50 -5.94 -16.58
CA LYS D 258 33.95 -6.38 -15.27
C LYS D 258 32.95 -5.98 -14.19
N GLY D 259 32.36 -4.79 -14.32
CA GLY D 259 31.30 -4.40 -13.40
C GLY D 259 30.11 -5.32 -13.46
N HIS D 260 29.70 -5.72 -14.67
CA HIS D 260 28.59 -6.66 -14.79
C HIS D 260 28.88 -7.98 -14.10
N ASP D 261 30.12 -8.46 -14.19
CA ASP D 261 30.49 -9.71 -13.52
C ASP D 261 30.78 -9.51 -12.04
N GLN D 262 30.54 -8.31 -11.49
CA GLN D 262 30.64 -8.06 -10.06
C GLN D 262 32.06 -8.28 -9.55
N LYS D 263 33.05 -7.84 -10.32
CA LYS D 263 34.45 -8.07 -9.95
C LYS D 263 35.05 -6.95 -9.12
N PHE D 264 34.37 -5.81 -8.96
CA PHE D 264 34.94 -4.63 -8.32
C PHE D 264 34.58 -4.59 -6.83
N GLY D 265 35.54 -4.20 -6.01
CA GLY D 265 35.23 -3.95 -4.62
C GLY D 265 34.78 -2.52 -4.44
N VAL D 266 35.58 -1.59 -4.98
CA VAL D 266 35.27 -0.17 -4.98
C VAL D 266 35.53 0.37 -6.37
N TYR D 267 34.59 1.18 -6.89
CA TYR D 267 34.76 1.77 -8.22
C TYR D 267 33.95 3.07 -8.27
N PHE D 268 34.11 3.80 -9.37
CA PHE D 268 33.50 5.12 -9.55
C PHE D 268 32.66 5.16 -10.83
N THR D 269 31.50 5.78 -10.74
CA THR D 269 30.65 6.02 -11.91
C THR D 269 29.53 6.96 -11.48
N TRP D 270 28.79 7.46 -12.48
CA TRP D 270 27.66 8.35 -12.19
C TRP D 270 26.53 7.63 -11.49
N ASP D 271 26.23 6.41 -11.94
CA ASP D 271 25.06 5.66 -11.49
C ASP D 271 25.44 4.19 -11.59
N LYS D 272 25.44 3.51 -10.43
CA LYS D 272 25.85 2.11 -10.36
C LYS D 272 25.06 1.22 -11.31
N ASN D 273 23.85 1.65 -11.72
CA ASN D 273 23.03 0.79 -12.56
C ASN D 273 23.62 0.63 -13.95
N ASN D 274 24.52 1.51 -14.38
CA ASN D 274 25.17 1.42 -15.68
C ASN D 274 26.39 0.51 -15.67
N VAL D 275 26.87 0.09 -14.51
CA VAL D 275 28.12 -0.65 -14.40
C VAL D 275 27.85 -1.99 -13.74
N THR D 276 27.38 -1.95 -12.50
CA THR D 276 27.11 -3.19 -11.77
C THR D 276 25.65 -3.62 -11.82
N GLY D 277 24.75 -2.81 -12.36
CA GLY D 277 23.39 -3.23 -12.60
C GLY D 277 22.43 -2.93 -11.46
N SER D 278 21.17 -3.31 -11.67
CA SER D 278 20.10 -3.08 -10.71
C SER D 278 20.10 -4.21 -9.68
N ASN D 279 20.84 -3.99 -8.60
CA ASN D 279 20.88 -4.90 -7.46
C ASN D 279 21.31 -4.07 -6.25
N GLU D 280 21.29 -4.71 -5.08
CA GLU D 280 21.73 -4.03 -3.87
C GLU D 280 23.02 -4.64 -3.33
N SER D 281 23.83 -5.23 -4.21
CA SER D 281 25.17 -5.64 -3.81
C SER D 281 26.09 -4.44 -3.66
N TYR D 282 25.85 -3.38 -4.43
CA TYR D 282 26.67 -2.17 -4.39
C TYR D 282 25.84 -1.02 -3.83
N ASP D 283 26.49 -0.15 -3.09
CA ASP D 283 25.85 1.00 -2.48
C ASP D 283 26.86 2.13 -2.46
N VAL D 284 26.41 3.31 -2.04
CA VAL D 284 27.30 4.47 -1.99
C VAL D 284 28.39 4.24 -0.96
N LEU D 285 29.59 4.61 -1.31
CA LEU D 285 30.65 4.68 -0.31
C LEU D 285 30.48 6.02 0.41
N PRO D 286 30.14 6.02 1.70
CA PRO D 286 29.96 7.29 2.41
C PRO D 286 31.28 8.07 2.42
N VAL D 287 31.17 9.37 2.66
CA VAL D 287 32.35 10.23 2.65
C VAL D 287 33.32 9.76 3.74
N LEU D 288 34.61 9.71 3.40
CA LEU D 288 35.63 9.20 4.30
C LEU D 288 36.42 10.34 4.94
N ALA D 289 36.85 10.11 6.17
CA ALA D 289 37.73 11.05 6.85
C ALA D 289 39.17 10.66 6.55
N GLY D 290 40.01 11.68 6.33
CA GLY D 290 41.41 11.45 6.04
C GLY D 290 42.22 11.20 7.30
N PRO D 291 43.53 11.09 7.11
CA PRO D 291 44.40 10.76 8.27
C PRO D 291 44.41 11.84 9.34
N SER D 292 44.20 13.10 8.95
CA SER D 292 44.17 14.24 9.86
C SER D 292 42.75 14.66 10.23
N GLY D 293 41.75 13.90 9.85
CA GLY D 293 40.38 14.25 10.14
C GLY D 293 39.68 15.06 9.07
N GLN D 294 40.34 15.32 7.94
CA GLN D 294 39.67 15.93 6.77
C GLN D 294 38.44 15.13 6.37
N LYS D 295 37.33 15.84 6.19
CA LYS D 295 36.10 15.21 5.75
C LYS D 295 35.35 16.24 4.92
N HIS D 296 35.28 15.99 3.62
CA HIS D 296 34.94 17.04 2.67
C HIS D 296 34.49 16.41 1.36
N VAL D 297 33.60 17.09 0.65
CA VAL D 297 33.28 16.79 -0.74
C VAL D 297 33.61 18.03 -1.53
N ALA D 298 34.47 17.88 -2.53
CA ALA D 298 34.69 18.96 -3.47
C ALA D 298 33.47 19.09 -4.37
N ARG D 299 33.06 20.32 -4.63
CA ARG D 299 31.94 20.54 -5.54
C ARG D 299 32.47 20.63 -6.98
N THR D 300 31.79 19.95 -7.90
CA THR D 300 32.07 20.24 -9.29
C THR D 300 31.61 21.65 -9.60
N ASN D 301 31.95 22.11 -10.78
CA ASN D 301 31.37 23.33 -11.28
C ASN D 301 30.27 23.07 -12.31
N GLY D 302 29.81 21.81 -12.43
CA GLY D 302 28.71 21.50 -13.34
C GLY D 302 27.38 22.06 -12.86
N MET D 303 26.42 22.08 -13.77
CA MET D 303 25.08 22.62 -13.51
C MET D 303 24.15 22.11 -14.60
N GLY D 304 22.85 22.30 -14.36
CA GLY D 304 21.83 21.95 -15.32
C GLY D 304 21.71 22.89 -16.50
N PHE D 305 22.83 23.18 -17.14
CA PHE D 305 22.87 24.18 -18.19
C PHE D 305 24.08 23.91 -19.06
N ALA D 306 23.87 24.01 -20.37
CA ALA D 306 24.94 23.91 -21.35
C ALA D 306 24.68 24.99 -22.39
N ARG D 307 25.67 25.86 -22.59
CA ARG D 307 25.45 27.07 -23.37
C ARG D 307 25.04 26.77 -24.80
N ASP D 308 25.71 25.81 -25.45
CA ASP D 308 25.57 25.61 -26.88
C ASP D 308 25.15 24.17 -27.16
N LYS D 309 23.88 23.96 -27.48
CA LYS D 309 23.45 22.73 -28.11
C LYS D 309 22.95 22.95 -29.53
N MET D 310 23.01 24.18 -30.04
CA MET D 310 22.76 24.42 -31.45
C MET D 310 23.31 25.79 -31.82
N VAL D 311 24.00 25.84 -32.96
CA VAL D 311 24.38 27.11 -33.58
C VAL D 311 23.84 27.14 -35.01
N ILE D 312 23.63 28.34 -35.52
CA ILE D 312 23.17 28.55 -36.89
C ILE D 312 24.33 29.14 -37.67
N THR D 313 24.62 28.56 -38.83
CA THR D 313 25.77 28.98 -39.62
C THR D 313 25.42 30.16 -40.51
N SER D 314 26.47 30.83 -40.98
CA SER D 314 26.29 31.97 -41.87
C SER D 314 25.87 31.57 -43.28
N VAL D 315 25.85 30.28 -43.60
CA VAL D 315 25.37 29.82 -44.90
C VAL D 315 23.94 29.31 -44.83
N ASN D 316 23.26 29.52 -43.70
CA ASN D 316 21.95 28.94 -43.50
C ASN D 316 20.97 29.47 -44.55
N LYS D 317 20.28 28.54 -45.23
CA LYS D 317 19.48 28.88 -46.39
C LYS D 317 18.14 29.53 -46.06
N ASN D 318 17.70 29.47 -44.80
CA ASN D 318 16.34 29.90 -44.44
C ASN D 318 16.33 30.17 -42.94
N LEU D 319 16.63 31.41 -42.55
CA LEU D 319 16.79 31.70 -41.12
C LEU D 319 15.47 31.55 -40.37
N GLU D 320 14.38 32.04 -40.95
CA GLU D 320 13.10 31.98 -40.26
C GLU D 320 12.68 30.53 -40.04
N LEU D 321 12.79 29.70 -41.08
CA LEU D 321 12.40 28.30 -40.94
C LEU D 321 13.26 27.61 -39.89
N THR D 322 14.57 27.88 -39.89
CA THR D 322 15.45 27.30 -38.89
C THR D 322 15.02 27.72 -37.48
N ALA D 323 14.90 29.03 -37.25
CA ALA D 323 14.48 29.52 -35.94
C ALA D 323 13.19 28.85 -35.48
N LYS D 324 12.26 28.65 -36.40
CA LYS D 324 10.98 28.05 -36.02
C LYS D 324 11.13 26.57 -35.70
N TRP D 325 11.98 25.86 -36.46
CA TRP D 325 12.26 24.46 -36.13
C TRP D 325 12.88 24.35 -34.75
N ILE D 326 13.88 25.20 -34.46
CA ILE D 326 14.51 25.17 -33.15
C ILE D 326 13.50 25.43 -32.05
N ASP D 327 12.60 26.39 -32.26
CA ASP D 327 11.63 26.72 -31.22
C ASP D 327 10.71 25.56 -30.91
N ALA D 328 10.45 24.70 -31.89
CA ALA D 328 9.60 23.54 -31.65
C ALA D 328 10.22 22.59 -30.65
N GLN D 329 11.55 22.56 -30.56
CA GLN D 329 12.21 21.71 -29.58
C GLN D 329 12.03 22.22 -28.16
N TYR D 330 11.75 23.52 -28.00
CA TYR D 330 11.51 24.10 -26.68
C TYR D 330 10.05 23.98 -26.24
N ALA D 331 9.22 23.30 -27.03
CA ALA D 331 7.91 22.90 -26.56
C ALA D 331 8.08 21.91 -25.41
N PRO D 332 7.45 22.15 -24.24
CA PRO D 332 7.75 21.31 -23.06
C PRO D 332 7.71 19.81 -23.32
N LEU D 333 6.64 19.32 -23.95
CA LEU D 333 6.59 17.90 -24.30
C LEU D 333 7.72 17.50 -25.25
N GLN D 334 8.11 18.39 -26.15
CA GLN D 334 9.19 18.06 -27.06
C GLN D 334 10.53 18.06 -26.33
N SER D 335 10.75 19.06 -25.45
CA SER D 335 12.00 19.14 -24.68
C SER D 335 12.19 17.92 -23.81
N VAL D 336 11.13 17.47 -23.15
CA VAL D 336 11.25 16.30 -22.29
C VAL D 336 11.64 15.07 -23.11
N GLN D 337 11.05 14.91 -24.28
CA GLN D 337 11.34 13.72 -25.07
C GLN D 337 12.74 13.77 -25.69
N ASN D 338 13.09 14.91 -26.27
CA ASN D 338 14.41 15.07 -26.87
C ASN D 338 15.51 14.76 -25.86
N ASN D 339 15.23 15.02 -24.59
CA ASN D 339 16.20 14.82 -23.52
C ASN D 339 16.31 13.36 -23.09
N TRP D 340 15.18 12.65 -22.99
CA TRP D 340 15.14 11.40 -22.25
C TRP D 340 14.62 10.19 -23.01
N GLY D 341 13.86 10.36 -24.10
CA GLY D 341 13.35 9.23 -24.84
C GLY D 341 11.93 9.48 -25.29
N THR D 342 11.23 8.43 -25.67
CA THR D 342 9.88 8.68 -26.17
C THR D 342 8.97 7.51 -25.82
N TYR D 343 7.79 7.52 -26.44
CA TYR D 343 6.71 6.59 -26.14
C TYR D 343 6.25 5.92 -27.43
N GLY D 344 5.52 4.83 -27.25
CA GLY D 344 4.70 4.31 -28.33
C GLY D 344 5.41 3.59 -29.44
N ASP D 345 6.58 3.00 -29.18
CA ASP D 345 7.29 2.20 -30.15
C ASP D 345 7.01 0.72 -29.90
N ASP D 346 6.53 0.01 -30.93
CA ASP D 346 6.33 -1.43 -30.85
C ASP D 346 7.59 -2.23 -31.13
N LYS D 347 8.57 -1.65 -31.82
CA LYS D 347 9.79 -2.36 -32.18
C LYS D 347 10.89 -2.23 -31.14
N GLN D 348 10.68 -1.45 -30.08
CA GLN D 348 11.75 -1.19 -29.11
C GLN D 348 11.16 -0.62 -27.82
N GLN D 349 11.82 -0.96 -26.70
CA GLN D 349 11.45 -0.48 -25.39
C GLN D 349 11.27 1.04 -25.38
N ASN D 350 10.37 1.52 -24.53
CA ASN D 350 10.04 2.93 -24.45
C ASN D 350 10.38 3.48 -23.08
N ILE D 351 10.93 4.69 -23.08
CA ILE D 351 11.17 5.37 -21.81
C ILE D 351 9.86 5.89 -21.23
N PHE D 352 8.96 6.35 -22.10
CA PHE D 352 7.76 7.02 -21.65
C PHE D 352 6.49 6.29 -22.10
N GLU D 353 5.42 6.52 -21.34
CA GLU D 353 4.06 6.44 -21.83
C GLU D 353 3.53 7.84 -22.02
N LEU D 354 2.69 8.03 -23.03
CA LEU D 354 2.03 9.31 -23.24
C LEU D 354 0.57 9.16 -22.83
N ASP D 355 0.16 9.86 -21.78
CA ASP D 355 -1.23 9.91 -21.37
C ASP D 355 -1.89 11.07 -22.09
N GLN D 356 -2.73 10.76 -23.09
CA GLN D 356 -3.37 11.80 -23.88
C GLN D 356 -4.44 12.54 -23.09
N ALA D 357 -5.04 11.89 -22.10
CA ALA D 357 -6.08 12.53 -21.32
C ALA D 357 -5.57 13.81 -20.65
N SER D 358 -4.41 13.72 -19.99
CA SER D 358 -3.78 14.89 -19.37
C SER D 358 -2.69 15.48 -20.25
N ASN D 359 -2.43 14.89 -21.41
CA ASN D 359 -1.41 15.34 -22.35
C ASN D 359 -0.05 15.49 -21.66
N SER D 360 0.36 14.44 -20.96
CA SER D 360 1.59 14.49 -20.19
C SER D 360 2.31 13.15 -20.28
N LEU D 361 3.61 13.19 -20.01
CA LEU D 361 4.48 12.04 -20.16
C LEU D 361 4.73 11.37 -18.81
N LYS D 362 4.83 10.03 -18.82
CA LYS D 362 5.10 9.29 -17.60
C LYS D 362 6.13 8.21 -17.87
N HIS D 363 7.17 8.15 -17.04
CA HIS D 363 8.23 7.15 -17.22
C HIS D 363 7.68 5.74 -17.07
N LEU D 364 8.34 4.80 -17.72
CA LEU D 364 8.01 3.39 -17.57
C LEU D 364 9.15 2.65 -16.88
N PRO D 365 8.87 1.51 -16.26
CA PRO D 365 9.96 0.77 -15.60
C PRO D 365 11.00 0.25 -16.59
N LEU D 366 12.26 0.22 -16.13
CA LEU D 366 13.35 -0.27 -16.96
C LEU D 366 13.27 -1.77 -17.18
N ASN D 367 12.75 -2.51 -16.21
CA ASN D 367 12.73 -3.97 -16.25
C ASN D 367 14.13 -4.52 -16.55
N GLY D 368 15.13 -3.96 -15.86
CA GLY D 368 16.51 -4.39 -15.98
C GLY D 368 17.38 -3.53 -16.88
N THR D 369 16.79 -2.85 -17.87
CA THR D 369 17.58 -2.10 -18.84
C THR D 369 18.33 -0.96 -18.17
N ALA D 370 19.61 -0.86 -18.45
CA ALA D 370 20.40 0.26 -17.94
C ALA D 370 19.79 1.57 -18.46
N PRO D 371 19.55 2.56 -17.59
CA PRO D 371 18.88 3.79 -18.05
C PRO D 371 19.59 4.50 -19.19
N ALA D 372 20.91 4.62 -19.10
CA ALA D 372 21.67 5.31 -20.13
C ALA D 372 21.66 4.56 -21.45
N GLU D 373 21.50 3.23 -21.43
CA GLU D 373 21.51 2.49 -22.69
C GLU D 373 20.28 2.81 -23.52
N LEU D 374 19.09 2.69 -22.94
CA LEU D 374 17.87 2.95 -23.70
C LEU D 374 17.77 4.43 -24.06
N ARG D 375 18.22 5.30 -23.17
CA ARG D 375 18.16 6.74 -23.42
C ARG D 375 18.98 7.13 -24.64
N GLN D 376 20.22 6.66 -24.72
CA GLN D 376 21.06 7.15 -25.81
C GLN D 376 20.67 6.56 -27.16
N LYS D 377 19.85 5.49 -27.18
CA LYS D 377 19.28 4.99 -28.43
C LYS D 377 18.10 5.84 -28.92
N THR D 378 17.33 6.47 -28.02
CA THR D 378 16.08 7.10 -28.43
C THR D 378 16.02 8.61 -28.18
N GLU D 379 16.89 9.17 -27.33
CA GLU D 379 16.98 10.63 -27.17
C GLU D 379 17.48 11.27 -28.47
N VAL D 380 17.41 12.60 -28.56
CA VAL D 380 18.00 13.24 -29.73
C VAL D 380 18.96 14.36 -29.32
N GLY D 381 18.96 14.72 -28.04
CA GLY D 381 19.89 15.78 -27.65
C GLY D 381 19.41 17.13 -28.14
N GLY D 382 20.36 18.00 -28.45
CA GLY D 382 20.06 19.31 -28.99
C GLY D 382 19.52 20.30 -27.96
N PRO D 383 19.09 21.47 -28.43
CA PRO D 383 18.62 22.52 -27.51
C PRO D 383 17.24 22.17 -26.98
N LEU D 384 17.06 22.39 -25.68
CA LEU D 384 15.82 22.01 -24.99
C LEU D 384 15.85 22.63 -23.61
N ALA D 385 14.69 22.67 -22.96
CA ALA D 385 14.57 23.23 -21.62
C ALA D 385 13.63 22.36 -20.81
N ILE D 386 14.10 21.89 -19.66
CA ILE D 386 13.24 21.22 -18.68
C ILE D 386 13.31 22.02 -17.39
N LEU D 387 12.19 22.61 -17.01
CA LEU D 387 12.07 23.46 -15.82
C LEU D 387 11.50 22.66 -14.65
N ASP D 388 11.76 23.16 -13.42
CA ASP D 388 11.32 22.43 -12.25
C ASP D 388 9.79 22.29 -12.21
N SER D 389 9.08 23.29 -12.73
CA SER D 389 7.63 23.24 -12.80
C SER D 389 7.11 22.17 -13.75
N TYR D 390 7.96 21.63 -14.63
CA TYR D 390 7.50 20.60 -15.55
C TYR D 390 7.09 19.33 -14.82
N TYR D 391 7.74 19.02 -13.70
CA TYR D 391 7.55 17.71 -13.08
C TYR D 391 6.18 17.65 -12.44
N GLY D 392 5.38 16.66 -12.86
CA GLY D 392 4.01 16.53 -12.45
C GLY D 392 3.03 17.20 -13.40
N LYS D 393 3.48 18.19 -14.16
CA LYS D 393 2.64 18.85 -15.16
C LYS D 393 2.92 18.33 -16.56
N VAL D 394 4.17 18.45 -17.01
CA VAL D 394 4.52 17.98 -18.35
C VAL D 394 4.98 16.53 -18.32
N THR D 395 5.60 16.09 -17.22
CA THR D 395 6.30 14.82 -17.16
C THR D 395 6.56 14.45 -15.71
N THR D 396 6.67 13.16 -15.46
CA THR D 396 7.23 12.68 -14.20
C THR D 396 8.72 13.02 -14.13
N MET D 397 9.22 13.11 -12.90
CA MET D 397 10.66 13.14 -12.70
C MET D 397 11.22 11.72 -12.88
N PRO D 398 12.31 11.55 -13.62
CA PRO D 398 12.92 10.22 -13.72
C PRO D 398 13.24 9.66 -12.33
N ASP D 399 12.90 8.38 -12.12
CA ASP D 399 13.18 7.78 -10.81
C ASP D 399 14.67 7.81 -10.50
N ASP D 400 15.50 7.50 -11.50
CA ASP D 400 16.95 7.44 -11.23
C ASP D 400 17.49 8.82 -10.89
N ALA D 401 16.96 9.87 -11.51
CA ALA D 401 17.40 11.23 -11.17
C ALA D 401 16.98 11.58 -9.74
N LYS D 402 15.72 11.32 -9.39
CA LYS D 402 15.26 11.59 -8.03
C LYS D 402 16.07 10.80 -7.00
N TRP D 403 16.32 9.52 -7.28
CA TRP D 403 17.18 8.69 -6.44
C TRP D 403 18.54 9.34 -6.24
N ARG D 404 19.21 9.69 -7.34
CA ARG D 404 20.53 10.30 -7.22
C ARG D 404 20.46 11.62 -6.43
N LEU D 405 19.41 12.42 -6.64
CA LEU D 405 19.27 13.65 -5.87
C LEU D 405 19.21 13.36 -4.38
N ASP D 406 18.48 12.31 -3.98
CA ASP D 406 18.41 11.92 -2.57
C ASP D 406 19.77 11.48 -2.05
N LEU D 407 20.53 10.72 -2.85
CA LEU D 407 21.85 10.27 -2.43
C LEU D 407 22.76 11.45 -2.14
N ILE D 408 22.77 12.43 -3.04
CA ILE D 408 23.65 13.58 -2.88
C ILE D 408 23.31 14.34 -1.61
N LYS D 409 22.01 14.57 -1.37
CA LYS D 409 21.59 15.27 -0.17
C LYS D 409 21.93 14.48 1.08
N GLU D 410 21.79 13.15 1.03
CA GLU D 410 22.03 12.34 2.22
C GLU D 410 23.51 12.13 2.51
N TYR D 411 24.32 11.90 1.48
CA TYR D 411 25.71 11.49 1.68
C TYR D 411 26.73 12.63 1.56
N TYR D 412 26.49 13.60 0.70
CA TYR D 412 27.52 14.55 0.29
C TYR D 412 27.27 15.98 0.72
N VAL D 413 26.05 16.47 0.61
CA VAL D 413 25.76 17.86 0.93
C VAL D 413 26.26 18.21 2.34
N PRO D 414 26.12 17.35 3.37
CA PRO D 414 26.65 17.70 4.69
C PRO D 414 28.13 18.02 4.71
N TYR D 415 28.90 17.64 3.69
CA TYR D 415 30.34 17.88 3.71
C TYR D 415 30.76 18.74 2.55
N MET D 416 29.82 19.33 1.84
CA MET D 416 30.13 20.34 0.83
C MET D 416 30.25 21.67 1.54
N SER D 417 31.39 21.86 2.20
CA SER D 417 31.53 23.03 3.05
C SER D 417 31.94 24.28 2.29
N ASN D 418 32.14 24.19 0.98
CA ASN D 418 32.41 25.39 0.19
C ASN D 418 31.09 26.06 -0.17
N VAL D 419 30.92 27.31 0.29
CA VAL D 419 29.66 28.02 0.06
C VAL D 419 29.40 28.18 -1.44
N ASN D 420 30.45 28.44 -2.22
CA ASN D 420 30.33 28.74 -3.64
C ASN D 420 31.06 27.68 -4.48
N ASN D 421 30.64 27.55 -5.74
CA ASN D 421 31.45 26.88 -6.75
C ASN D 421 31.70 27.90 -7.86
N TYR D 422 32.34 27.46 -8.95
CA TYR D 422 32.66 28.52 -9.92
C TYR D 422 31.48 28.78 -10.85
N PRO D 423 31.09 30.03 -11.04
CA PRO D 423 29.89 30.33 -11.83
C PRO D 423 30.14 30.20 -13.33
N ARG D 424 29.05 30.00 -14.07
CA ARG D 424 29.13 29.78 -15.51
C ARG D 424 29.18 31.14 -16.21
N VAL D 425 30.38 31.71 -16.25
CA VAL D 425 30.57 33.02 -16.87
C VAL D 425 30.83 32.85 -18.36
N PHE D 426 30.62 33.90 -19.12
CA PHE D 426 30.93 33.97 -20.55
C PHE D 426 32.05 35.00 -20.69
N MET D 427 33.29 34.54 -20.88
CA MET D 427 34.42 35.45 -20.91
C MET D 427 34.58 36.11 -22.28
N THR D 428 35.34 37.19 -22.31
CA THR D 428 35.67 37.86 -23.56
C THR D 428 36.45 36.92 -24.46
N GLN D 429 36.32 37.14 -25.77
CA GLN D 429 37.08 36.35 -26.73
C GLN D 429 38.56 36.39 -26.41
N GLU D 430 39.04 37.57 -26.02
CA GLU D 430 40.45 37.76 -25.68
C GLU D 430 40.87 36.90 -24.50
N ASP D 431 40.04 36.86 -23.45
CA ASP D 431 40.39 36.06 -22.28
C ASP D 431 40.20 34.58 -22.54
N LEU D 432 39.17 34.22 -23.32
CA LEU D 432 39.00 32.82 -23.71
C LEU D 432 40.21 32.32 -24.49
N ASP D 433 40.73 33.14 -25.40
CA ASP D 433 41.88 32.68 -26.16
CA ASP D 433 41.89 32.74 -26.17
C ASP D 433 43.10 32.51 -25.27
N LYS D 434 43.27 33.36 -24.24
CA LYS D 434 44.41 33.20 -23.35
C LYS D 434 44.26 31.92 -22.52
N ILE D 435 43.08 31.71 -21.93
CA ILE D 435 42.81 30.48 -21.17
C ILE D 435 43.06 29.25 -22.06
N ALA D 436 42.54 29.29 -23.29
CA ALA D 436 42.67 28.15 -24.20
C ALA D 436 44.13 27.84 -24.50
N HIS D 437 44.96 28.87 -24.64
CA HIS D 437 46.38 28.61 -24.87
C HIS D 437 47.00 27.91 -23.68
N ILE D 438 46.64 28.33 -22.46
CA ILE D 438 47.22 27.76 -21.26
C ILE D 438 46.75 26.34 -21.06
N GLU D 439 45.44 26.11 -21.22
CA GLU D 439 44.92 24.76 -21.03
C GLU D 439 45.48 23.80 -22.08
N ALA D 440 45.87 24.29 -23.25
CA ALA D 440 46.49 23.40 -24.23
C ALA D 440 47.72 22.71 -23.67
N ASP D 441 48.48 23.41 -22.81
CA ASP D 441 49.60 22.77 -22.13
C ASP D 441 49.16 22.00 -20.90
N MET D 442 48.29 22.61 -20.07
CA MET D 442 48.12 22.13 -18.71
C MET D 442 47.31 20.86 -18.63
N ASN D 443 46.24 20.75 -19.42
CA ASN D 443 45.19 19.79 -19.09
C ASN D 443 45.69 18.35 -19.21
N ASP D 444 46.43 18.03 -20.27
CA ASP D 444 46.97 16.68 -20.39
C ASP D 444 48.20 16.46 -19.51
N TYR D 445 49.00 17.51 -19.31
CA TYR D 445 50.15 17.43 -18.42
C TYR D 445 49.74 17.02 -17.00
N ILE D 446 48.65 17.58 -16.49
CA ILE D 446 48.23 17.26 -15.13
C ILE D 446 47.93 15.77 -15.01
N TYR D 447 47.14 15.23 -15.94
CA TYR D 447 46.77 13.82 -15.83
C TYR D 447 47.94 12.89 -16.11
N ARG D 448 48.82 13.30 -17.01
CA ARG D 448 49.99 12.49 -17.34
C ARG D 448 50.89 12.33 -16.11
N LYS D 449 51.21 13.45 -15.44
CA LYS D 449 52.02 13.39 -14.23
C LYS D 449 51.31 12.60 -13.15
N ARG D 450 50.01 12.82 -12.98
CA ARG D 450 49.26 12.07 -11.98
C ARG D 450 49.39 10.56 -12.23
N ALA D 451 49.25 10.13 -13.48
CA ALA D 451 49.37 8.70 -13.79
C ALA D 451 50.80 8.20 -13.58
N GLU D 452 51.78 9.00 -13.98
CA GLU D 452 53.18 8.60 -13.79
C GLU D 452 53.49 8.41 -12.32
N TRP D 453 53.01 9.30 -11.47
CA TRP D 453 53.31 9.21 -10.05
C TRP D 453 52.60 8.03 -9.40
N ILE D 454 51.47 7.62 -9.94
CA ILE D 454 50.80 6.44 -9.39
C ILE D 454 51.56 5.17 -9.76
N VAL D 455 52.12 5.13 -10.97
CA VAL D 455 52.80 3.89 -11.43
C VAL D 455 54.27 3.87 -11.04
N ASN D 456 55.01 4.98 -11.16
CA ASN D 456 56.30 5.11 -10.50
C ASN D 456 56.09 5.97 -9.27
N GLY D 457 56.82 5.70 -8.21
CA GLY D 457 56.50 6.45 -7.00
C GLY D 457 57.41 7.62 -6.68
N ASN D 458 57.49 8.60 -7.57
CA ASN D 458 58.51 9.64 -7.41
C ASN D 458 57.92 11.02 -7.21
N ILE D 459 56.68 11.13 -6.73
CA ILE D 459 56.06 12.45 -6.59
C ILE D 459 56.91 13.35 -5.70
N ASP D 460 57.47 12.81 -4.61
CA ASP D 460 58.15 13.68 -3.64
C ASP D 460 59.30 14.43 -4.31
N THR D 461 60.02 13.76 -5.21
CA THR D 461 61.19 14.37 -5.82
C THR D 461 60.82 15.24 -7.03
N GLU D 462 59.64 15.07 -7.62
CA GLU D 462 59.26 15.81 -8.82
C GLU D 462 58.22 16.91 -8.60
N TRP D 463 57.71 17.05 -7.37
CA TRP D 463 56.57 17.93 -7.12
C TRP D 463 56.91 19.41 -7.35
N ASP D 464 58.03 19.86 -6.78
CA ASP D 464 58.44 21.25 -7.00
C ASP D 464 58.67 21.56 -8.47
N ASP D 465 59.29 20.64 -9.23
CA ASP D 465 59.50 20.86 -10.66
C ASP D 465 58.18 20.90 -11.41
N TYR D 466 57.22 20.09 -10.97
CA TYR D 466 55.90 20.08 -11.58
C TYR D 466 55.21 21.43 -11.39
N LYS D 467 55.25 21.94 -10.16
CA LYS D 467 54.66 23.25 -9.91
C LYS D 467 55.38 24.33 -10.70
N LYS D 468 56.71 24.25 -10.78
CA LYS D 468 57.44 25.19 -11.63
C LYS D 468 56.95 25.13 -13.07
N GLU D 469 56.69 23.92 -13.58
CA GLU D 469 56.22 23.78 -14.95
C GLU D 469 54.82 24.38 -15.12
N LEU D 470 53.92 24.13 -14.17
CA LEU D 470 52.60 24.71 -14.25
C LEU D 470 52.67 26.24 -14.32
N GLU D 471 53.60 26.85 -13.58
CA GLU D 471 53.74 28.29 -13.67
C GLU D 471 54.26 28.73 -15.04
N LYS D 472 55.20 27.96 -15.62
CA LYS D 472 55.69 28.31 -16.96
C LYS D 472 54.60 28.14 -18.01
N TYR D 473 53.62 27.27 -17.76
CA TYR D 473 52.47 27.15 -18.64
C TYR D 473 51.51 28.33 -18.53
N GLY D 474 51.62 29.14 -17.49
CA GLY D 474 50.77 30.27 -17.28
C GLY D 474 49.68 30.13 -16.20
N LEU D 475 49.88 29.24 -15.20
CA LEU D 475 48.87 29.00 -14.16
C LEU D 475 48.46 30.29 -13.45
N SER D 476 49.41 31.20 -13.18
CA SER D 476 49.10 32.45 -12.46
C SER D 476 48.23 33.40 -13.28
N ASP D 477 48.51 33.53 -14.59
CA ASP D 477 47.60 34.27 -15.46
C ASP D 477 46.24 33.58 -15.52
N TYR D 478 46.24 32.25 -15.57
CA TYR D 478 45.01 31.47 -15.64
C TYR D 478 44.11 31.77 -14.45
N LEU D 479 44.66 31.63 -13.24
CA LEU D 479 43.91 31.89 -12.02
C LEU D 479 43.47 33.35 -11.91
N ALA D 480 44.33 34.27 -12.34
CA ALA D 480 43.99 35.69 -12.22
C ALA D 480 42.80 36.03 -13.11
N ILE D 481 42.72 35.40 -14.29
CA ILE D 481 41.58 35.58 -15.18
C ILE D 481 40.32 34.98 -14.57
N LYS D 482 40.43 33.74 -14.07
CA LYS D 482 39.30 33.11 -13.40
C LYS D 482 38.82 33.95 -12.24
N GLN D 483 39.76 34.52 -11.47
CA GLN D 483 39.40 35.31 -10.31
C GLN D 483 38.73 36.62 -10.71
N LYS D 484 39.23 37.24 -11.80
CA LYS D 484 38.58 38.42 -12.35
C LYS D 484 37.11 38.18 -12.63
N TYR D 485 36.79 37.07 -13.27
CA TYR D 485 35.38 36.83 -13.62
C TYR D 485 34.56 36.40 -12.41
N TYR D 486 35.16 35.70 -11.45
CA TYR D 486 34.45 35.41 -10.21
C TYR D 486 34.10 36.72 -9.48
N ASP D 487 35.09 37.59 -9.30
CA ASP D 487 34.86 38.87 -8.64
C ASP D 487 33.76 39.65 -9.34
N GLN D 488 33.85 39.78 -10.66
CA GLN D 488 32.84 40.52 -11.39
C GLN D 488 31.47 39.89 -11.22
N TYR D 489 31.41 38.56 -11.16
CA TYR D 489 30.13 37.87 -11.01
C TYR D 489 29.50 38.16 -9.65
N GLN D 490 30.30 38.09 -8.58
CA GLN D 490 29.78 38.43 -7.26
C GLN D 490 29.34 39.88 -7.20
N ALA D 491 30.03 40.77 -7.92
CA ALA D 491 29.72 42.19 -7.87
C ALA D 491 28.32 42.48 -8.41
N ASN D 492 28.03 41.99 -9.62
CA ASN D 492 26.77 42.30 -10.29
C ASN D 492 25.63 41.37 -9.88
N LYS D 493 25.73 40.75 -8.70
CA LYS D 493 24.67 39.86 -8.20
C LYS D 493 24.01 40.41 -6.96
#